data_2Q1K
# 
_entry.id   2Q1K 
# 
_audit_conform.dict_name       mmcif_pdbx.dic 
_audit_conform.dict_version    5.398 
_audit_conform.dict_location   http://mmcif.pdb.org/dictionaries/ascii/mmcif_pdbx.dic 
# 
loop_
_database_2.database_id 
_database_2.database_code 
_database_2.pdbx_database_accession 
_database_2.pdbx_DOI 
PDB   2Q1K         pdb_00002q1k 10.2210/pdb2q1k/pdb 
RCSB  RCSB043033   ?            ?                   
WWPDB D_1000043033 ?            ?                   
# 
loop_
_pdbx_audit_revision_history.ordinal 
_pdbx_audit_revision_history.data_content_type 
_pdbx_audit_revision_history.major_revision 
_pdbx_audit_revision_history.minor_revision 
_pdbx_audit_revision_history.revision_date 
1 'Structure model' 1 0 2008-06-03 
2 'Structure model' 1 1 2011-07-13 
3 'Structure model' 1 2 2017-10-18 
4 'Structure model' 1 3 2021-10-20 
5 'Structure model' 1 4 2024-10-30 
# 
_pdbx_audit_revision_details.ordinal             1 
_pdbx_audit_revision_details.revision_ordinal    1 
_pdbx_audit_revision_details.data_content_type   'Structure model' 
_pdbx_audit_revision_details.provider            repository 
_pdbx_audit_revision_details.type                'Initial release' 
_pdbx_audit_revision_details.description         ? 
_pdbx_audit_revision_details.details             ? 
# 
loop_
_pdbx_audit_revision_group.ordinal 
_pdbx_audit_revision_group.revision_ordinal 
_pdbx_audit_revision_group.data_content_type 
_pdbx_audit_revision_group.group 
1 2 'Structure model' 'Version format compliance' 
2 3 'Structure model' 'Refinement description'    
3 4 'Structure model' 'Database references'       
4 4 'Structure model' 'Derived calculations'      
5 5 'Structure model' 'Data collection'           
6 5 'Structure model' 'Structure summary'         
# 
loop_
_pdbx_audit_revision_category.ordinal 
_pdbx_audit_revision_category.revision_ordinal 
_pdbx_audit_revision_category.data_content_type 
_pdbx_audit_revision_category.category 
1 3 'Structure model' software                  
2 4 'Structure model' database_2                
3 4 'Structure model' struct_conn               
4 4 'Structure model' struct_ref_seq_dif        
5 5 'Structure model' chem_comp_atom            
6 5 'Structure model' chem_comp_bond            
7 5 'Structure model' pdbx_entry_details        
8 5 'Structure model' pdbx_modification_feature 
# 
loop_
_pdbx_audit_revision_item.ordinal 
_pdbx_audit_revision_item.revision_ordinal 
_pdbx_audit_revision_item.data_content_type 
_pdbx_audit_revision_item.item 
1  3 'Structure model' '_software.classification'            
2  3 'Structure model' '_software.contact_author'            
3  3 'Structure model' '_software.contact_author_email'      
4  3 'Structure model' '_software.date'                      
5  3 'Structure model' '_software.language'                  
6  3 'Structure model' '_software.location'                  
7  3 'Structure model' '_software.name'                      
8  3 'Structure model' '_software.type'                      
9  3 'Structure model' '_software.version'                   
10 4 'Structure model' '_database_2.pdbx_DOI'                
11 4 'Structure model' '_database_2.pdbx_database_accession' 
12 4 'Structure model' '_struct_conn.pdbx_leaving_atom_flag' 
13 4 'Structure model' '_struct_ref_seq_dif.details'         
# 
_pdbx_database_status.entry_id                        2Q1K 
_pdbx_database_status.deposit_site                    RCSB 
_pdbx_database_status.process_site                    RCSB 
_pdbx_database_status.recvd_initial_deposition_date   2007-05-24 
_pdbx_database_status.status_code                     REL 
_pdbx_database_status.status_code_sf                  REL 
_pdbx_database_status.status_code_mr                  ? 
_pdbx_database_status.SG_entry                        ? 
_pdbx_database_status.pdb_format_compatible           Y 
_pdbx_database_status.status_code_cs                  ? 
_pdbx_database_status.methods_development_category    ? 
_pdbx_database_status.status_code_nmr_data            ? 
# 
loop_
_audit_author.name 
_audit_author.pdbx_ordinal 
'Tan, Y.W.'     1 
'Yu, H.B.'      2 
'Leung, K.Y.'   3 
'Sivaraman, J.' 4 
'Mok, Y.K.'     5 
# 
_citation.id                        primary 
_citation.title                     
;Structure of AscE and induced burial regions in AscE and AscG upon formation of the chaperone needle-subunit complex of type III secretion system in Aeromonas hydrophila.
;
_citation.journal_abbrev            'Protein Sci.' 
_citation.journal_volume            17 
_citation.page_first                1748 
_citation.page_last                 1760 
_citation.year                      2008 
_citation.journal_id_ASTM           PRCIEI 
_citation.country                   US 
_citation.journal_id_ISSN           0961-8368 
_citation.journal_id_CSD            0795 
_citation.book_publisher            ? 
_citation.pdbx_database_id_PubMed   18662905 
_citation.pdbx_database_id_DOI      10.1110/ps.036798.108 
# 
loop_
_citation_author.citation_id 
_citation_author.name 
_citation_author.ordinal 
_citation_author.identifier_ORCID 
primary 'Tan, Y.W.'     1 ? 
primary 'Yu, H.B.'      2 ? 
primary 'Leung, K.Y.'   3 ? 
primary 'Sivaraman, J.' 4 ? 
primary 'Mok, Y.K.'     5 ? 
# 
_entity.id                         1 
_entity.type                       polymer 
_entity.src_method                 man 
_entity.pdbx_description           AscE 
_entity.formula_weight             7796.232 
_entity.pdbx_number_of_molecules   4 
_entity.pdbx_ec                    ? 
_entity.pdbx_mutation              'L9M, L58M' 
_entity.pdbx_fragment              ? 
_entity.details                    ? 
# 
_entity_poly.entity_id                      1 
_entity_poly.type                           'polypeptide(L)' 
_entity_poly.nstd_linkage                   no 
_entity_poly.nstd_monomer                   yes 
_entity_poly.pdbx_seq_one_letter_code       
;(MSE)(MSE)TNLETR(MSE)SGADPVFARELHAQLVQALGDVKRRLLRGGTQQQYQQWQQEADAIEAG(MSE)NIIEKI
KGE
;
_entity_poly.pdbx_seq_one_letter_code_can   MMTNLETRMSGADPVFARELHAQLVQALGDVKRRLLRGGTQQQYQQWQQEADAIEAGMNIIEKIKGE 
_entity_poly.pdbx_strand_id                 A,B,C,D 
_entity_poly.pdbx_target_identifier         ? 
# 
loop_
_entity_poly_seq.entity_id 
_entity_poly_seq.num 
_entity_poly_seq.mon_id 
_entity_poly_seq.hetero 
1 1  MSE n 
1 2  MSE n 
1 3  THR n 
1 4  ASN n 
1 5  LEU n 
1 6  GLU n 
1 7  THR n 
1 8  ARG n 
1 9  MSE n 
1 10 SER n 
1 11 GLY n 
1 12 ALA n 
1 13 ASP n 
1 14 PRO n 
1 15 VAL n 
1 16 PHE n 
1 17 ALA n 
1 18 ARG n 
1 19 GLU n 
1 20 LEU n 
1 21 HIS n 
1 22 ALA n 
1 23 GLN n 
1 24 LEU n 
1 25 VAL n 
1 26 GLN n 
1 27 ALA n 
1 28 LEU n 
1 29 GLY n 
1 30 ASP n 
1 31 VAL n 
1 32 LYS n 
1 33 ARG n 
1 34 ARG n 
1 35 LEU n 
1 36 LEU n 
1 37 ARG n 
1 38 GLY n 
1 39 GLY n 
1 40 THR n 
1 41 GLN n 
1 42 GLN n 
1 43 GLN n 
1 44 TYR n 
1 45 GLN n 
1 46 GLN n 
1 47 TRP n 
1 48 GLN n 
1 49 GLN n 
1 50 GLU n 
1 51 ALA n 
1 52 ASP n 
1 53 ALA n 
1 54 ILE n 
1 55 GLU n 
1 56 ALA n 
1 57 GLY n 
1 58 MSE n 
1 59 ASN n 
1 60 ILE n 
1 61 ILE n 
1 62 GLU n 
1 63 LYS n 
1 64 ILE n 
1 65 LYS n 
1 66 GLY n 
1 67 GLU n 
# 
_entity_src_gen.entity_id                          1 
_entity_src_gen.pdbx_src_id                        1 
_entity_src_gen.pdbx_alt_source_flag               sample 
_entity_src_gen.pdbx_seq_type                      ? 
_entity_src_gen.pdbx_beg_seq_num                   ? 
_entity_src_gen.pdbx_end_seq_num                   ? 
_entity_src_gen.gene_src_common_name               ? 
_entity_src_gen.gene_src_genus                     ? 
_entity_src_gen.pdbx_gene_src_gene                 ascE 
_entity_src_gen.gene_src_species                   ? 
_entity_src_gen.gene_src_strain                    AH-1 
_entity_src_gen.gene_src_tissue                    ? 
_entity_src_gen.gene_src_tissue_fraction           ? 
_entity_src_gen.gene_src_details                   ? 
_entity_src_gen.pdbx_gene_src_fragment             ? 
_entity_src_gen.pdbx_gene_src_scientific_name      'Aeromonas hydrophila' 
_entity_src_gen.pdbx_gene_src_ncbi_taxonomy_id     644 
_entity_src_gen.pdbx_gene_src_variant              ? 
_entity_src_gen.pdbx_gene_src_cell_line            ? 
_entity_src_gen.pdbx_gene_src_atcc                 ? 
_entity_src_gen.pdbx_gene_src_organ                ? 
_entity_src_gen.pdbx_gene_src_organelle            ? 
_entity_src_gen.pdbx_gene_src_cell                 ? 
_entity_src_gen.pdbx_gene_src_cellular_location    ? 
_entity_src_gen.host_org_common_name               ? 
_entity_src_gen.pdbx_host_org_scientific_name      'Escherichia coli' 
_entity_src_gen.pdbx_host_org_ncbi_taxonomy_id     562 
_entity_src_gen.host_org_genus                     ? 
_entity_src_gen.pdbx_host_org_gene                 ? 
_entity_src_gen.pdbx_host_org_organ                ? 
_entity_src_gen.host_org_species                   ? 
_entity_src_gen.pdbx_host_org_tissue               ? 
_entity_src_gen.pdbx_host_org_tissue_fraction      ? 
_entity_src_gen.pdbx_host_org_strain               'BL21(DE3)' 
_entity_src_gen.pdbx_host_org_variant              ? 
_entity_src_gen.pdbx_host_org_cell_line            ? 
_entity_src_gen.pdbx_host_org_atcc                 ? 
_entity_src_gen.pdbx_host_org_culture_collection   ? 
_entity_src_gen.pdbx_host_org_cell                 ? 
_entity_src_gen.pdbx_host_org_organelle            ? 
_entity_src_gen.pdbx_host_org_cellular_location    ? 
_entity_src_gen.pdbx_host_org_vector_type          Plasmid 
_entity_src_gen.pdbx_host_org_vector               ? 
_entity_src_gen.host_org_details                   ? 
_entity_src_gen.expression_system_id               ? 
_entity_src_gen.plasmid_name                       'Modified Pet-32a' 
_entity_src_gen.plasmid_details                    ? 
_entity_src_gen.pdbx_description                   ? 
# 
loop_
_chem_comp.id 
_chem_comp.type 
_chem_comp.mon_nstd_flag 
_chem_comp.name 
_chem_comp.pdbx_synonyms 
_chem_comp.formula 
_chem_comp.formula_weight 
ALA 'L-peptide linking' y ALANINE          ? 'C3 H7 N O2'     89.093  
ARG 'L-peptide linking' y ARGININE         ? 'C6 H15 N4 O2 1' 175.209 
ASN 'L-peptide linking' y ASPARAGINE       ? 'C4 H8 N2 O3'    132.118 
ASP 'L-peptide linking' y 'ASPARTIC ACID'  ? 'C4 H7 N O4'     133.103 
GLN 'L-peptide linking' y GLUTAMINE        ? 'C5 H10 N2 O3'   146.144 
GLU 'L-peptide linking' y 'GLUTAMIC ACID'  ? 'C5 H9 N O4'     147.129 
GLY 'peptide linking'   y GLYCINE          ? 'C2 H5 N O2'     75.067  
HIS 'L-peptide linking' y HISTIDINE        ? 'C6 H10 N3 O2 1' 156.162 
ILE 'L-peptide linking' y ISOLEUCINE       ? 'C6 H13 N O2'    131.173 
LEU 'L-peptide linking' y LEUCINE          ? 'C6 H13 N O2'    131.173 
LYS 'L-peptide linking' y LYSINE           ? 'C6 H15 N2 O2 1' 147.195 
MET 'L-peptide linking' y METHIONINE       ? 'C5 H11 N O2 S'  149.211 
MSE 'L-peptide linking' n SELENOMETHIONINE ? 'C5 H11 N O2 Se' 196.106 
PHE 'L-peptide linking' y PHENYLALANINE    ? 'C9 H11 N O2'    165.189 
PRO 'L-peptide linking' y PROLINE          ? 'C5 H9 N O2'     115.130 
SER 'L-peptide linking' y SERINE           ? 'C3 H7 N O3'     105.093 
THR 'L-peptide linking' y THREONINE        ? 'C4 H9 N O3'     119.119 
TRP 'L-peptide linking' y TRYPTOPHAN       ? 'C11 H12 N2 O2'  204.225 
TYR 'L-peptide linking' y TYROSINE         ? 'C9 H11 N O3'    181.189 
VAL 'L-peptide linking' y VALINE           ? 'C5 H11 N O2'    117.146 
# 
loop_
_pdbx_poly_seq_scheme.asym_id 
_pdbx_poly_seq_scheme.entity_id 
_pdbx_poly_seq_scheme.seq_id 
_pdbx_poly_seq_scheme.mon_id 
_pdbx_poly_seq_scheme.ndb_seq_num 
_pdbx_poly_seq_scheme.pdb_seq_num 
_pdbx_poly_seq_scheme.auth_seq_num 
_pdbx_poly_seq_scheme.pdb_mon_id 
_pdbx_poly_seq_scheme.auth_mon_id 
_pdbx_poly_seq_scheme.pdb_strand_id 
_pdbx_poly_seq_scheme.pdb_ins_code 
_pdbx_poly_seq_scheme.hetero 
A 1 1  MSE 1  1  ?  ?   ?   A . n 
A 1 2  MSE 2  2  ?  ?   ?   A . n 
A 1 3  THR 3  3  ?  ?   ?   A . n 
A 1 4  ASN 4  4  ?  ?   ?   A . n 
A 1 5  LEU 5  5  ?  ?   ?   A . n 
A 1 6  GLU 6  6  ?  ?   ?   A . n 
A 1 7  THR 7  7  ?  ?   ?   A . n 
A 1 8  ARG 8  8  ?  ?   ?   A . n 
A 1 9  MSE 9  9  ?  ?   ?   A . n 
A 1 10 SER 10 10 ?  ?   ?   A . n 
A 1 11 GLY 11 11 ?  ?   ?   A . n 
A 1 12 ALA 12 12 ?  ?   ?   A . n 
A 1 13 ASP 13 13 ?  ?   ?   A . n 
A 1 14 PRO 14 14 14 PRO PRO A . n 
A 1 15 VAL 15 15 15 VAL VAL A . n 
A 1 16 PHE 16 16 16 PHE PHE A . n 
A 1 17 ALA 17 17 17 ALA ALA A . n 
A 1 18 ARG 18 18 18 ARG ARG A . n 
A 1 19 GLU 19 19 19 GLU GLU A . n 
A 1 20 LEU 20 20 20 LEU LEU A . n 
A 1 21 HIS 21 21 21 HIS HIS A . n 
A 1 22 ALA 22 22 22 ALA ALA A . n 
A 1 23 GLN 23 23 23 GLN GLN A . n 
A 1 24 LEU 24 24 24 LEU LEU A . n 
A 1 25 VAL 25 25 25 VAL VAL A . n 
A 1 26 GLN 26 26 26 GLN GLN A . n 
A 1 27 ALA 27 27 27 ALA ALA A . n 
A 1 28 LEU 28 28 28 LEU LEU A . n 
A 1 29 GLY 29 29 29 GLY GLY A . n 
A 1 30 ASP 30 30 30 ASP ASP A . n 
A 1 31 VAL 31 31 31 VAL VAL A . n 
A 1 32 LYS 32 32 32 LYS LYS A . n 
A 1 33 ARG 33 33 33 ARG ARG A . n 
A 1 34 ARG 34 34 34 ARG ARG A . n 
A 1 35 LEU 35 35 35 LEU LEU A . n 
A 1 36 LEU 36 36 36 LEU LEU A . n 
A 1 37 ARG 37 37 37 ARG ARG A . n 
A 1 38 GLY 38 38 38 GLY GLY A . n 
A 1 39 GLY 39 39 39 GLY GLY A . n 
A 1 40 THR 40 40 40 THR THR A . n 
A 1 41 GLN 41 41 41 GLN GLN A . n 
A 1 42 GLN 42 42 42 GLN GLN A . n 
A 1 43 GLN 43 43 43 GLN GLN A . n 
A 1 44 TYR 44 44 44 TYR TYR A . n 
A 1 45 GLN 45 45 45 GLN GLN A . n 
A 1 46 GLN 46 46 46 GLN GLN A . n 
A 1 47 TRP 47 47 47 TRP TRP A . n 
A 1 48 GLN 48 48 48 GLN GLN A . n 
A 1 49 GLN 49 49 49 GLN GLN A . n 
A 1 50 GLU 50 50 50 GLU GLU A . n 
A 1 51 ALA 51 51 51 ALA ALA A . n 
A 1 52 ASP 52 52 52 ASP ASP A . n 
A 1 53 ALA 53 53 53 ALA ALA A . n 
A 1 54 ILE 54 54 54 ILE ILE A . n 
A 1 55 GLU 55 55 55 GLU GLU A . n 
A 1 56 ALA 56 56 56 ALA ALA A . n 
A 1 57 GLY 57 57 57 GLY GLY A . n 
A 1 58 MSE 58 58 58 MSE MSE A . n 
A 1 59 ASN 59 59 59 ASN ASN A . n 
A 1 60 ILE 60 60 60 ILE ILE A . n 
A 1 61 ILE 61 61 61 ILE ILE A . n 
A 1 62 GLU 62 62 62 GLU GLU A . n 
A 1 63 LYS 63 63 63 LYS LYS A . n 
A 1 64 ILE 64 64 64 ILE ILE A . n 
A 1 65 LYS 65 65 65 LYS LYS A . n 
A 1 66 GLY 66 66 ?  ?   ?   A . n 
A 1 67 GLU 67 67 ?  ?   ?   A . n 
B 1 1  MSE 1  1  ?  ?   ?   B . n 
B 1 2  MSE 2  2  ?  ?   ?   B . n 
B 1 3  THR 3  3  ?  ?   ?   B . n 
B 1 4  ASN 4  4  ?  ?   ?   B . n 
B 1 5  LEU 5  5  ?  ?   ?   B . n 
B 1 6  GLU 6  6  ?  ?   ?   B . n 
B 1 7  THR 7  7  ?  ?   ?   B . n 
B 1 8  ARG 8  8  ?  ?   ?   B . n 
B 1 9  MSE 9  9  ?  ?   ?   B . n 
B 1 10 SER 10 10 ?  ?   ?   B . n 
B 1 11 GLY 11 11 ?  ?   ?   B . n 
B 1 12 ALA 12 12 ?  ?   ?   B . n 
B 1 13 ASP 13 13 ?  ?   ?   B . n 
B 1 14 PRO 14 14 14 PRO PRO B . n 
B 1 15 VAL 15 15 15 VAL VAL B . n 
B 1 16 PHE 16 16 16 PHE PHE B . n 
B 1 17 ALA 17 17 17 ALA ALA B . n 
B 1 18 ARG 18 18 18 ARG ARG B . n 
B 1 19 GLU 19 19 19 GLU GLU B . n 
B 1 20 LEU 20 20 20 LEU LEU B . n 
B 1 21 HIS 21 21 21 HIS HIS B . n 
B 1 22 ALA 22 22 22 ALA ALA B . n 
B 1 23 GLN 23 23 23 GLN GLN B . n 
B 1 24 LEU 24 24 24 LEU LEU B . n 
B 1 25 VAL 25 25 25 VAL VAL B . n 
B 1 26 GLN 26 26 26 GLN GLN B . n 
B 1 27 ALA 27 27 27 ALA ALA B . n 
B 1 28 LEU 28 28 28 LEU LEU B . n 
B 1 29 GLY 29 29 29 GLY GLY B . n 
B 1 30 ASP 30 30 30 ASP ASP B . n 
B 1 31 VAL 31 31 31 VAL VAL B . n 
B 1 32 LYS 32 32 32 LYS LYS B . n 
B 1 33 ARG 33 33 33 ARG ARG B . n 
B 1 34 ARG 34 34 34 ARG ARG B . n 
B 1 35 LEU 35 35 35 LEU LEU B . n 
B 1 36 LEU 36 36 36 LEU LEU B . n 
B 1 37 ARG 37 37 37 ARG ARG B . n 
B 1 38 GLY 38 38 38 GLY GLY B . n 
B 1 39 GLY 39 39 39 GLY GLY B . n 
B 1 40 THR 40 40 40 THR THR B . n 
B 1 41 GLN 41 41 41 GLN GLN B . n 
B 1 42 GLN 42 42 42 GLN GLN B . n 
B 1 43 GLN 43 43 43 GLN GLN B . n 
B 1 44 TYR 44 44 44 TYR TYR B . n 
B 1 45 GLN 45 45 45 GLN GLN B . n 
B 1 46 GLN 46 46 46 GLN GLN B . n 
B 1 47 TRP 47 47 47 TRP TRP B . n 
B 1 48 GLN 48 48 48 GLN GLN B . n 
B 1 49 GLN 49 49 49 GLN GLN B . n 
B 1 50 GLU 50 50 50 GLU GLU B . n 
B 1 51 ALA 51 51 51 ALA ALA B . n 
B 1 52 ASP 52 52 52 ASP ASP B . n 
B 1 53 ALA 53 53 53 ALA ALA B . n 
B 1 54 ILE 54 54 54 ILE ILE B . n 
B 1 55 GLU 55 55 55 GLU GLU B . n 
B 1 56 ALA 56 56 56 ALA ALA B . n 
B 1 57 GLY 57 57 57 GLY GLY B . n 
B 1 58 MSE 58 58 58 MSE MSE B . n 
B 1 59 ASN 59 59 59 ASN ASN B . n 
B 1 60 ILE 60 60 60 ILE ILE B . n 
B 1 61 ILE 61 61 61 ILE ILE B . n 
B 1 62 GLU 62 62 62 GLU GLU B . n 
B 1 63 LYS 63 63 63 LYS LYS B . n 
B 1 64 ILE 64 64 64 ILE ILE B . n 
B 1 65 LYS 65 65 65 LYS LYS B . n 
B 1 66 GLY 66 66 ?  ?   ?   B . n 
B 1 67 GLU 67 67 ?  ?   ?   B . n 
C 1 1  MSE 1  1  ?  ?   ?   C . n 
C 1 2  MSE 2  2  ?  ?   ?   C . n 
C 1 3  THR 3  3  ?  ?   ?   C . n 
C 1 4  ASN 4  4  ?  ?   ?   C . n 
C 1 5  LEU 5  5  ?  ?   ?   C . n 
C 1 6  GLU 6  6  ?  ?   ?   C . n 
C 1 7  THR 7  7  ?  ?   ?   C . n 
C 1 8  ARG 8  8  ?  ?   ?   C . n 
C 1 9  MSE 9  9  ?  ?   ?   C . n 
C 1 10 SER 10 10 ?  ?   ?   C . n 
C 1 11 GLY 11 11 ?  ?   ?   C . n 
C 1 12 ALA 12 12 ?  ?   ?   C . n 
C 1 13 ASP 13 13 ?  ?   ?   C . n 
C 1 14 PRO 14 14 14 PRO PRO C . n 
C 1 15 VAL 15 15 15 VAL VAL C . n 
C 1 16 PHE 16 16 16 PHE PHE C . n 
C 1 17 ALA 17 17 17 ALA ALA C . n 
C 1 18 ARG 18 18 18 ARG ARG C . n 
C 1 19 GLU 19 19 19 GLU GLU C . n 
C 1 20 LEU 20 20 20 LEU LEU C . n 
C 1 21 HIS 21 21 21 HIS HIS C . n 
C 1 22 ALA 22 22 22 ALA ALA C . n 
C 1 23 GLN 23 23 23 GLN GLN C . n 
C 1 24 LEU 24 24 24 LEU LEU C . n 
C 1 25 VAL 25 25 25 VAL VAL C . n 
C 1 26 GLN 26 26 26 GLN GLN C . n 
C 1 27 ALA 27 27 27 ALA ALA C . n 
C 1 28 LEU 28 28 28 LEU LEU C . n 
C 1 29 GLY 29 29 29 GLY GLY C . n 
C 1 30 ASP 30 30 30 ASP ASP C . n 
C 1 31 VAL 31 31 31 VAL VAL C . n 
C 1 32 LYS 32 32 32 LYS LYS C . n 
C 1 33 ARG 33 33 33 ARG ARG C . n 
C 1 34 ARG 34 34 34 ARG ARG C . n 
C 1 35 LEU 35 35 35 LEU LEU C . n 
C 1 36 LEU 36 36 36 LEU LEU C . n 
C 1 37 ARG 37 37 37 ARG ARG C . n 
C 1 38 GLY 38 38 38 GLY GLY C . n 
C 1 39 GLY 39 39 39 GLY GLY C . n 
C 1 40 THR 40 40 40 THR THR C . n 
C 1 41 GLN 41 41 41 GLN GLN C . n 
C 1 42 GLN 42 42 42 GLN GLN C . n 
C 1 43 GLN 43 43 43 GLN GLN C . n 
C 1 44 TYR 44 44 44 TYR TYR C . n 
C 1 45 GLN 45 45 45 GLN GLN C . n 
C 1 46 GLN 46 46 46 GLN GLN C . n 
C 1 47 TRP 47 47 47 TRP TRP C . n 
C 1 48 GLN 48 48 48 GLN GLN C . n 
C 1 49 GLN 49 49 49 GLN GLN C . n 
C 1 50 GLU 50 50 50 GLU GLU C . n 
C 1 51 ALA 51 51 51 ALA ALA C . n 
C 1 52 ASP 52 52 52 ASP ASP C . n 
C 1 53 ALA 53 53 53 ALA ALA C . n 
C 1 54 ILE 54 54 54 ILE ILE C . n 
C 1 55 GLU 55 55 55 GLU GLU C . n 
C 1 56 ALA 56 56 56 ALA ALA C . n 
C 1 57 GLY 57 57 57 GLY GLY C . n 
C 1 58 MSE 58 58 58 MSE MSE C . n 
C 1 59 ASN 59 59 59 ASN ASN C . n 
C 1 60 ILE 60 60 60 ILE ILE C . n 
C 1 61 ILE 61 61 61 ILE ILE C . n 
C 1 62 GLU 62 62 62 GLU GLU C . n 
C 1 63 LYS 63 63 63 LYS LYS C . n 
C 1 64 ILE 64 64 64 ILE ILE C . n 
C 1 65 LYS 65 65 65 LYS LYS C . n 
C 1 66 GLY 66 66 ?  ?   ?   C . n 
C 1 67 GLU 67 67 ?  ?   ?   C . n 
D 1 1  MSE 1  1  ?  ?   ?   D . n 
D 1 2  MSE 2  2  ?  ?   ?   D . n 
D 1 3  THR 3  3  ?  ?   ?   D . n 
D 1 4  ASN 4  4  ?  ?   ?   D . n 
D 1 5  LEU 5  5  ?  ?   ?   D . n 
D 1 6  GLU 6  6  ?  ?   ?   D . n 
D 1 7  THR 7  7  ?  ?   ?   D . n 
D 1 8  ARG 8  8  ?  ?   ?   D . n 
D 1 9  MSE 9  9  ?  ?   ?   D . n 
D 1 10 SER 10 10 ?  ?   ?   D . n 
D 1 11 GLY 11 11 ?  ?   ?   D . n 
D 1 12 ALA 12 12 ?  ?   ?   D . n 
D 1 13 ASP 13 13 ?  ?   ?   D . n 
D 1 14 PRO 14 14 14 PRO PRO D . n 
D 1 15 VAL 15 15 15 VAL VAL D . n 
D 1 16 PHE 16 16 16 PHE PHE D . n 
D 1 17 ALA 17 17 17 ALA ALA D . n 
D 1 18 ARG 18 18 18 ARG ARG D . n 
D 1 19 GLU 19 19 19 GLU GLU D . n 
D 1 20 LEU 20 20 20 LEU LEU D . n 
D 1 21 HIS 21 21 21 HIS HIS D . n 
D 1 22 ALA 22 22 22 ALA ALA D . n 
D 1 23 GLN 23 23 23 GLN GLN D . n 
D 1 24 LEU 24 24 24 LEU LEU D . n 
D 1 25 VAL 25 25 25 VAL VAL D . n 
D 1 26 GLN 26 26 26 GLN GLN D . n 
D 1 27 ALA 27 27 27 ALA ALA D . n 
D 1 28 LEU 28 28 28 LEU LEU D . n 
D 1 29 GLY 29 29 29 GLY GLY D . n 
D 1 30 ASP 30 30 30 ASP ASP D . n 
D 1 31 VAL 31 31 31 VAL VAL D . n 
D 1 32 LYS 32 32 32 LYS LYS D . n 
D 1 33 ARG 33 33 33 ARG ARG D . n 
D 1 34 ARG 34 34 34 ARG ARG D . n 
D 1 35 LEU 35 35 35 LEU LEU D . n 
D 1 36 LEU 36 36 36 LEU LEU D . n 
D 1 37 ARG 37 37 37 ARG ARG D . n 
D 1 38 GLY 38 38 38 GLY GLY D . n 
D 1 39 GLY 39 39 39 GLY GLY D . n 
D 1 40 THR 40 40 40 THR THR D . n 
D 1 41 GLN 41 41 41 GLN GLN D . n 
D 1 42 GLN 42 42 42 GLN GLN D . n 
D 1 43 GLN 43 43 43 GLN GLN D . n 
D 1 44 TYR 44 44 44 TYR TYR D . n 
D 1 45 GLN 45 45 45 GLN GLN D . n 
D 1 46 GLN 46 46 46 GLN GLN D . n 
D 1 47 TRP 47 47 47 TRP TRP D . n 
D 1 48 GLN 48 48 48 GLN GLN D . n 
D 1 49 GLN 49 49 49 GLN GLN D . n 
D 1 50 GLU 50 50 50 GLU GLU D . n 
D 1 51 ALA 51 51 51 ALA ALA D . n 
D 1 52 ASP 52 52 52 ASP ASP D . n 
D 1 53 ALA 53 53 53 ALA ALA D . n 
D 1 54 ILE 54 54 54 ILE ILE D . n 
D 1 55 GLU 55 55 55 GLU GLU D . n 
D 1 56 ALA 56 56 56 ALA ALA D . n 
D 1 57 GLY 57 57 57 GLY GLY D . n 
D 1 58 MSE 58 58 58 MSE MSE D . n 
D 1 59 ASN 59 59 59 ASN ASN D . n 
D 1 60 ILE 60 60 60 ILE ILE D . n 
D 1 61 ILE 61 61 61 ILE ILE D . n 
D 1 62 GLU 62 62 62 GLU GLU D . n 
D 1 63 LYS 63 63 63 LYS LYS D . n 
D 1 64 ILE 64 64 64 ILE ILE D . n 
D 1 65 LYS 65 65 65 LYS LYS D . n 
D 1 66 GLY 66 66 ?  ?   ?   D . n 
D 1 67 GLU 67 67 ?  ?   ?   D . n 
# 
loop_
_software.name 
_software.version 
_software.date 
_software.type 
_software.contact_author 
_software.contact_author_email 
_software.classification 
_software.location 
_software.language 
_software.citation_id 
_software.pdbx_ordinal 
DENZO       .     ?                package 'Zbyszek Otwinowski' zbyszek@mix.swmed.edu        'data reduction'  
http://www.lnls.br/infra/linhasluz/denzo-hkl.htm ?          ? 1 
SCALEPACK   .     ?                package 'Zbyszek Otwinowski' zbyszek@mix.swmed.edu        'data scaling'    
http://www.lnls.br/infra/linhasluz/denzo-hkl.htm ?          ? 2 
SHELX       .     ?                package 'George Sheldrick'   gsheldr@shelx.uni-ac.gwdg.de phasing           
http://shelx.uni-ac.gwdg.de/SHELX/               Fortran_77 ? 3 
CNS         .     ?                package 'Axel T. Brunger'    axel.brunger@yale.edu        refinement        
http://cns.csb.yale.edu/v1.1/                    Fortran_77 ? 4 
PDB_EXTRACT 2.000 'April. 3, 2006' package PDB                  sw-help@rcsb.rutgers.edu     'data extraction' 
http://pdb.rutgers.edu/software/                 C++        ? 5 
CBASS       .     ?                ?       ?                    ?                            'data collection' ? ?          ? 6 
HKL-2000    .     ?                ?       ?                    ?                            'data reduction'  ? ?          ? 7 
SHELXD      .     ?                ?       ?                    ?                            phasing           ? ?          ? 8 
# 
_cell.length_a           69.039 
_cell.length_b           69.039 
_cell.length_c           105.043 
_cell.angle_alpha        90.000 
_cell.angle_beta         90.000 
_cell.angle_gamma        90.000 
_cell.entry_id           2Q1K 
_cell.pdbx_unique_axis   ? 
_cell.Z_PDB              32 
_cell.length_a_esd       ? 
_cell.length_b_esd       ? 
_cell.length_c_esd       ? 
_cell.angle_alpha_esd    ? 
_cell.angle_beta_esd     ? 
_cell.angle_gamma_esd    ? 
# 
_symmetry.space_group_name_H-M             'P 43 21 2' 
_symmetry.entry_id                         2Q1K 
_symmetry.Int_Tables_number                96 
_symmetry.pdbx_full_space_group_name_H-M   ? 
_symmetry.cell_setting                     ? 
_symmetry.space_group_name_Hall            ? 
# 
_exptl.crystals_number   1 
_exptl.entry_id          2Q1K 
_exptl.method            'X-RAY DIFFRACTION' 
# 
_exptl_crystal.id                    1 
_exptl_crystal.density_Matthews      2.01 
_exptl_crystal.density_meas          ? 
_exptl_crystal.density_percent_sol   38.70 
_exptl_crystal.description           ? 
_exptl_crystal.F_000                 ? 
_exptl_crystal.preparation           ? 
# 
_exptl_crystal_grow.crystal_id      1 
_exptl_crystal_grow.method          'VAPOR DIFFUSION, HANGING DROP' 
_exptl_crystal_grow.pH              7.0 
_exptl_crystal_grow.temp            298 
_exptl_crystal_grow.temp_details    ? 
_exptl_crystal_grow.pdbx_details    
'10% PEG 4000, 1.4M NaCl, 13mM TCEP hydrochloride, pH 7.0, VAPOR DIFFUSION, HANGING DROP, temperature 298K' 
_exptl_crystal_grow.pdbx_pH_range   . 
# 
loop_
_diffrn.id 
_diffrn.ambient_temp 
_diffrn.ambient_temp_details 
_diffrn.crystal_id 
1 200.0 ? 1 
2 ?     ? 1 
3 ?     ? 1 
# 
_diffrn_detector.diffrn_id              1 
_diffrn_detector.detector               CCD 
_diffrn_detector.type                   'ADSC QUANTUM 315' 
_diffrn_detector.pdbx_collection_date   2006-09-26 
_diffrn_detector.details                ? 
# 
_diffrn_radiation.diffrn_id                        1 
_diffrn_radiation.wavelength_id                    1 
_diffrn_radiation.pdbx_diffrn_protocol             MAD 
_diffrn_radiation.monochromator                    'SAGITALLY FOCUSED Si(111)' 
_diffrn_radiation.pdbx_monochromatic_or_laue_m_l   M 
_diffrn_radiation.pdbx_scattering_type             x-ray 
# 
loop_
_diffrn_radiation_wavelength.id 
_diffrn_radiation_wavelength.wavelength 
_diffrn_radiation_wavelength.wt 
1 0.9790 1.0 
2 0.9792 1.0 
3 0.9600 1.0 
# 
_diffrn_source.diffrn_id                   1 
_diffrn_source.source                      SYNCHROTRON 
_diffrn_source.type                        'NSLS BEAMLINE X29A' 
_diffrn_source.pdbx_wavelength             ? 
_diffrn_source.pdbx_wavelength_list        '0.9790, 0.9792, 0.9600' 
_diffrn_source.pdbx_synchrotron_site       NSLS 
_diffrn_source.pdbx_synchrotron_beamline   X29A 
# 
_reflns.entry_id                     2Q1K 
_reflns.d_resolution_high            2.700 
_reflns.d_resolution_low             50.000 
_reflns.number_obs                   11024 
_reflns.pdbx_Rmerge_I_obs            0.096 
_reflns.pdbx_netI_over_sigmaI        7.700 
_reflns.pdbx_chi_squared             0.887 
_reflns.pdbx_redundancy              6.900 
_reflns.percent_possible_obs         99.400 
_reflns.observed_criterion_sigma_F   ? 
_reflns.observed_criterion_sigma_I   ? 
_reflns.number_all                   ? 
_reflns.pdbx_Rsym_value              ? 
_reflns.B_iso_Wilson_estimate        ? 
_reflns.R_free_details               ? 
_reflns.limit_h_max                  ? 
_reflns.limit_h_min                  ? 
_reflns.limit_k_max                  ? 
_reflns.limit_k_min                  ? 
_reflns.limit_l_max                  ? 
_reflns.limit_l_min                  ? 
_reflns.observed_criterion_F_max     ? 
_reflns.observed_criterion_F_min     ? 
_reflns.pdbx_scaling_rejects         ? 
_reflns.pdbx_diffrn_id               1 
_reflns.pdbx_ordinal                 1 
# 
_reflns_shell.d_res_high             2.70 
_reflns_shell.d_res_low              2.79 
_reflns_shell.number_measured_obs    ? 
_reflns_shell.number_measured_all    ? 
_reflns_shell.number_unique_obs      ? 
_reflns_shell.Rmerge_I_obs           0.351 
_reflns_shell.meanI_over_sigI_obs    ? 
_reflns_shell.pdbx_Rsym_value        0.236 
_reflns_shell.pdbx_chi_squared       0.541 
_reflns_shell.pdbx_redundancy        4.70 
_reflns_shell.percent_possible_obs   ? 
_reflns_shell.number_unique_all      1841 
_reflns_shell.percent_possible_all   96.20 
_reflns_shell.pdbx_diffrn_id         ? 
_reflns_shell.pdbx_ordinal           1 
# 
_refine.entry_id                                 2Q1K 
_refine.ls_d_res_high                            2.700 
_refine.ls_d_res_low                             8.000 
_refine.pdbx_ls_sigma_F                          2.0 
_refine.ls_percent_reflns_obs                    86.000 
_refine.ls_number_reflns_obs                     11024 
_refine.ls_R_factor_R_work                       0.243 
_refine.ls_R_factor_R_free                       0.288 
_refine.ls_percent_reflns_R_free                 4.300 
_refine.ls_number_reflns_R_free                  549 
_refine.B_iso_mean                               45.412 
_refine.solvent_model_param_bsol                 68.259 
_refine.aniso_B[1][1]                            -2.810 
_refine.aniso_B[2][2]                            -2.810 
_refine.aniso_B[3][3]                            5.620 
_refine.aniso_B[1][2]                            0.000 
_refine.aniso_B[1][3]                            0.000 
_refine.aniso_B[2][3]                            0.000 
_refine.pdbx_method_to_determine_struct          MAD 
_refine.overall_FOM_work_R_set                   0.759 
_refine.pdbx_ls_sigma_I                          ? 
_refine.ls_number_reflns_all                     ? 
_refine.ls_R_factor_all                          ? 
_refine.ls_R_factor_obs                          ? 
_refine.ls_redundancy_reflns_obs                 ? 
_refine.pdbx_data_cutoff_high_absF               ? 
_refine.pdbx_data_cutoff_low_absF                ? 
_refine.ls_number_parameters                     ? 
_refine.ls_number_restraints                     ? 
_refine.ls_R_factor_R_free_error                 ? 
_refine.ls_R_factor_R_free_error_details         ? 
_refine.pdbx_starting_model                      ? 
_refine.pdbx_ls_cross_valid_method               ? 
_refine.pdbx_R_Free_selection_details            ? 
_refine.pdbx_stereochem_target_val_spec_case     ? 
_refine.pdbx_stereochemistry_target_values       ? 
_refine.solvent_model_details                    ? 
_refine.solvent_model_param_ksol                 ? 
_refine.occupancy_max                            ? 
_refine.occupancy_min                            ? 
_refine.pdbx_isotropic_thermal_model             ? 
_refine.details                                  ? 
_refine.B_iso_min                                ? 
_refine.B_iso_max                                ? 
_refine.correlation_coeff_Fo_to_Fc               ? 
_refine.correlation_coeff_Fo_to_Fc_free          ? 
_refine.pdbx_solvent_vdw_probe_radii             ? 
_refine.pdbx_solvent_ion_probe_radii             ? 
_refine.pdbx_solvent_shrinkage_radii             ? 
_refine.overall_SU_R_Cruickshank_DPI             ? 
_refine.overall_SU_R_free                        ? 
_refine.overall_SU_ML                            ? 
_refine.overall_SU_B                             ? 
_refine.pdbx_overall_ESU_R_Free                  ? 
_refine.pdbx_data_cutoff_high_rms_absF           ? 
_refine.pdbx_overall_ESU_R                       ? 
_refine.ls_wR_factor_R_free                      ? 
_refine.ls_wR_factor_R_work                      ? 
_refine.overall_FOM_free_R_set                   ? 
_refine.pdbx_overall_phase_error                 ? 
_refine.pdbx_refine_id                           'X-RAY DIFFRACTION' 
_refine.pdbx_diffrn_id                           1 
_refine.pdbx_TLS_residual_ADP_flag               ? 
_refine.pdbx_overall_SU_R_free_Cruickshank_DPI   ? 
_refine.pdbx_overall_SU_R_Blow_DPI               ? 
_refine.pdbx_overall_SU_R_free_Blow_DPI          ? 
# 
_refine_hist.pdbx_refine_id                   'X-RAY DIFFRACTION' 
_refine_hist.cycle_id                         LAST 
_refine_hist.pdbx_number_atoms_protein        1684 
_refine_hist.pdbx_number_atoms_nucleic_acid   0 
_refine_hist.pdbx_number_atoms_ligand         0 
_refine_hist.number_atoms_solvent             0 
_refine_hist.number_atoms_total               1684 
_refine_hist.d_res_high                       2.700 
_refine_hist.d_res_low                        8.000 
# 
loop_
_refine_ls_restr.type 
_refine_ls_restr.number 
_refine_ls_restr.dev_ideal 
_refine_ls_restr.dev_ideal_target 
_refine_ls_restr.weight 
_refine_ls_restr.pdbx_refine_id 
_refine_ls_restr.pdbx_restraint_function 
c_bond_d  ? 0.009 ? ? 'X-RAY DIFFRACTION' ? 
c_angle_d ? 1.301 ? ? 'X-RAY DIFFRACTION' ? 
# 
loop_
_refine_ls_shell.d_res_high 
_refine_ls_shell.d_res_low 
_refine_ls_shell.pdbx_total_number_of_bins_used 
_refine_ls_shell.percent_reflns_obs 
_refine_ls_shell.number_reflns_R_work 
_refine_ls_shell.R_factor_all 
_refine_ls_shell.R_factor_R_work 
_refine_ls_shell.R_factor_R_free 
_refine_ls_shell.percent_reflns_R_free 
_refine_ls_shell.number_reflns_R_free 
_refine_ls_shell.R_factor_R_free_error 
_refine_ls_shell.number_reflns_all 
_refine_ls_shell.number_reflns_obs 
_refine_ls_shell.redundancy_reflns_obs 
_refine_ls_shell.pdbx_refine_id 
2.700 2.790 10 . 738  . 0.301 0.334 . 55 . . 793  . 'X-RAY DIFFRACTION' 
2.790 2.900 10 . 870  . 0.284 0.366 . 43 . . 913  . 'X-RAY DIFFRACTION' 
2.900 3.020 10 . 998  . 0.210 0.241 . 53 . . 1051 . 'X-RAY DIFFRACTION' 
3.020 3.170 10 . 1013 . 0.261 0.368 . 56 . . 1069 . 'X-RAY DIFFRACTION' 
3.170 3.360 10 . 1091 . 0.278 0.393 . 53 . . 1144 . 'X-RAY DIFFRACTION' 
3.360 3.600 10 . 1115 . 0.248 0.276 . 46 . . 1161 . 'X-RAY DIFFRACTION' 
3.600 3.920 10 . 1075 . 0.239 0.296 . 74 . . 1149 . 'X-RAY DIFFRACTION' 
3.920 4.400 10 . 1193 . 0.204 0.256 . 51 . . 1244 . 'X-RAY DIFFRACTION' 
4.400 5.270 10 . 1178 . 0.215 0.228 . 76 . . 1254 . 'X-RAY DIFFRACTION' 
5.270 8.000 10 . 1204 . 0.274 0.270 . 42 . . 1246 . 'X-RAY DIFFRACTION' 
# 
loop_
_pdbx_xplor_file.serial_no 
_pdbx_xplor_file.param_file 
_pdbx_xplor_file.topol_file 
_pdbx_xplor_file.pdbx_refine_id 
1 protein_rep.param ? 'X-RAY DIFFRACTION' 
2 water_rep.param   ? 'X-RAY DIFFRACTION' 
3 ion.param         ? 'X-RAY DIFFRACTION' 
# 
_struct.entry_id                  2Q1K 
_struct.title                     'Cyrstal Structure of AscE from Aeromonas hydrophilla' 
_struct.pdbx_model_details        ? 
_struct.pdbx_CASP_flag            ? 
_struct.pdbx_model_type_details   ? 
# 
_struct_keywords.entry_id        2Q1K 
_struct_keywords.pdbx_keywords   CHAPERONE 
_struct_keywords.text            'helix-turn-helix, Chaperone, TTSS' 
# 
loop_
_struct_asym.id 
_struct_asym.pdbx_blank_PDB_chainid_flag 
_struct_asym.pdbx_modified 
_struct_asym.entity_id 
_struct_asym.details 
A N N 1 ? 
B N N 1 ? 
C N N 1 ? 
D N N 1 ? 
# 
_struct_ref.id                         1 
_struct_ref.db_name                    UNP 
_struct_ref.db_code                    Q1EHA4_AERHY 
_struct_ref.pdbx_db_accession          Q1EHA4 
_struct_ref.entity_id                  1 
_struct_ref.pdbx_seq_one_letter_code   MMTNLETRLSGADPVFARELHAQLVQALGDVKRRLLRGGTQQQYQQWQQEADAIEAGLNIIEKIKGE 
_struct_ref.pdbx_align_begin           1 
_struct_ref.pdbx_db_isoform            ? 
# 
loop_
_struct_ref_seq.align_id 
_struct_ref_seq.ref_id 
_struct_ref_seq.pdbx_PDB_id_code 
_struct_ref_seq.pdbx_strand_id 
_struct_ref_seq.seq_align_beg 
_struct_ref_seq.pdbx_seq_align_beg_ins_code 
_struct_ref_seq.seq_align_end 
_struct_ref_seq.pdbx_seq_align_end_ins_code 
_struct_ref_seq.pdbx_db_accession 
_struct_ref_seq.db_align_beg 
_struct_ref_seq.pdbx_db_align_beg_ins_code 
_struct_ref_seq.db_align_end 
_struct_ref_seq.pdbx_db_align_end_ins_code 
_struct_ref_seq.pdbx_auth_seq_align_beg 
_struct_ref_seq.pdbx_auth_seq_align_end 
1 1 2Q1K A 1 ? 67 ? Q1EHA4 1 ? 67 ? 1 67 
2 1 2Q1K B 1 ? 67 ? Q1EHA4 1 ? 67 ? 1 67 
3 1 2Q1K C 1 ? 67 ? Q1EHA4 1 ? 67 ? 1 67 
4 1 2Q1K D 1 ? 67 ? Q1EHA4 1 ? 67 ? 1 67 
# 
loop_
_struct_ref_seq_dif.align_id 
_struct_ref_seq_dif.pdbx_pdb_id_code 
_struct_ref_seq_dif.mon_id 
_struct_ref_seq_dif.pdbx_pdb_strand_id 
_struct_ref_seq_dif.seq_num 
_struct_ref_seq_dif.pdbx_pdb_ins_code 
_struct_ref_seq_dif.pdbx_seq_db_name 
_struct_ref_seq_dif.pdbx_seq_db_accession_code 
_struct_ref_seq_dif.db_mon_id 
_struct_ref_seq_dif.pdbx_seq_db_seq_num 
_struct_ref_seq_dif.details 
_struct_ref_seq_dif.pdbx_auth_seq_num 
_struct_ref_seq_dif.pdbx_ordinal 
1 2Q1K MSE A 1  ? UNP Q1EHA4 MET 1  'modified residue'    1  1  
1 2Q1K MSE A 2  ? UNP Q1EHA4 MET 2  'modified residue'    2  2  
1 2Q1K MSE A 9  ? UNP Q1EHA4 LEU 9  'engineered mutation' 9  3  
1 2Q1K MSE A 58 ? UNP Q1EHA4 LEU 58 'engineered mutation' 58 4  
2 2Q1K MSE B 1  ? UNP Q1EHA4 MET 1  'modified residue'    1  5  
2 2Q1K MSE B 2  ? UNP Q1EHA4 MET 2  'modified residue'    2  6  
2 2Q1K MSE B 9  ? UNP Q1EHA4 LEU 9  'engineered mutation' 9  7  
2 2Q1K MSE B 58 ? UNP Q1EHA4 LEU 58 'engineered mutation' 58 8  
3 2Q1K MSE C 1  ? UNP Q1EHA4 MET 1  'modified residue'    1  9  
3 2Q1K MSE C 2  ? UNP Q1EHA4 MET 2  'modified residue'    2  10 
3 2Q1K MSE C 9  ? UNP Q1EHA4 LEU 9  'engineered mutation' 9  11 
3 2Q1K MSE C 58 ? UNP Q1EHA4 LEU 58 'engineered mutation' 58 12 
4 2Q1K MSE D 1  ? UNP Q1EHA4 MET 1  'modified residue'    1  13 
4 2Q1K MSE D 2  ? UNP Q1EHA4 MET 2  'modified residue'    2  14 
4 2Q1K MSE D 9  ? UNP Q1EHA4 LEU 9  'engineered mutation' 9  15 
4 2Q1K MSE D 58 ? UNP Q1EHA4 LEU 58 'engineered mutation' 58 16 
# 
loop_
_pdbx_struct_assembly.id 
_pdbx_struct_assembly.details 
_pdbx_struct_assembly.method_details 
_pdbx_struct_assembly.oligomeric_details 
_pdbx_struct_assembly.oligomeric_count 
1 author_defined_assembly ? dimeric 2 
2 author_defined_assembly ? dimeric 2 
# 
loop_
_pdbx_struct_assembly_gen.assembly_id 
_pdbx_struct_assembly_gen.oper_expression 
_pdbx_struct_assembly_gen.asym_id_list 
1 1 A,B 
2 1 C,D 
# 
_pdbx_struct_oper_list.id                   1 
_pdbx_struct_oper_list.type                 'identity operation' 
_pdbx_struct_oper_list.name                 1_555 
_pdbx_struct_oper_list.symmetry_operation   x,y,z 
_pdbx_struct_oper_list.matrix[1][1]         1.0000000000 
_pdbx_struct_oper_list.matrix[1][2]         0.0000000000 
_pdbx_struct_oper_list.matrix[1][3]         0.0000000000 
_pdbx_struct_oper_list.vector[1]            0.0000000000 
_pdbx_struct_oper_list.matrix[2][1]         0.0000000000 
_pdbx_struct_oper_list.matrix[2][2]         1.0000000000 
_pdbx_struct_oper_list.matrix[2][3]         0.0000000000 
_pdbx_struct_oper_list.vector[2]            0.0000000000 
_pdbx_struct_oper_list.matrix[3][1]         0.0000000000 
_pdbx_struct_oper_list.matrix[3][2]         0.0000000000 
_pdbx_struct_oper_list.matrix[3][3]         1.0000000000 
_pdbx_struct_oper_list.vector[3]            0.0000000000 
# 
_struct_biol.id        1 
_struct_biol.details   ? 
# 
loop_
_struct_conf.conf_type_id 
_struct_conf.id 
_struct_conf.pdbx_PDB_helix_id 
_struct_conf.beg_label_comp_id 
_struct_conf.beg_label_asym_id 
_struct_conf.beg_label_seq_id 
_struct_conf.pdbx_beg_PDB_ins_code 
_struct_conf.end_label_comp_id 
_struct_conf.end_label_asym_id 
_struct_conf.end_label_seq_id 
_struct_conf.pdbx_end_PDB_ins_code 
_struct_conf.beg_auth_comp_id 
_struct_conf.beg_auth_asym_id 
_struct_conf.beg_auth_seq_id 
_struct_conf.end_auth_comp_id 
_struct_conf.end_auth_asym_id 
_struct_conf.end_auth_seq_id 
_struct_conf.pdbx_PDB_helix_class 
_struct_conf.details 
_struct_conf.pdbx_PDB_helix_length 
HELX_P HELX_P1 1 VAL A 15 ? LEU A 35 ? VAL A 15 LEU A 35 1 ? 21 
HELX_P HELX_P2 2 THR A 40 ? LYS A 65 ? THR A 40 LYS A 65 1 ? 26 
HELX_P HELX_P3 3 VAL B 15 ? LEU B 35 ? VAL B 15 LEU B 35 1 ? 21 
HELX_P HELX_P4 4 THR B 40 ? LYS B 65 ? THR B 40 LYS B 65 1 ? 26 
HELX_P HELX_P5 5 PRO C 14 ? LEU C 36 ? PRO C 14 LEU C 36 1 ? 23 
HELX_P HELX_P6 6 THR C 40 ? LYS C 65 ? THR C 40 LYS C 65 1 ? 26 
HELX_P HELX_P7 7 PRO D 14 ? LEU D 35 ? PRO D 14 LEU D 35 1 ? 22 
HELX_P HELX_P8 8 THR D 40 ? LYS D 65 ? THR D 40 LYS D 65 1 ? 26 
# 
_struct_conf_type.id          HELX_P 
_struct_conf_type.criteria    ? 
_struct_conf_type.reference   ? 
# 
loop_
_struct_conn.id 
_struct_conn.conn_type_id 
_struct_conn.pdbx_leaving_atom_flag 
_struct_conn.pdbx_PDB_id 
_struct_conn.ptnr1_label_asym_id 
_struct_conn.ptnr1_label_comp_id 
_struct_conn.ptnr1_label_seq_id 
_struct_conn.ptnr1_label_atom_id 
_struct_conn.pdbx_ptnr1_label_alt_id 
_struct_conn.pdbx_ptnr1_PDB_ins_code 
_struct_conn.pdbx_ptnr1_standard_comp_id 
_struct_conn.ptnr1_symmetry 
_struct_conn.ptnr2_label_asym_id 
_struct_conn.ptnr2_label_comp_id 
_struct_conn.ptnr2_label_seq_id 
_struct_conn.ptnr2_label_atom_id 
_struct_conn.pdbx_ptnr2_label_alt_id 
_struct_conn.pdbx_ptnr2_PDB_ins_code 
_struct_conn.ptnr1_auth_asym_id 
_struct_conn.ptnr1_auth_comp_id 
_struct_conn.ptnr1_auth_seq_id 
_struct_conn.ptnr2_auth_asym_id 
_struct_conn.ptnr2_auth_comp_id 
_struct_conn.ptnr2_auth_seq_id 
_struct_conn.ptnr2_symmetry 
_struct_conn.pdbx_ptnr3_label_atom_id 
_struct_conn.pdbx_ptnr3_label_seq_id 
_struct_conn.pdbx_ptnr3_label_comp_id 
_struct_conn.pdbx_ptnr3_label_asym_id 
_struct_conn.pdbx_ptnr3_label_alt_id 
_struct_conn.pdbx_ptnr3_PDB_ins_code 
_struct_conn.details 
_struct_conn.pdbx_dist_value 
_struct_conn.pdbx_value_order 
_struct_conn.pdbx_role 
covale1 covale both ? A GLY 57 C ? ? ? 1_555 A MSE 58 N ? ? A GLY 57 A MSE 58 1_555 ? ? ? ? ? ? ? 1.330 ? ? 
covale2 covale both ? A MSE 58 C ? ? ? 1_555 A ASN 59 N ? ? A MSE 58 A ASN 59 1_555 ? ? ? ? ? ? ? 1.332 ? ? 
covale3 covale both ? B GLY 57 C ? ? ? 1_555 B MSE 58 N ? ? B GLY 57 B MSE 58 1_555 ? ? ? ? ? ? ? 1.323 ? ? 
covale4 covale both ? B MSE 58 C ? ? ? 1_555 B ASN 59 N ? ? B MSE 58 B ASN 59 1_555 ? ? ? ? ? ? ? 1.327 ? ? 
covale5 covale both ? C GLY 57 C ? ? ? 1_555 C MSE 58 N ? ? C GLY 57 C MSE 58 1_555 ? ? ? ? ? ? ? 1.324 ? ? 
covale6 covale both ? C MSE 58 C ? ? ? 1_555 C ASN 59 N ? ? C MSE 58 C ASN 59 1_555 ? ? ? ? ? ? ? 1.335 ? ? 
covale7 covale both ? D GLY 57 C ? ? ? 1_555 D MSE 58 N ? ? D GLY 57 D MSE 58 1_555 ? ? ? ? ? ? ? 1.329 ? ? 
covale8 covale both ? D MSE 58 C ? ? ? 1_555 D ASN 59 N ? ? D MSE 58 D ASN 59 1_555 ? ? ? ? ? ? ? 1.324 ? ? 
# 
_struct_conn_type.id          covale 
_struct_conn_type.criteria    ? 
_struct_conn_type.reference   ? 
# 
loop_
_pdbx_modification_feature.ordinal 
_pdbx_modification_feature.label_comp_id 
_pdbx_modification_feature.label_asym_id 
_pdbx_modification_feature.label_seq_id 
_pdbx_modification_feature.label_alt_id 
_pdbx_modification_feature.modified_residue_label_comp_id 
_pdbx_modification_feature.modified_residue_label_asym_id 
_pdbx_modification_feature.modified_residue_label_seq_id 
_pdbx_modification_feature.modified_residue_label_alt_id 
_pdbx_modification_feature.auth_comp_id 
_pdbx_modification_feature.auth_asym_id 
_pdbx_modification_feature.auth_seq_id 
_pdbx_modification_feature.PDB_ins_code 
_pdbx_modification_feature.symmetry 
_pdbx_modification_feature.modified_residue_auth_comp_id 
_pdbx_modification_feature.modified_residue_auth_asym_id 
_pdbx_modification_feature.modified_residue_auth_seq_id 
_pdbx_modification_feature.modified_residue_PDB_ins_code 
_pdbx_modification_feature.modified_residue_symmetry 
_pdbx_modification_feature.comp_id_linking_atom 
_pdbx_modification_feature.modified_residue_id_linking_atom 
_pdbx_modification_feature.modified_residue_id 
_pdbx_modification_feature.ref_pcm_id 
_pdbx_modification_feature.ref_comp_id 
_pdbx_modification_feature.type 
_pdbx_modification_feature.category 
1 MSE A 58 ? . . . . MSE A 58 ? 1_555 . . . . . . . MET 1 MSE Selenomethionine 'Named protein modification' 
2 MSE B 58 ? . . . . MSE B 58 ? 1_555 . . . . . . . MET 1 MSE Selenomethionine 'Named protein modification' 
3 MSE C 58 ? . . . . MSE C 58 ? 1_555 . . . . . . . MET 1 MSE Selenomethionine 'Named protein modification' 
4 MSE D 58 ? . . . . MSE D 58 ? 1_555 . . . . . . . MET 1 MSE Selenomethionine 'Named protein modification' 
# 
_pdbx_entry_details.entry_id                   2Q1K 
_pdbx_entry_details.compound_details           ? 
_pdbx_entry_details.source_details             ? 
_pdbx_entry_details.nonpolymer_details         ? 
_pdbx_entry_details.sequence_details           ? 
_pdbx_entry_details.has_ligand_of_interest     ? 
_pdbx_entry_details.has_protein_modification   Y 
# 
loop_
_pdbx_struct_mod_residue.id 
_pdbx_struct_mod_residue.label_asym_id 
_pdbx_struct_mod_residue.label_comp_id 
_pdbx_struct_mod_residue.label_seq_id 
_pdbx_struct_mod_residue.auth_asym_id 
_pdbx_struct_mod_residue.auth_comp_id 
_pdbx_struct_mod_residue.auth_seq_id 
_pdbx_struct_mod_residue.PDB_ins_code 
_pdbx_struct_mod_residue.parent_comp_id 
_pdbx_struct_mod_residue.details 
1 A MSE 58 A MSE 58 ? MET SELENOMETHIONINE 
2 B MSE 58 B MSE 58 ? MET SELENOMETHIONINE 
3 C MSE 58 C MSE 58 ? MET SELENOMETHIONINE 
4 D MSE 58 D MSE 58 ? MET SELENOMETHIONINE 
# 
loop_
_diffrn_reflns.diffrn_id 
_diffrn_reflns.pdbx_d_res_high 
_diffrn_reflns.pdbx_d_res_low 
_diffrn_reflns.pdbx_number_obs 
_diffrn_reflns.pdbx_Rmerge_I_obs 
_diffrn_reflns.pdbx_Rsym_value 
_diffrn_reflns.pdbx_chi_squared 
_diffrn_reflns.av_sigmaI_over_netI 
_diffrn_reflns.pdbx_redundancy 
_diffrn_reflns.pdbx_percent_possible_obs 
_diffrn_reflns.number 
_diffrn_reflns.pdbx_observed_criterion 
_diffrn_reflns.limit_h_max 
_diffrn_reflns.limit_h_min 
_diffrn_reflns.limit_k_max 
_diffrn_reflns.limit_k_min 
_diffrn_reflns.limit_l_max 
_diffrn_reflns.limit_l_min 
1 2.400 50.000 18847 0.096 ? 0.89 7.70 6.90 99.40 129855 ? ? ? ? ? ? ? 
2 2.800 50.000 12025 0.102 ? 0.86 7.40 7.20 99.90 86058  ? ? ? ? ? ? ? 
3 2.500 50.000 16603 0.091 ? 0.83 7.70 6.70 98.60 111902 ? ? ? ? ? ? ? 
# 
loop_
_pdbx_diffrn_reflns_shell.diffrn_id 
_pdbx_diffrn_reflns_shell.d_res_high 
_pdbx_diffrn_reflns_shell.d_res_low 
_pdbx_diffrn_reflns_shell.number_obs 
_pdbx_diffrn_reflns_shell.rejects 
_pdbx_diffrn_reflns_shell.Rmerge_I_obs 
_pdbx_diffrn_reflns_shell.Rsym_value 
_pdbx_diffrn_reflns_shell.chi_squared 
_pdbx_diffrn_reflns_shell.redundancy 
_pdbx_diffrn_reflns_shell.percent_possible_obs 
1 5.17 50.00 ? ? 0.046 ? 1.095 7.50 99.80  
1 4.10 5.17  ? ? 0.074 ? 1.143 7.40 100.00 
1 3.58 4.10  ? ? 0.095 ? 1.232 6.90 99.90  
1 3.26 3.58  ? ? 0.106 ? 1.125 7.60 100.00 
1 3.02 3.26  ? ? 0.124 ? 1.018 7.60 100.00 
1 2.85 3.02  ? ? 0.178 ? 0.702 7.60 100.00 
1 2.70 2.85  ? ? 0.236 ? 0.574 7.30 100.00 
1 2.59 2.70  ? ? 0.319 ? 0.627 6.60 99.80  
1 2.49 2.59  ? ? 0.295 ? 0.545 5.60 97.90  
1 2.40 2.49  ? ? 0.351 ? 0.541 4.70 96.20  
2 6.03 50.00 ? ? 0.030 ? 0.648 7.70 99.80  
2 4.79 6.03  ? ? 0.065 ? 0.845 7.20 100.00 
2 4.18 4.79  ? ? 0.078 ? 0.989 7.50 100.00 
2 3.80 4.18  ? ? 0.111 ? 1.181 7.50 100.00 
2 3.53 3.80  ? ? 0.170 ? 1.291 7.10 100.00 
2 3.32 3.53  ? ? 0.182 ? 0.947 7.50 100.00 
2 3.15 3.32  ? ? 0.201 ? 0.779 7.50 100.00 
2 3.02 3.15  ? ? 0.267 ? 0.695 7.20 100.00 
2 2.90 3.02  ? ? 0.346 ? 0.592 6.50 100.00 
2 2.80 2.90  ? ? 0.437 ? 0.539 5.90 99.30  
3 5.38 50.00 ? ? 0.033 ? 0.771 7.40 99.80  
3 4.27 5.38  ? ? 0.063 ? 1.212 7.40 100.00 
3 3.73 4.27  ? ? 0.086 ? 1.160 7.50 100.00 
3 3.39 3.73  ? ? 0.122 ? 1.109 7.20 100.00 
3 3.15 3.39  ? ? 0.126 ? 0.801 7.60 100.00 
3 2.96 3.15  ? ? 0.181 ? 0.656 7.50 100.00 
3 2.82 2.96  ? ? 0.255 ? 0.561 7.10 100.00 
3 2.69 2.82  ? ? 0.350 ? 0.521 6.20 99.60  
3 2.59 2.69  ? ? 0.423 ? 0.613 5.00 96.20  
3 2.50 2.59  ? ? 0.386 ? 0.549 4.10 90.30  
# 
loop_
_pdbx_phasing_dm_shell.d_res_high 
_pdbx_phasing_dm_shell.d_res_low 
_pdbx_phasing_dm_shell.delta_phi_final 
_pdbx_phasing_dm_shell.delta_phi_initial 
_pdbx_phasing_dm_shell.fom_acentric 
_pdbx_phasing_dm_shell.fom_centric 
_pdbx_phasing_dm_shell.fom 
_pdbx_phasing_dm_shell.reflns_acentric 
_pdbx_phasing_dm_shell.reflns_centric 
_pdbx_phasing_dm_shell.reflns 
5.390 8.000 0.854 ? ? ? 0.632 ? ? 1139 
4.520 5.390 0.945 ? ? ? 0.847 ? ? 1142 
4.030 4.520 0.969 ? ? ? 0.923 ? ? 1133 
3.700 4.030 0.961 ? ? ? 0.916 ? ? 1103 
3.460 3.700 0.939 ? ? ? 0.877 ? ? 1072 
3.270 3.460 0.937 ? ? ? 0.878 ? ? 1099 
3.120 3.270 0.943 ? ? ? 0.873 ? ? 1056 
2.990 3.120 0.924 ? ? ? 0.865 ? ? 1025 
2.880 2.990 0.902 ? ? ? 0.847 ? ? 1011 
2.780 2.880 0.934 ? ? ? 0.899 ? ? 934  
2.700 2.780 0.883 ? ? ? 0.831 ? ? 838  
# 
_phasing.method   MAD 
# 
loop_
_pdbx_unobs_or_zero_occ_residues.id 
_pdbx_unobs_or_zero_occ_residues.PDB_model_num 
_pdbx_unobs_or_zero_occ_residues.polymer_flag 
_pdbx_unobs_or_zero_occ_residues.occupancy_flag 
_pdbx_unobs_or_zero_occ_residues.auth_asym_id 
_pdbx_unobs_or_zero_occ_residues.auth_comp_id 
_pdbx_unobs_or_zero_occ_residues.auth_seq_id 
_pdbx_unobs_or_zero_occ_residues.PDB_ins_code 
_pdbx_unobs_or_zero_occ_residues.label_asym_id 
_pdbx_unobs_or_zero_occ_residues.label_comp_id 
_pdbx_unobs_or_zero_occ_residues.label_seq_id 
1  1 Y 1 A MSE 1  ? A MSE 1  
2  1 Y 1 A MSE 2  ? A MSE 2  
3  1 Y 1 A THR 3  ? A THR 3  
4  1 Y 1 A ASN 4  ? A ASN 4  
5  1 Y 1 A LEU 5  ? A LEU 5  
6  1 Y 1 A GLU 6  ? A GLU 6  
7  1 Y 1 A THR 7  ? A THR 7  
8  1 Y 1 A ARG 8  ? A ARG 8  
9  1 Y 1 A MSE 9  ? A MSE 9  
10 1 Y 1 A SER 10 ? A SER 10 
11 1 Y 1 A GLY 11 ? A GLY 11 
12 1 Y 1 A ALA 12 ? A ALA 12 
13 1 Y 1 A ASP 13 ? A ASP 13 
14 1 Y 1 A GLY 66 ? A GLY 66 
15 1 Y 1 A GLU 67 ? A GLU 67 
16 1 Y 1 B MSE 1  ? B MSE 1  
17 1 Y 1 B MSE 2  ? B MSE 2  
18 1 Y 1 B THR 3  ? B THR 3  
19 1 Y 1 B ASN 4  ? B ASN 4  
20 1 Y 1 B LEU 5  ? B LEU 5  
21 1 Y 1 B GLU 6  ? B GLU 6  
22 1 Y 1 B THR 7  ? B THR 7  
23 1 Y 1 B ARG 8  ? B ARG 8  
24 1 Y 1 B MSE 9  ? B MSE 9  
25 1 Y 1 B SER 10 ? B SER 10 
26 1 Y 1 B GLY 11 ? B GLY 11 
27 1 Y 1 B ALA 12 ? B ALA 12 
28 1 Y 1 B ASP 13 ? B ASP 13 
29 1 Y 1 B GLY 66 ? B GLY 66 
30 1 Y 1 B GLU 67 ? B GLU 67 
31 1 Y 1 C MSE 1  ? C MSE 1  
32 1 Y 1 C MSE 2  ? C MSE 2  
33 1 Y 1 C THR 3  ? C THR 3  
34 1 Y 1 C ASN 4  ? C ASN 4  
35 1 Y 1 C LEU 5  ? C LEU 5  
36 1 Y 1 C GLU 6  ? C GLU 6  
37 1 Y 1 C THR 7  ? C THR 7  
38 1 Y 1 C ARG 8  ? C ARG 8  
39 1 Y 1 C MSE 9  ? C MSE 9  
40 1 Y 1 C SER 10 ? C SER 10 
41 1 Y 1 C GLY 11 ? C GLY 11 
42 1 Y 1 C ALA 12 ? C ALA 12 
43 1 Y 1 C ASP 13 ? C ASP 13 
44 1 Y 1 C GLY 66 ? C GLY 66 
45 1 Y 1 C GLU 67 ? C GLU 67 
46 1 Y 1 D MSE 1  ? D MSE 1  
47 1 Y 1 D MSE 2  ? D MSE 2  
48 1 Y 1 D THR 3  ? D THR 3  
49 1 Y 1 D ASN 4  ? D ASN 4  
50 1 Y 1 D LEU 5  ? D LEU 5  
51 1 Y 1 D GLU 6  ? D GLU 6  
52 1 Y 1 D THR 7  ? D THR 7  
53 1 Y 1 D ARG 8  ? D ARG 8  
54 1 Y 1 D MSE 9  ? D MSE 9  
55 1 Y 1 D SER 10 ? D SER 10 
56 1 Y 1 D GLY 11 ? D GLY 11 
57 1 Y 1 D ALA 12 ? D ALA 12 
58 1 Y 1 D ASP 13 ? D ASP 13 
59 1 Y 1 D GLY 66 ? D GLY 66 
60 1 Y 1 D GLU 67 ? D GLU 67 
# 
loop_
_chem_comp_atom.comp_id 
_chem_comp_atom.atom_id 
_chem_comp_atom.type_symbol 
_chem_comp_atom.pdbx_aromatic_flag 
_chem_comp_atom.pdbx_stereo_config 
_chem_comp_atom.pdbx_ordinal 
ALA N    N  N N 1   
ALA CA   C  N S 2   
ALA C    C  N N 3   
ALA O    O  N N 4   
ALA CB   C  N N 5   
ALA OXT  O  N N 6   
ALA H    H  N N 7   
ALA H2   H  N N 8   
ALA HA   H  N N 9   
ALA HB1  H  N N 10  
ALA HB2  H  N N 11  
ALA HB3  H  N N 12  
ALA HXT  H  N N 13  
ARG N    N  N N 14  
ARG CA   C  N S 15  
ARG C    C  N N 16  
ARG O    O  N N 17  
ARG CB   C  N N 18  
ARG CG   C  N N 19  
ARG CD   C  N N 20  
ARG NE   N  N N 21  
ARG CZ   C  N N 22  
ARG NH1  N  N N 23  
ARG NH2  N  N N 24  
ARG OXT  O  N N 25  
ARG H    H  N N 26  
ARG H2   H  N N 27  
ARG HA   H  N N 28  
ARG HB2  H  N N 29  
ARG HB3  H  N N 30  
ARG HG2  H  N N 31  
ARG HG3  H  N N 32  
ARG HD2  H  N N 33  
ARG HD3  H  N N 34  
ARG HE   H  N N 35  
ARG HH11 H  N N 36  
ARG HH12 H  N N 37  
ARG HH21 H  N N 38  
ARG HH22 H  N N 39  
ARG HXT  H  N N 40  
ASN N    N  N N 41  
ASN CA   C  N S 42  
ASN C    C  N N 43  
ASN O    O  N N 44  
ASN CB   C  N N 45  
ASN CG   C  N N 46  
ASN OD1  O  N N 47  
ASN ND2  N  N N 48  
ASN OXT  O  N N 49  
ASN H    H  N N 50  
ASN H2   H  N N 51  
ASN HA   H  N N 52  
ASN HB2  H  N N 53  
ASN HB3  H  N N 54  
ASN HD21 H  N N 55  
ASN HD22 H  N N 56  
ASN HXT  H  N N 57  
ASP N    N  N N 58  
ASP CA   C  N S 59  
ASP C    C  N N 60  
ASP O    O  N N 61  
ASP CB   C  N N 62  
ASP CG   C  N N 63  
ASP OD1  O  N N 64  
ASP OD2  O  N N 65  
ASP OXT  O  N N 66  
ASP H    H  N N 67  
ASP H2   H  N N 68  
ASP HA   H  N N 69  
ASP HB2  H  N N 70  
ASP HB3  H  N N 71  
ASP HD2  H  N N 72  
ASP HXT  H  N N 73  
GLN N    N  N N 74  
GLN CA   C  N S 75  
GLN C    C  N N 76  
GLN O    O  N N 77  
GLN CB   C  N N 78  
GLN CG   C  N N 79  
GLN CD   C  N N 80  
GLN OE1  O  N N 81  
GLN NE2  N  N N 82  
GLN OXT  O  N N 83  
GLN H    H  N N 84  
GLN H2   H  N N 85  
GLN HA   H  N N 86  
GLN HB2  H  N N 87  
GLN HB3  H  N N 88  
GLN HG2  H  N N 89  
GLN HG3  H  N N 90  
GLN HE21 H  N N 91  
GLN HE22 H  N N 92  
GLN HXT  H  N N 93  
GLU N    N  N N 94  
GLU CA   C  N S 95  
GLU C    C  N N 96  
GLU O    O  N N 97  
GLU CB   C  N N 98  
GLU CG   C  N N 99  
GLU CD   C  N N 100 
GLU OE1  O  N N 101 
GLU OE2  O  N N 102 
GLU OXT  O  N N 103 
GLU H    H  N N 104 
GLU H2   H  N N 105 
GLU HA   H  N N 106 
GLU HB2  H  N N 107 
GLU HB3  H  N N 108 
GLU HG2  H  N N 109 
GLU HG3  H  N N 110 
GLU HE2  H  N N 111 
GLU HXT  H  N N 112 
GLY N    N  N N 113 
GLY CA   C  N N 114 
GLY C    C  N N 115 
GLY O    O  N N 116 
GLY OXT  O  N N 117 
GLY H    H  N N 118 
GLY H2   H  N N 119 
GLY HA2  H  N N 120 
GLY HA3  H  N N 121 
GLY HXT  H  N N 122 
HIS N    N  N N 123 
HIS CA   C  N S 124 
HIS C    C  N N 125 
HIS O    O  N N 126 
HIS CB   C  N N 127 
HIS CG   C  Y N 128 
HIS ND1  N  Y N 129 
HIS CD2  C  Y N 130 
HIS CE1  C  Y N 131 
HIS NE2  N  Y N 132 
HIS OXT  O  N N 133 
HIS H    H  N N 134 
HIS H2   H  N N 135 
HIS HA   H  N N 136 
HIS HB2  H  N N 137 
HIS HB3  H  N N 138 
HIS HD1  H  N N 139 
HIS HD2  H  N N 140 
HIS HE1  H  N N 141 
HIS HE2  H  N N 142 
HIS HXT  H  N N 143 
ILE N    N  N N 144 
ILE CA   C  N S 145 
ILE C    C  N N 146 
ILE O    O  N N 147 
ILE CB   C  N S 148 
ILE CG1  C  N N 149 
ILE CG2  C  N N 150 
ILE CD1  C  N N 151 
ILE OXT  O  N N 152 
ILE H    H  N N 153 
ILE H2   H  N N 154 
ILE HA   H  N N 155 
ILE HB   H  N N 156 
ILE HG12 H  N N 157 
ILE HG13 H  N N 158 
ILE HG21 H  N N 159 
ILE HG22 H  N N 160 
ILE HG23 H  N N 161 
ILE HD11 H  N N 162 
ILE HD12 H  N N 163 
ILE HD13 H  N N 164 
ILE HXT  H  N N 165 
LEU N    N  N N 166 
LEU CA   C  N S 167 
LEU C    C  N N 168 
LEU O    O  N N 169 
LEU CB   C  N N 170 
LEU CG   C  N N 171 
LEU CD1  C  N N 172 
LEU CD2  C  N N 173 
LEU OXT  O  N N 174 
LEU H    H  N N 175 
LEU H2   H  N N 176 
LEU HA   H  N N 177 
LEU HB2  H  N N 178 
LEU HB3  H  N N 179 
LEU HG   H  N N 180 
LEU HD11 H  N N 181 
LEU HD12 H  N N 182 
LEU HD13 H  N N 183 
LEU HD21 H  N N 184 
LEU HD22 H  N N 185 
LEU HD23 H  N N 186 
LEU HXT  H  N N 187 
LYS N    N  N N 188 
LYS CA   C  N S 189 
LYS C    C  N N 190 
LYS O    O  N N 191 
LYS CB   C  N N 192 
LYS CG   C  N N 193 
LYS CD   C  N N 194 
LYS CE   C  N N 195 
LYS NZ   N  N N 196 
LYS OXT  O  N N 197 
LYS H    H  N N 198 
LYS H2   H  N N 199 
LYS HA   H  N N 200 
LYS HB2  H  N N 201 
LYS HB3  H  N N 202 
LYS HG2  H  N N 203 
LYS HG3  H  N N 204 
LYS HD2  H  N N 205 
LYS HD3  H  N N 206 
LYS HE2  H  N N 207 
LYS HE3  H  N N 208 
LYS HZ1  H  N N 209 
LYS HZ2  H  N N 210 
LYS HZ3  H  N N 211 
LYS HXT  H  N N 212 
MET N    N  N N 213 
MET CA   C  N S 214 
MET C    C  N N 215 
MET O    O  N N 216 
MET CB   C  N N 217 
MET CG   C  N N 218 
MET SD   S  N N 219 
MET CE   C  N N 220 
MET OXT  O  N N 221 
MET H    H  N N 222 
MET H2   H  N N 223 
MET HA   H  N N 224 
MET HB2  H  N N 225 
MET HB3  H  N N 226 
MET HG2  H  N N 227 
MET HG3  H  N N 228 
MET HE1  H  N N 229 
MET HE2  H  N N 230 
MET HE3  H  N N 231 
MET HXT  H  N N 232 
MSE N    N  N N 233 
MSE CA   C  N S 234 
MSE C    C  N N 235 
MSE O    O  N N 236 
MSE OXT  O  N N 237 
MSE CB   C  N N 238 
MSE CG   C  N N 239 
MSE SE   SE N N 240 
MSE CE   C  N N 241 
MSE H    H  N N 242 
MSE H2   H  N N 243 
MSE HA   H  N N 244 
MSE HXT  H  N N 245 
MSE HB2  H  N N 246 
MSE HB3  H  N N 247 
MSE HG2  H  N N 248 
MSE HG3  H  N N 249 
MSE HE1  H  N N 250 
MSE HE2  H  N N 251 
MSE HE3  H  N N 252 
PHE N    N  N N 253 
PHE CA   C  N S 254 
PHE C    C  N N 255 
PHE O    O  N N 256 
PHE CB   C  N N 257 
PHE CG   C  Y N 258 
PHE CD1  C  Y N 259 
PHE CD2  C  Y N 260 
PHE CE1  C  Y N 261 
PHE CE2  C  Y N 262 
PHE CZ   C  Y N 263 
PHE OXT  O  N N 264 
PHE H    H  N N 265 
PHE H2   H  N N 266 
PHE HA   H  N N 267 
PHE HB2  H  N N 268 
PHE HB3  H  N N 269 
PHE HD1  H  N N 270 
PHE HD2  H  N N 271 
PHE HE1  H  N N 272 
PHE HE2  H  N N 273 
PHE HZ   H  N N 274 
PHE HXT  H  N N 275 
PRO N    N  N N 276 
PRO CA   C  N S 277 
PRO C    C  N N 278 
PRO O    O  N N 279 
PRO CB   C  N N 280 
PRO CG   C  N N 281 
PRO CD   C  N N 282 
PRO OXT  O  N N 283 
PRO H    H  N N 284 
PRO HA   H  N N 285 
PRO HB2  H  N N 286 
PRO HB3  H  N N 287 
PRO HG2  H  N N 288 
PRO HG3  H  N N 289 
PRO HD2  H  N N 290 
PRO HD3  H  N N 291 
PRO HXT  H  N N 292 
SER N    N  N N 293 
SER CA   C  N S 294 
SER C    C  N N 295 
SER O    O  N N 296 
SER CB   C  N N 297 
SER OG   O  N N 298 
SER OXT  O  N N 299 
SER H    H  N N 300 
SER H2   H  N N 301 
SER HA   H  N N 302 
SER HB2  H  N N 303 
SER HB3  H  N N 304 
SER HG   H  N N 305 
SER HXT  H  N N 306 
THR N    N  N N 307 
THR CA   C  N S 308 
THR C    C  N N 309 
THR O    O  N N 310 
THR CB   C  N R 311 
THR OG1  O  N N 312 
THR CG2  C  N N 313 
THR OXT  O  N N 314 
THR H    H  N N 315 
THR H2   H  N N 316 
THR HA   H  N N 317 
THR HB   H  N N 318 
THR HG1  H  N N 319 
THR HG21 H  N N 320 
THR HG22 H  N N 321 
THR HG23 H  N N 322 
THR HXT  H  N N 323 
TRP N    N  N N 324 
TRP CA   C  N S 325 
TRP C    C  N N 326 
TRP O    O  N N 327 
TRP CB   C  N N 328 
TRP CG   C  Y N 329 
TRP CD1  C  Y N 330 
TRP CD2  C  Y N 331 
TRP NE1  N  Y N 332 
TRP CE2  C  Y N 333 
TRP CE3  C  Y N 334 
TRP CZ2  C  Y N 335 
TRP CZ3  C  Y N 336 
TRP CH2  C  Y N 337 
TRP OXT  O  N N 338 
TRP H    H  N N 339 
TRP H2   H  N N 340 
TRP HA   H  N N 341 
TRP HB2  H  N N 342 
TRP HB3  H  N N 343 
TRP HD1  H  N N 344 
TRP HE1  H  N N 345 
TRP HE3  H  N N 346 
TRP HZ2  H  N N 347 
TRP HZ3  H  N N 348 
TRP HH2  H  N N 349 
TRP HXT  H  N N 350 
TYR N    N  N N 351 
TYR CA   C  N S 352 
TYR C    C  N N 353 
TYR O    O  N N 354 
TYR CB   C  N N 355 
TYR CG   C  Y N 356 
TYR CD1  C  Y N 357 
TYR CD2  C  Y N 358 
TYR CE1  C  Y N 359 
TYR CE2  C  Y N 360 
TYR CZ   C  Y N 361 
TYR OH   O  N N 362 
TYR OXT  O  N N 363 
TYR H    H  N N 364 
TYR H2   H  N N 365 
TYR HA   H  N N 366 
TYR HB2  H  N N 367 
TYR HB3  H  N N 368 
TYR HD1  H  N N 369 
TYR HD2  H  N N 370 
TYR HE1  H  N N 371 
TYR HE2  H  N N 372 
TYR HH   H  N N 373 
TYR HXT  H  N N 374 
VAL N    N  N N 375 
VAL CA   C  N S 376 
VAL C    C  N N 377 
VAL O    O  N N 378 
VAL CB   C  N N 379 
VAL CG1  C  N N 380 
VAL CG2  C  N N 381 
VAL OXT  O  N N 382 
VAL H    H  N N 383 
VAL H2   H  N N 384 
VAL HA   H  N N 385 
VAL HB   H  N N 386 
VAL HG11 H  N N 387 
VAL HG12 H  N N 388 
VAL HG13 H  N N 389 
VAL HG21 H  N N 390 
VAL HG22 H  N N 391 
VAL HG23 H  N N 392 
VAL HXT  H  N N 393 
# 
loop_
_chem_comp_bond.comp_id 
_chem_comp_bond.atom_id_1 
_chem_comp_bond.atom_id_2 
_chem_comp_bond.value_order 
_chem_comp_bond.pdbx_aromatic_flag 
_chem_comp_bond.pdbx_stereo_config 
_chem_comp_bond.pdbx_ordinal 
ALA N   CA   sing N N 1   
ALA N   H    sing N N 2   
ALA N   H2   sing N N 3   
ALA CA  C    sing N N 4   
ALA CA  CB   sing N N 5   
ALA CA  HA   sing N N 6   
ALA C   O    doub N N 7   
ALA C   OXT  sing N N 8   
ALA CB  HB1  sing N N 9   
ALA CB  HB2  sing N N 10  
ALA CB  HB3  sing N N 11  
ALA OXT HXT  sing N N 12  
ARG N   CA   sing N N 13  
ARG N   H    sing N N 14  
ARG N   H2   sing N N 15  
ARG CA  C    sing N N 16  
ARG CA  CB   sing N N 17  
ARG CA  HA   sing N N 18  
ARG C   O    doub N N 19  
ARG C   OXT  sing N N 20  
ARG CB  CG   sing N N 21  
ARG CB  HB2  sing N N 22  
ARG CB  HB3  sing N N 23  
ARG CG  CD   sing N N 24  
ARG CG  HG2  sing N N 25  
ARG CG  HG3  sing N N 26  
ARG CD  NE   sing N N 27  
ARG CD  HD2  sing N N 28  
ARG CD  HD3  sing N N 29  
ARG NE  CZ   sing N N 30  
ARG NE  HE   sing N N 31  
ARG CZ  NH1  sing N N 32  
ARG CZ  NH2  doub N N 33  
ARG NH1 HH11 sing N N 34  
ARG NH1 HH12 sing N N 35  
ARG NH2 HH21 sing N N 36  
ARG NH2 HH22 sing N N 37  
ARG OXT HXT  sing N N 38  
ASN N   CA   sing N N 39  
ASN N   H    sing N N 40  
ASN N   H2   sing N N 41  
ASN CA  C    sing N N 42  
ASN CA  CB   sing N N 43  
ASN CA  HA   sing N N 44  
ASN C   O    doub N N 45  
ASN C   OXT  sing N N 46  
ASN CB  CG   sing N N 47  
ASN CB  HB2  sing N N 48  
ASN CB  HB3  sing N N 49  
ASN CG  OD1  doub N N 50  
ASN CG  ND2  sing N N 51  
ASN ND2 HD21 sing N N 52  
ASN ND2 HD22 sing N N 53  
ASN OXT HXT  sing N N 54  
ASP N   CA   sing N N 55  
ASP N   H    sing N N 56  
ASP N   H2   sing N N 57  
ASP CA  C    sing N N 58  
ASP CA  CB   sing N N 59  
ASP CA  HA   sing N N 60  
ASP C   O    doub N N 61  
ASP C   OXT  sing N N 62  
ASP CB  CG   sing N N 63  
ASP CB  HB2  sing N N 64  
ASP CB  HB3  sing N N 65  
ASP CG  OD1  doub N N 66  
ASP CG  OD2  sing N N 67  
ASP OD2 HD2  sing N N 68  
ASP OXT HXT  sing N N 69  
GLN N   CA   sing N N 70  
GLN N   H    sing N N 71  
GLN N   H2   sing N N 72  
GLN CA  C    sing N N 73  
GLN CA  CB   sing N N 74  
GLN CA  HA   sing N N 75  
GLN C   O    doub N N 76  
GLN C   OXT  sing N N 77  
GLN CB  CG   sing N N 78  
GLN CB  HB2  sing N N 79  
GLN CB  HB3  sing N N 80  
GLN CG  CD   sing N N 81  
GLN CG  HG2  sing N N 82  
GLN CG  HG3  sing N N 83  
GLN CD  OE1  doub N N 84  
GLN CD  NE2  sing N N 85  
GLN NE2 HE21 sing N N 86  
GLN NE2 HE22 sing N N 87  
GLN OXT HXT  sing N N 88  
GLU N   CA   sing N N 89  
GLU N   H    sing N N 90  
GLU N   H2   sing N N 91  
GLU CA  C    sing N N 92  
GLU CA  CB   sing N N 93  
GLU CA  HA   sing N N 94  
GLU C   O    doub N N 95  
GLU C   OXT  sing N N 96  
GLU CB  CG   sing N N 97  
GLU CB  HB2  sing N N 98  
GLU CB  HB3  sing N N 99  
GLU CG  CD   sing N N 100 
GLU CG  HG2  sing N N 101 
GLU CG  HG3  sing N N 102 
GLU CD  OE1  doub N N 103 
GLU CD  OE2  sing N N 104 
GLU OE2 HE2  sing N N 105 
GLU OXT HXT  sing N N 106 
GLY N   CA   sing N N 107 
GLY N   H    sing N N 108 
GLY N   H2   sing N N 109 
GLY CA  C    sing N N 110 
GLY CA  HA2  sing N N 111 
GLY CA  HA3  sing N N 112 
GLY C   O    doub N N 113 
GLY C   OXT  sing N N 114 
GLY OXT HXT  sing N N 115 
HIS N   CA   sing N N 116 
HIS N   H    sing N N 117 
HIS N   H2   sing N N 118 
HIS CA  C    sing N N 119 
HIS CA  CB   sing N N 120 
HIS CA  HA   sing N N 121 
HIS C   O    doub N N 122 
HIS C   OXT  sing N N 123 
HIS CB  CG   sing N N 124 
HIS CB  HB2  sing N N 125 
HIS CB  HB3  sing N N 126 
HIS CG  ND1  sing Y N 127 
HIS CG  CD2  doub Y N 128 
HIS ND1 CE1  doub Y N 129 
HIS ND1 HD1  sing N N 130 
HIS CD2 NE2  sing Y N 131 
HIS CD2 HD2  sing N N 132 
HIS CE1 NE2  sing Y N 133 
HIS CE1 HE1  sing N N 134 
HIS NE2 HE2  sing N N 135 
HIS OXT HXT  sing N N 136 
ILE N   CA   sing N N 137 
ILE N   H    sing N N 138 
ILE N   H2   sing N N 139 
ILE CA  C    sing N N 140 
ILE CA  CB   sing N N 141 
ILE CA  HA   sing N N 142 
ILE C   O    doub N N 143 
ILE C   OXT  sing N N 144 
ILE CB  CG1  sing N N 145 
ILE CB  CG2  sing N N 146 
ILE CB  HB   sing N N 147 
ILE CG1 CD1  sing N N 148 
ILE CG1 HG12 sing N N 149 
ILE CG1 HG13 sing N N 150 
ILE CG2 HG21 sing N N 151 
ILE CG2 HG22 sing N N 152 
ILE CG2 HG23 sing N N 153 
ILE CD1 HD11 sing N N 154 
ILE CD1 HD12 sing N N 155 
ILE CD1 HD13 sing N N 156 
ILE OXT HXT  sing N N 157 
LEU N   CA   sing N N 158 
LEU N   H    sing N N 159 
LEU N   H2   sing N N 160 
LEU CA  C    sing N N 161 
LEU CA  CB   sing N N 162 
LEU CA  HA   sing N N 163 
LEU C   O    doub N N 164 
LEU C   OXT  sing N N 165 
LEU CB  CG   sing N N 166 
LEU CB  HB2  sing N N 167 
LEU CB  HB3  sing N N 168 
LEU CG  CD1  sing N N 169 
LEU CG  CD2  sing N N 170 
LEU CG  HG   sing N N 171 
LEU CD1 HD11 sing N N 172 
LEU CD1 HD12 sing N N 173 
LEU CD1 HD13 sing N N 174 
LEU CD2 HD21 sing N N 175 
LEU CD2 HD22 sing N N 176 
LEU CD2 HD23 sing N N 177 
LEU OXT HXT  sing N N 178 
LYS N   CA   sing N N 179 
LYS N   H    sing N N 180 
LYS N   H2   sing N N 181 
LYS CA  C    sing N N 182 
LYS CA  CB   sing N N 183 
LYS CA  HA   sing N N 184 
LYS C   O    doub N N 185 
LYS C   OXT  sing N N 186 
LYS CB  CG   sing N N 187 
LYS CB  HB2  sing N N 188 
LYS CB  HB3  sing N N 189 
LYS CG  CD   sing N N 190 
LYS CG  HG2  sing N N 191 
LYS CG  HG3  sing N N 192 
LYS CD  CE   sing N N 193 
LYS CD  HD2  sing N N 194 
LYS CD  HD3  sing N N 195 
LYS CE  NZ   sing N N 196 
LYS CE  HE2  sing N N 197 
LYS CE  HE3  sing N N 198 
LYS NZ  HZ1  sing N N 199 
LYS NZ  HZ2  sing N N 200 
LYS NZ  HZ3  sing N N 201 
LYS OXT HXT  sing N N 202 
MET N   CA   sing N N 203 
MET N   H    sing N N 204 
MET N   H2   sing N N 205 
MET CA  C    sing N N 206 
MET CA  CB   sing N N 207 
MET CA  HA   sing N N 208 
MET C   O    doub N N 209 
MET C   OXT  sing N N 210 
MET CB  CG   sing N N 211 
MET CB  HB2  sing N N 212 
MET CB  HB3  sing N N 213 
MET CG  SD   sing N N 214 
MET CG  HG2  sing N N 215 
MET CG  HG3  sing N N 216 
MET SD  CE   sing N N 217 
MET CE  HE1  sing N N 218 
MET CE  HE2  sing N N 219 
MET CE  HE3  sing N N 220 
MET OXT HXT  sing N N 221 
MSE N   CA   sing N N 222 
MSE N   H    sing N N 223 
MSE N   H2   sing N N 224 
MSE CA  C    sing N N 225 
MSE CA  CB   sing N N 226 
MSE CA  HA   sing N N 227 
MSE C   O    doub N N 228 
MSE C   OXT  sing N N 229 
MSE OXT HXT  sing N N 230 
MSE CB  CG   sing N N 231 
MSE CB  HB2  sing N N 232 
MSE CB  HB3  sing N N 233 
MSE CG  SE   sing N N 234 
MSE CG  HG2  sing N N 235 
MSE CG  HG3  sing N N 236 
MSE SE  CE   sing N N 237 
MSE CE  HE1  sing N N 238 
MSE CE  HE2  sing N N 239 
MSE CE  HE3  sing N N 240 
PHE N   CA   sing N N 241 
PHE N   H    sing N N 242 
PHE N   H2   sing N N 243 
PHE CA  C    sing N N 244 
PHE CA  CB   sing N N 245 
PHE CA  HA   sing N N 246 
PHE C   O    doub N N 247 
PHE C   OXT  sing N N 248 
PHE CB  CG   sing N N 249 
PHE CB  HB2  sing N N 250 
PHE CB  HB3  sing N N 251 
PHE CG  CD1  doub Y N 252 
PHE CG  CD2  sing Y N 253 
PHE CD1 CE1  sing Y N 254 
PHE CD1 HD1  sing N N 255 
PHE CD2 CE2  doub Y N 256 
PHE CD2 HD2  sing N N 257 
PHE CE1 CZ   doub Y N 258 
PHE CE1 HE1  sing N N 259 
PHE CE2 CZ   sing Y N 260 
PHE CE2 HE2  sing N N 261 
PHE CZ  HZ   sing N N 262 
PHE OXT HXT  sing N N 263 
PRO N   CA   sing N N 264 
PRO N   CD   sing N N 265 
PRO N   H    sing N N 266 
PRO CA  C    sing N N 267 
PRO CA  CB   sing N N 268 
PRO CA  HA   sing N N 269 
PRO C   O    doub N N 270 
PRO C   OXT  sing N N 271 
PRO CB  CG   sing N N 272 
PRO CB  HB2  sing N N 273 
PRO CB  HB3  sing N N 274 
PRO CG  CD   sing N N 275 
PRO CG  HG2  sing N N 276 
PRO CG  HG3  sing N N 277 
PRO CD  HD2  sing N N 278 
PRO CD  HD3  sing N N 279 
PRO OXT HXT  sing N N 280 
SER N   CA   sing N N 281 
SER N   H    sing N N 282 
SER N   H2   sing N N 283 
SER CA  C    sing N N 284 
SER CA  CB   sing N N 285 
SER CA  HA   sing N N 286 
SER C   O    doub N N 287 
SER C   OXT  sing N N 288 
SER CB  OG   sing N N 289 
SER CB  HB2  sing N N 290 
SER CB  HB3  sing N N 291 
SER OG  HG   sing N N 292 
SER OXT HXT  sing N N 293 
THR N   CA   sing N N 294 
THR N   H    sing N N 295 
THR N   H2   sing N N 296 
THR CA  C    sing N N 297 
THR CA  CB   sing N N 298 
THR CA  HA   sing N N 299 
THR C   O    doub N N 300 
THR C   OXT  sing N N 301 
THR CB  OG1  sing N N 302 
THR CB  CG2  sing N N 303 
THR CB  HB   sing N N 304 
THR OG1 HG1  sing N N 305 
THR CG2 HG21 sing N N 306 
THR CG2 HG22 sing N N 307 
THR CG2 HG23 sing N N 308 
THR OXT HXT  sing N N 309 
TRP N   CA   sing N N 310 
TRP N   H    sing N N 311 
TRP N   H2   sing N N 312 
TRP CA  C    sing N N 313 
TRP CA  CB   sing N N 314 
TRP CA  HA   sing N N 315 
TRP C   O    doub N N 316 
TRP C   OXT  sing N N 317 
TRP CB  CG   sing N N 318 
TRP CB  HB2  sing N N 319 
TRP CB  HB3  sing N N 320 
TRP CG  CD1  doub Y N 321 
TRP CG  CD2  sing Y N 322 
TRP CD1 NE1  sing Y N 323 
TRP CD1 HD1  sing N N 324 
TRP CD2 CE2  doub Y N 325 
TRP CD2 CE3  sing Y N 326 
TRP NE1 CE2  sing Y N 327 
TRP NE1 HE1  sing N N 328 
TRP CE2 CZ2  sing Y N 329 
TRP CE3 CZ3  doub Y N 330 
TRP CE3 HE3  sing N N 331 
TRP CZ2 CH2  doub Y N 332 
TRP CZ2 HZ2  sing N N 333 
TRP CZ3 CH2  sing Y N 334 
TRP CZ3 HZ3  sing N N 335 
TRP CH2 HH2  sing N N 336 
TRP OXT HXT  sing N N 337 
TYR N   CA   sing N N 338 
TYR N   H    sing N N 339 
TYR N   H2   sing N N 340 
TYR CA  C    sing N N 341 
TYR CA  CB   sing N N 342 
TYR CA  HA   sing N N 343 
TYR C   O    doub N N 344 
TYR C   OXT  sing N N 345 
TYR CB  CG   sing N N 346 
TYR CB  HB2  sing N N 347 
TYR CB  HB3  sing N N 348 
TYR CG  CD1  doub Y N 349 
TYR CG  CD2  sing Y N 350 
TYR CD1 CE1  sing Y N 351 
TYR CD1 HD1  sing N N 352 
TYR CD2 CE2  doub Y N 353 
TYR CD2 HD2  sing N N 354 
TYR CE1 CZ   doub Y N 355 
TYR CE1 HE1  sing N N 356 
TYR CE2 CZ   sing Y N 357 
TYR CE2 HE2  sing N N 358 
TYR CZ  OH   sing N N 359 
TYR OH  HH   sing N N 360 
TYR OXT HXT  sing N N 361 
VAL N   CA   sing N N 362 
VAL N   H    sing N N 363 
VAL N   H2   sing N N 364 
VAL CA  C    sing N N 365 
VAL CA  CB   sing N N 366 
VAL CA  HA   sing N N 367 
VAL C   O    doub N N 368 
VAL C   OXT  sing N N 369 
VAL CB  CG1  sing N N 370 
VAL CB  CG2  sing N N 371 
VAL CB  HB   sing N N 372 
VAL CG1 HG11 sing N N 373 
VAL CG1 HG12 sing N N 374 
VAL CG1 HG13 sing N N 375 
VAL CG2 HG21 sing N N 376 
VAL CG2 HG22 sing N N 377 
VAL CG2 HG23 sing N N 378 
VAL OXT HXT  sing N N 379 
# 
_atom_sites.entry_id                    2Q1K 
_atom_sites.fract_transf_matrix[1][1]   0.01185811 
_atom_sites.fract_transf_matrix[1][2]   0.00260125 
_atom_sites.fract_transf_matrix[1][3]   -0.00790151 
_atom_sites.fract_transf_matrix[2][1]   -0.00813230 
_atom_sites.fract_transf_matrix[2][2]   0.00652108 
_atom_sites.fract_transf_matrix[2][3]   -0.01005766 
_atom_sites.fract_transf_matrix[3][1]   0.00115085 
_atom_sites.fract_transf_matrix[3][2]   0.00832700 
_atom_sites.fract_transf_matrix[3][3]   0.00446844 
_atom_sites.fract_transf_vector[1]      -0.000499 
_atom_sites.fract_transf_vector[2]      0.496102 
_atom_sites.fract_transf_vector[3]      0.382673 
# 
loop_
_atom_type.symbol 
C  
N  
O  
SE 
# 
loop_
_atom_site.group_PDB 
_atom_site.id 
_atom_site.type_symbol 
_atom_site.label_atom_id 
_atom_site.label_alt_id 
_atom_site.label_comp_id 
_atom_site.label_asym_id 
_atom_site.label_entity_id 
_atom_site.label_seq_id 
_atom_site.pdbx_PDB_ins_code 
_atom_site.Cartn_x 
_atom_site.Cartn_y 
_atom_site.Cartn_z 
_atom_site.occupancy 
_atom_site.B_iso_or_equiv 
_atom_site.pdbx_formal_charge 
_atom_site.auth_seq_id 
_atom_site.auth_comp_id 
_atom_site.auth_asym_id 
_atom_site.auth_atom_id 
_atom_site.pdbx_PDB_model_num 
ATOM   1    N  N   . PRO A 1 14 ? -11.148 -2.813  16.790  1.00 55.01  ? 14 PRO A N   1 
ATOM   2    C  CA  . PRO A 1 14 ? -9.861  -3.525  16.831  1.00 54.73  ? 14 PRO A CA  1 
ATOM   3    C  C   . PRO A 1 14 ? -8.700  -2.650  16.346  1.00 55.27  ? 14 PRO A C   1 
ATOM   4    O  O   . PRO A 1 14 ? -8.804  -1.423  16.284  1.00 54.54  ? 14 PRO A O   1 
ATOM   5    C  CB  . PRO A 1 14 ? -10.012 -4.761  15.943  1.00 55.69  ? 14 PRO A CB  1 
ATOM   6    C  CG  . PRO A 1 14 ? -11.501 -5.020  16.036  1.00 55.22  ? 14 PRO A CG  1 
ATOM   7    C  CD  . PRO A 1 14 ? -12.127 -3.611  16.025  1.00 57.16  ? 14 PRO A CD  1 
ATOM   8    N  N   . VAL A 1 15 ? -7.590  -3.306  16.014  1.00 75.87  ? 15 VAL A N   1 
ATOM   9    C  CA  . VAL A 1 15 ? -6.387  -2.648  15.513  1.00 75.87  ? 15 VAL A CA  1 
ATOM   10   C  C   . VAL A 1 15 ? -6.423  -2.779  13.989  1.00 75.87  ? 15 VAL A C   1 
ATOM   11   O  O   . VAL A 1 15 ? -5.539  -2.313  13.273  1.00 110.47 ? 15 VAL A O   1 
ATOM   12   C  CB  . VAL A 1 15 ? -5.123  -3.326  16.106  1.00 39.15  ? 15 VAL A CB  1 
ATOM   13   C  CG1 . VAL A 1 15 ? -3.867  -2.855  15.399  1.00 39.15  ? 15 VAL A CG1 1 
ATOM   14   C  CG2 . VAL A 1 15 ? -5.022  -2.991  17.591  1.00 39.15  ? 15 VAL A CG2 1 
ATOM   15   N  N   . PHE A 1 16 ? -7.491  -3.408  13.518  1.00 42.85  ? 16 PHE A N   1 
ATOM   16   C  CA  . PHE A 1 16 ? -7.737  -3.634  12.096  1.00 42.85  ? 16 PHE A CA  1 
ATOM   17   C  C   . PHE A 1 16 ? -8.237  -2.359  11.403  1.00 42.85  ? 16 PHE A C   1 
ATOM   18   O  O   . PHE A 1 16 ? -7.621  -1.855  10.466  1.00 71.08  ? 16 PHE A O   1 
ATOM   19   C  CB  . PHE A 1 16 ? -8.793  -4.725  11.948  1.00 62.07  ? 16 PHE A CB  1 
ATOM   20   C  CG  . PHE A 1 16 ? -8.726  -5.453  10.663  1.00 62.07  ? 16 PHE A CG  1 
ATOM   21   C  CD1 . PHE A 1 16 ? -7.944  -6.592  10.552  1.00 62.07  ? 16 PHE A CD1 1 
ATOM   22   C  CD2 . PHE A 1 16 ? -9.444  -5.014  9.560   1.00 62.07  ? 16 PHE A CD2 1 
ATOM   23   C  CE1 . PHE A 1 16 ? -7.876  -7.298  9.354   1.00 62.07  ? 16 PHE A CE1 1 
ATOM   24   C  CE2 . PHE A 1 16 ? -9.386  -5.704  8.354   1.00 62.07  ? 16 PHE A CE2 1 
ATOM   25   C  CZ  . PHE A 1 16 ? -8.598  -6.854  8.249   1.00 62.07  ? 16 PHE A CZ  1 
ATOM   26   N  N   . ALA A 1 17 ? -9.377  -1.866  11.874  1.00 36.11  ? 17 ALA A N   1 
ATOM   27   C  CA  . ALA A 1 17 ? -9.989  -0.664  11.334  1.00 34.43  ? 17 ALA A CA  1 
ATOM   28   C  C   . ALA A 1 17 ? -8.953  0.449   11.392  1.00 34.21  ? 17 ALA A C   1 
ATOM   29   O  O   . ALA A 1 17 ? -8.823  1.255   10.464  1.00 32.07  ? 17 ALA A O   1 
ATOM   30   C  CB  . ALA A 1 17 ? -11.212 -0.290  12.157  1.00 43.27  ? 17 ALA A CB  1 
ATOM   31   N  N   . ARG A 1 18 ? -8.210  0.480   12.492  1.00 43.81  ? 18 ARG A N   1 
ATOM   32   C  CA  . ARG A 1 18 ? -7.163  1.468   12.662  1.00 43.81  ? 18 ARG A CA  1 
ATOM   33   C  C   . ARG A 1 18 ? -6.136  1.331   11.526  1.00 43.81  ? 18 ARG A C   1 
ATOM   34   O  O   . ARG A 1 18 ? -5.600  2.326   11.045  1.00 66.69  ? 18 ARG A O   1 
ATOM   35   C  CB  . ARG A 1 18 ? -6.482  1.266   14.014  1.00 136.75 ? 18 ARG A CB  1 
ATOM   36   C  CG  . ARG A 1 18 ? -5.437  2.309   14.329  1.00 136.75 ? 18 ARG A CG  1 
ATOM   37   C  CD  . ARG A 1 18 ? -5.059  2.302   15.802  1.00 136.75 ? 18 ARG A CD  1 
ATOM   38   N  NE  . ARG A 1 18 ? -4.114  3.375   16.105  1.00 136.75 ? 18 ARG A NE  1 
ATOM   39   C  CZ  . ARG A 1 18 ? -3.702  3.694   17.328  1.00 136.75 ? 18 ARG A CZ  1 
ATOM   40   N  NH1 . ARG A 1 18 ? -4.150  3.025   18.382  1.00 136.75 ? 18 ARG A NH1 1 
ATOM   41   N  NH2 . ARG A 1 18 ? -2.837  4.687   17.493  1.00 136.75 ? 18 ARG A NH2 1 
ATOM   42   N  N   . GLU A 1 19 ? -5.883  0.098   11.089  1.00 43.51  ? 19 GLU A N   1 
ATOM   43   C  CA  . GLU A 1 19 ? -4.916  -0.158  10.037  1.00 43.51  ? 19 GLU A CA  1 
ATOM   44   C  C   . GLU A 1 19 ? -5.488  0.101   8.646   1.00 43.51  ? 19 GLU A C   1 
ATOM   45   O  O   . GLU A 1 19 ? -4.770  0.552   7.751   1.00 59.45  ? 19 GLU A O   1 
ATOM   46   C  CB  . GLU A 1 19 ? -4.409  -1.595  10.142  1.00 80.41  ? 19 GLU A CB  1 
ATOM   47   C  CG  . GLU A 1 19 ? -3.038  -1.779  9.551   1.00 80.41  ? 19 GLU A CG  1 
ATOM   48   C  CD  . GLU A 1 19 ? -2.149  -0.577  9.809   1.00 80.41  ? 19 GLU A CD  1 
ATOM   49   O  OE1 . GLU A 1 19 ? -2.127  -0.080  10.955  1.00 80.41  ? 19 GLU A OE1 1 
ATOM   50   O  OE2 . GLU A 1 19 ? -1.467  -0.131  8.864   1.00 80.41  ? 19 GLU A OE2 1 
ATOM   51   N  N   . LEU A 1 20 ? -6.769  -0.198  8.453   1.00 30.18  ? 20 LEU A N   1 
ATOM   52   C  CA  . LEU A 1 20 ? -7.407  0.061   7.163   1.00 28.98  ? 20 LEU A CA  1 
ATOM   53   C  C   . LEU A 1 20 ? -7.587  1.577   7.019   1.00 28.79  ? 20 LEU A C   1 
ATOM   54   O  O   . LEU A 1 20 ? -7.460  2.135   5.930   1.00 28.51  ? 20 LEU A O   1 
ATOM   55   C  CB  . LEU A 1 20 ? -8.768  -0.620  7.089   1.00 37.81  ? 20 LEU A CB  1 
ATOM   56   C  CG  . LEU A 1 20 ? -9.626  -0.151  5.923   1.00 36.68  ? 20 LEU A CG  1 
ATOM   57   C  CD1 . LEU A 1 20 ? -9.016  -0.611  4.608   1.00 38.02  ? 20 LEU A CD1 1 
ATOM   58   C  CD2 . LEU A 1 20 ? -11.007 -0.706  6.091   1.00 36.18  ? 20 LEU A CD2 1 
ATOM   59   N  N   . HIS A 1 21 ? -7.874  2.240   8.137   1.00 45.21  ? 21 HIS A N   1 
ATOM   60   C  CA  . HIS A 1 21 ? -8.054  3.688   8.137   1.00 43.25  ? 21 HIS A CA  1 
ATOM   61   C  C   . HIS A 1 21 ? -6.775  4.376   7.661   1.00 42.29  ? 21 HIS A C   1 
ATOM   62   O  O   . HIS A 1 21 ? -6.809  5.258   6.810   1.00 41.91  ? 21 HIS A O   1 
ATOM   63   C  CB  . HIS A 1 21 ? -8.420  4.168   9.541   1.00 25.50  ? 21 HIS A CB  1 
ATOM   64   C  CG  . HIS A 1 21 ? -8.832  5.600   9.597   1.00 26.23  ? 21 HIS A CG  1 
ATOM   65   N  ND1 . HIS A 1 21 ? -7.942  6.624   9.847   1.00 27.28  ? 21 HIS A ND1 1 
ATOM   66   C  CD2 . HIS A 1 21 ? -10.031 6.187   9.394   1.00 27.41  ? 21 HIS A CD2 1 
ATOM   67   C  CE1 . HIS A 1 21 ? -8.578  7.777   9.796   1.00 26.86  ? 21 HIS A CE1 1 
ATOM   68   N  NE2 . HIS A 1 21 ? -9.850  7.540   9.521   1.00 26.80  ? 21 HIS A NE2 1 
ATOM   69   N  N   . ALA A 1 22 ? -5.647  3.956   8.211   1.00 28.71  ? 22 ALA A N   1 
ATOM   70   C  CA  . ALA A 1 22 ? -4.354  4.515   7.839   1.00 28.01  ? 22 ALA A CA  1 
ATOM   71   C  C   . ALA A 1 22 ? -4.104  4.324   6.347   1.00 27.35  ? 22 ALA A C   1 
ATOM   72   O  O   . ALA A 1 22 ? -3.480  5.164   5.697   1.00 24.75  ? 22 ALA A O   1 
ATOM   73   C  CB  . ALA A 1 22 ? -3.249  3.846   8.641   1.00 23.15  ? 22 ALA A CB  1 
ATOM   74   N  N   . GLN A 1 23 ? -4.594  3.212   5.815   1.00 31.74  ? 23 GLN A N   1 
ATOM   75   C  CA  . GLN A 1 23 ? -4.443  2.901   4.407   1.00 31.02  ? 23 GLN A CA  1 
ATOM   76   C  C   . GLN A 1 23 ? -5.176  3.947   3.585   1.00 29.51  ? 23 GLN A C   1 
ATOM   77   O  O   . GLN A 1 23 ? -4.603  4.528   2.661   1.00 28.69  ? 23 GLN A O   1 
ATOM   78   C  CB  . GLN A 1 23 ? -5.040  1.524   4.106   1.00 90.31  ? 23 GLN A CB  1 
ATOM   79   C  CG  . GLN A 1 23 ? -4.084  0.361   4.253   1.00 97.07  ? 23 GLN A CG  1 
ATOM   80   C  CD  . GLN A 1 23 ? -2.937  0.443   3.268   1.00 102.57 ? 23 GLN A CD  1 
ATOM   81   O  OE1 . GLN A 1 23 ? -3.138  0.743   2.087   1.00 107.74 ? 23 GLN A OE1 1 
ATOM   82   N  NE2 . GLN A 1 23 ? -1.727  0.165   3.742   1.00 102.84 ? 23 GLN A NE2 1 
ATOM   83   N  N   . LEU A 1 24 ? -6.449  4.168   3.911   1.00 20.42  ? 24 LEU A N   1 
ATOM   84   C  CA  . LEU A 1 24 ? -7.273  5.141   3.196   1.00 19.51  ? 24 LEU A CA  1 
ATOM   85   C  C   . LEU A 1 24 ? -6.711  6.540   3.332   1.00 19.70  ? 24 LEU A C   1 
ATOM   86   O  O   . LEU A 1 24 ? -6.678  7.286   2.350   1.00 15.43  ? 24 LEU A O   1 
ATOM   87   C  CB  . LEU A 1 24 ? -8.704  5.129   3.716   1.00 31.35  ? 24 LEU A CB  1 
ATOM   88   C  CG  . LEU A 1 24 ? -9.414  3.780   3.651   1.00 30.86  ? 24 LEU A CG  1 
ATOM   89   C  CD1 . LEU A 1 24 ? -10.758 3.924   4.342   1.00 32.97  ? 24 LEU A CD1 1 
ATOM   90   C  CD2 . LEU A 1 24 ? -9.575  3.316   2.210   1.00 29.29  ? 24 LEU A CD2 1 
ATOM   91   N  N   . VAL A 1 25 ? -6.284  6.901   4.544   1.00 28.26  ? 25 VAL A N   1 
ATOM   92   C  CA  . VAL A 1 25 ? -5.683  8.209   4.755   1.00 28.26  ? 25 VAL A CA  1 
ATOM   93   C  C   . VAL A 1 25 ? -4.513  8.408   3.793   1.00 30.10  ? 25 VAL A C   1 
ATOM   94   O  O   . VAL A 1 25 ? -4.323  9.508   3.294   1.00 31.81  ? 25 VAL A O   1 
ATOM   95   C  CB  . VAL A 1 25 ? -5.200  8.388   6.196   1.00 20.98  ? 25 VAL A CB  1 
ATOM   96   C  CG1 . VAL A 1 25 ? -4.283  9.584   6.298   1.00 19.88  ? 25 VAL A CG1 1 
ATOM   97   C  CG2 . VAL A 1 25 ? -6.376  8.626   7.094   1.00 22.37  ? 25 VAL A CG2 1 
ATOM   98   N  N   . GLN A 1 26 ? -3.722  7.369   3.530   1.00 16.46  ? 26 GLN A N   1 
ATOM   99   C  CA  . GLN A 1 26 ? -2.615  7.512   2.575   1.00 18.67  ? 26 GLN A CA  1 
ATOM   100  C  C   . GLN A 1 26 ? -3.189  7.739   1.174   1.00 19.54  ? 26 GLN A C   1 
ATOM   101  O  O   . GLN A 1 26 ? -2.634  8.495   0.382   1.00 19.44  ? 26 GLN A O   1 
ATOM   102  C  CB  . GLN A 1 26 ? -1.730  6.266   2.529   1.00 33.48  ? 26 GLN A CB  1 
ATOM   103  C  CG  . GLN A 1 26 ? -0.834  6.066   3.719   1.00 39.18  ? 26 GLN A CG  1 
ATOM   104  C  CD  . GLN A 1 26 ? -0.059  7.305   4.059   1.00 42.87  ? 26 GLN A CD  1 
ATOM   105  O  OE1 . GLN A 1 26 ? -0.543  8.158   4.810   1.00 43.70  ? 26 GLN A OE1 1 
ATOM   106  N  NE2 . GLN A 1 26 ? 1.149   7.429   3.502   1.00 41.58  ? 26 GLN A NE2 1 
ATOM   107  N  N   . ALA A 1 27 ? -4.292  7.074   0.860   1.00 23.73  ? 27 ALA A N   1 
ATOM   108  C  CA  . ALA A 1 27 ? -4.905  7.247   -0.450  1.00 24.90  ? 27 ALA A CA  1 
ATOM   109  C  C   . ALA A 1 27 ? -5.346  8.703   -0.637  1.00 25.43  ? 27 ALA A C   1 
ATOM   110  O  O   . ALA A 1 27 ? -5.233  9.263   -1.726  1.00 25.09  ? 27 ALA A O   1 
ATOM   111  C  CB  . ALA A 1 27 ? -6.104  6.304   -0.607  1.00 36.08  ? 27 ALA A CB  1 
ATOM   112  N  N   . LEU A 1 28 ? -5.859  9.319   0.423   1.00 36.69  ? 28 LEU A N   1 
ATOM   113  C  CA  . LEU A 1 28 ? -6.280  10.705  0.332   1.00 37.00  ? 28 LEU A CA  1 
ATOM   114  C  C   . LEU A 1 28 ? -5.043  11.544  0.044   1.00 37.52  ? 28 LEU A C   1 
ATOM   115  O  O   . LEU A 1 28 ? -5.092  12.488  -0.736  1.00 37.65  ? 28 LEU A O   1 
ATOM   116  C  CB  . LEU A 1 28 ? -6.928  11.168  1.636   1.00 38.17  ? 28 LEU A CB  1 
ATOM   117  C  CG  . LEU A 1 28 ? -8.413  11.488  1.566   1.00 38.83  ? 28 LEU A CG  1 
ATOM   118  C  CD1 . LEU A 1 28 ? -8.904  11.963  2.914   1.00 39.07  ? 28 LEU A CD1 1 
ATOM   119  C  CD2 . LEU A 1 28 ? -8.631  12.554  0.541   1.00 38.65  ? 28 LEU A CD2 1 
ATOM   120  N  N   . GLY A 1 29 ? -3.932  11.193  0.680   1.00 23.92  ? 29 GLY A N   1 
ATOM   121  C  CA  . GLY A 1 29 ? -2.702  11.924  0.454   1.00 23.77  ? 29 GLY A CA  1 
ATOM   122  C  C   . GLY A 1 29 ? -2.360  11.928  -1.022  1.00 24.16  ? 29 GLY A C   1 
ATOM   123  O  O   . GLY A 1 29 ? -1.933  12.940  -1.559  1.00 25.34  ? 29 GLY A O   1 
ATOM   124  N  N   . ASP A 1 30 ? -2.545  10.800  -1.700  1.00 34.59  ? 30 ASP A N   1 
ATOM   125  C  CA  . ASP A 1 30 ? -2.239  10.762  -3.123  1.00 35.31  ? 30 ASP A CA  1 
ATOM   126  C  C   . ASP A 1 30 ? -3.171  11.702  -3.849  1.00 33.47  ? 30 ASP A C   1 
ATOM   127  O  O   . ASP A 1 30 ? -2.743  12.454  -4.698  1.00 31.36  ? 30 ASP A O   1 
ATOM   128  C  CB  . ASP A 1 30 ? -2.377  9.350   -3.675  1.00 74.92  ? 30 ASP A CB  1 
ATOM   129  C  CG  . ASP A 1 30 ? -1.546  8.353   -2.904  1.00 80.00  ? 30 ASP A CG  1 
ATOM   130  O  OD1 . ASP A 1 30 ? -0.441  8.731   -2.454  1.00 80.80  ? 30 ASP A OD1 1 
ATOM   131  O  OD2 . ASP A 1 30 ? -1.991  7.195   -2.752  1.00 84.78  ? 30 ASP A OD2 1 
ATOM   132  N  N   . VAL A 1 31 ? -4.449  11.677  -3.498  1.00 25.19  ? 31 VAL A N   1 
ATOM   133  C  CA  . VAL A 1 31 ? -5.404  12.560  -4.152  1.00 24.73  ? 31 VAL A CA  1 
ATOM   134  C  C   . VAL A 1 31 ? -5.026  14.009  -3.889  1.00 26.93  ? 31 VAL A C   1 
ATOM   135  O  O   . VAL A 1 31 ? -4.832  14.794  -4.828  1.00 28.46  ? 31 VAL A O   1 
ATOM   136  C  CB  . VAL A 1 31 ? -6.828  12.325  -3.643  1.00 34.46  ? 31 VAL A CB  1 
ATOM   137  C  CG1 . VAL A 1 31 ? -7.770  13.362  -4.237  1.00 31.16  ? 31 VAL A CG1 1 
ATOM   138  C  CG2 . VAL A 1 31 ? -7.277  10.918  -4.016  1.00 32.70  ? 31 VAL A CG2 1 
ATOM   139  N  N   . LYS A 1 32 ? -4.916  14.356  -2.608  1.00 33.88  ? 32 LYS A N   1 
ATOM   140  C  CA  . LYS A 1 32 ? -4.546  15.701  -2.221  1.00 35.04  ? 32 LYS A CA  1 
ATOM   141  C  C   . LYS A 1 32 ? -3.328  16.167  -2.981  1.00 35.21  ? 32 LYS A C   1 
ATOM   142  O  O   . LYS A 1 32 ? -3.289  17.297  -3.444  1.00 35.95  ? 32 LYS A O   1 
ATOM   143  C  CB  . LYS A 1 32 ? -4.301  15.792  -0.712  1.00 37.86  ? 32 LYS A CB  1 
ATOM   144  C  CG  . LYS A 1 32 ? -5.583  16.010  0.064   1.00 38.42  ? 32 LYS A CG  1 
ATOM   145  C  CD  . LYS A 1 32 ? -5.384  16.232  1.555   1.00 38.61  ? 32 LYS A CD  1 
ATOM   146  C  CE  . LYS A 1 32 ? -5.183  14.943  2.317   1.00 39.72  ? 32 LYS A CE  1 
ATOM   147  N  NZ  . LYS A 1 32 ? -5.572  15.186  3.739   1.00 38.50  ? 32 LYS A NZ  1 
ATOM   148  N  N   . ARG A 1 33 ? -2.324  15.317  -3.127  1.00 35.36  ? 33 ARG A N   1 
ATOM   149  C  CA  . ARG A 1 33 ? -1.150  15.749  -3.861  1.00 36.42  ? 33 ARG A CA  1 
ATOM   150  C  C   . ARG A 1 33 ? -1.535  16.040  -5.307  1.00 36.44  ? 33 ARG A C   1 
ATOM   151  O  O   . ARG A 1 33 ? -1.180  17.075  -5.868  1.00 36.20  ? 33 ARG A O   1 
ATOM   152  C  CB  . ARG A 1 33 ? -0.054  14.691  -3.785  1.00 41.59  ? 33 ARG A CB  1 
ATOM   153  C  CG  . ARG A 1 33 ? 0.869   14.857  -2.590  1.00 44.47  ? 33 ARG A CG  1 
ATOM   154  C  CD  . ARG A 1 33 ? 1.759   13.638  -2.395  1.00 46.92  ? 33 ARG A CD  1 
ATOM   155  N  NE  . ARG A 1 33 ? 1.308   12.824  -1.268  1.00 49.50  ? 33 ARG A NE  1 
ATOM   156  C  CZ  . ARG A 1 33 ? 1.078   11.519  -1.335  1.00 51.22  ? 33 ARG A CZ  1 
ATOM   157  N  NH1 . ARG A 1 33 ? 1.264   10.877  -2.488  1.00 52.01  ? 33 ARG A NH1 1 
ATOM   158  N  NH2 . ARG A 1 33 ? 0.648   10.862  -0.258  1.00 51.59  ? 33 ARG A NH2 1 
ATOM   159  N  N   . ARG A 1 34 ? -2.295  15.140  -5.906  1.00 33.56  ? 34 ARG A N   1 
ATOM   160  C  CA  . ARG A 1 34 ? -2.720  15.333  -7.277  1.00 33.10  ? 34 ARG A CA  1 
ATOM   161  C  C   . ARG A 1 34 ? -3.386  16.684  -7.498  1.00 35.19  ? 34 ARG A C   1 
ATOM   162  O  O   . ARG A 1 34 ? -3.169  17.331  -8.518  1.00 36.39  ? 34 ARG A O   1 
ATOM   163  C  CB  . ARG A 1 34 ? -3.709  14.259  -7.683  1.00 33.97  ? 34 ARG A CB  1 
ATOM   164  C  CG  . ARG A 1 34 ? -4.311  14.522  -9.052  1.00 31.35  ? 34 ARG A CG  1 
ATOM   165  C  CD  . ARG A 1 34 ? -3.234  14.562  -10.092 1.00 28.79  ? 34 ARG A CD  1 
ATOM   166  N  NE  . ARG A 1 34 ? -3.797  14.920  -11.381 1.00 32.38  ? 34 ARG A NE  1 
ATOM   167  C  CZ  . ARG A 1 34 ? -4.361  16.092  -11.652 1.00 32.64  ? 34 ARG A CZ  1 
ATOM   168  N  NH1 . ARG A 1 34 ? -4.438  17.029  -10.720 1.00 32.96  ? 34 ARG A NH1 1 
ATOM   169  N  NH2 . ARG A 1 34 ? -4.851  16.327  -12.854 1.00 32.95  ? 34 ARG A NH2 1 
ATOM   170  N  N   . LEU A 1 35 ? -4.217  17.096  -6.551  1.00 25.18  ? 35 LEU A N   1 
ATOM   171  C  CA  . LEU A 1 35 ? -4.925  18.358  -6.684  1.00 25.67  ? 35 LEU A CA  1 
ATOM   172  C  C   . LEU A 1 35 ? -4.044  19.586  -6.665  1.00 26.05  ? 35 LEU A C   1 
ATOM   173  O  O   . LEU A 1 35 ? -4.527  20.662  -6.969  1.00 26.84  ? 35 LEU A O   1 
ATOM   174  C  CB  . LEU A 1 35 ? -5.983  18.488  -5.597  1.00 34.40  ? 35 LEU A CB  1 
ATOM   175  C  CG  . LEU A 1 35 ? -7.161  17.539  -5.742  1.00 33.55  ? 35 LEU A CG  1 
ATOM   176  C  CD1 . LEU A 1 35 ? -8.182  17.852  -4.655  1.00 35.70  ? 35 LEU A CD1 1 
ATOM   177  C  CD2 . LEU A 1 35 ? -7.768  17.701  -7.113  1.00 32.28  ? 35 LEU A CD2 1 
ATOM   178  N  N   . LEU A 1 36 ? -2.770  19.440  -6.297  1.00 54.81  ? 36 LEU A N   1 
ATOM   179  C  CA  . LEU A 1 36 ? -1.851  20.581  -6.249  1.00 54.70  ? 36 LEU A CA  1 
ATOM   180  C  C   . LEU A 1 36 ? -1.278  20.905  -7.613  1.00 54.98  ? 36 LEU A C   1 
ATOM   181  O  O   . LEU A 1 36 ? -0.782  22.001  -7.837  1.00 57.26  ? 36 LEU A O   1 
ATOM   182  C  CB  . LEU A 1 36 ? -0.681  20.320  -5.305  1.00 29.38  ? 36 LEU A CB  1 
ATOM   183  C  CG  . LEU A 1 36 ? -0.823  20.430  -3.785  1.00 26.75  ? 36 LEU A CG  1 
ATOM   184  C  CD1 . LEU A 1 36 ? 0.527   20.116  -3.180  1.00 25.78  ? 36 LEU A CD1 1 
ATOM   185  C  CD2 . LEU A 1 36 ? -1.303  21.812  -3.364  1.00 25.11  ? 36 LEU A CD2 1 
ATOM   186  N  N   . ARG A 1 37 ? -1.335  19.933  -8.515  1.00 32.52  ? 37 ARG A N   1 
ATOM   187  C  CA  . ARG A 1 37 ? -0.827  20.083  -9.878  1.00 32.52  ? 37 ARG A CA  1 
ATOM   188  C  C   . ARG A 1 37 ? -1.871  20.664  -10.819 1.00 32.52  ? 37 ARG A C   1 
ATOM   189  O  O   . ARG A 1 37 ? -1.589  20.911  -11.980 1.00 46.19  ? 37 ARG A O   1 
ATOM   190  C  CB  . ARG A 1 37 ? -0.344  18.738  -10.403 1.00 65.81  ? 37 ARG A CB  1 
ATOM   191  C  CG  . ARG A 1 37 ? 0.914   18.256  -9.725  1.00 65.81  ? 37 ARG A CG  1 
ATOM   192  C  CD  . ARG A 1 37 ? 1.015   16.757  -9.799  1.00 65.81  ? 37 ARG A CD  1 
ATOM   193  N  NE  . ARG A 1 37 ? 2.265   16.243  -9.243  1.00 65.81  ? 37 ARG A NE  1 
ATOM   194  C  CZ  . ARG A 1 37 ? 2.469   14.962  -8.942  1.00 65.81  ? 37 ARG A CZ  1 
ATOM   195  N  NH1 . ARG A 1 37 ? 1.502   14.065  -9.140  1.00 65.81  ? 37 ARG A NH1 1 
ATOM   196  N  NH2 . ARG A 1 37 ? 3.645   14.573  -8.460  1.00 65.81  ? 37 ARG A NH2 1 
ATOM   197  N  N   . GLY A 1 38 ? -3.077  20.878  -10.309 1.00 44.39  ? 38 GLY A N   1 
ATOM   198  C  CA  . GLY A 1 38 ? -4.131  21.468  -11.112 1.00 44.28  ? 38 GLY A CA  1 
ATOM   199  C  C   . GLY A 1 38 ? -4.597  20.724  -12.351 1.00 45.83  ? 38 GLY A C   1 
ATOM   200  O  O   . GLY A 1 38 ? -4.131  19.633  -12.685 1.00 44.68  ? 38 GLY A O   1 
ATOM   201  N  N   . GLY A 1 39 ? -5.542  21.352  -13.037 1.00 49.73  ? 39 GLY A N   1 
ATOM   202  C  CA  . GLY A 1 39 ? -6.107  20.786  -14.241 1.00 51.24  ? 39 GLY A CA  1 
ATOM   203  C  C   . GLY A 1 39 ? -7.403  21.500  -14.587 1.00 52.83  ? 39 GLY A C   1 
ATOM   204  O  O   . GLY A 1 39 ? -7.690  22.580  -14.072 1.00 53.93  ? 39 GLY A O   1 
ATOM   205  N  N   . THR A 1 40 ? -8.198  20.899  -15.458 1.00 44.43  ? 40 THR A N   1 
ATOM   206  C  CA  . THR A 1 40 ? -9.458  21.507  -15.844 1.00 45.09  ? 40 THR A CA  1 
ATOM   207  C  C   . THR A 1 40 ? -10.447 21.323  -14.704 1.00 46.60  ? 40 THR A C   1 
ATOM   208  O  O   . THR A 1 40 ? -10.133 20.658  -13.723 1.00 45.97  ? 40 THR A O   1 
ATOM   209  C  CB  . THR A 1 40 ? -10.021 20.844  -17.131 1.00 40.91  ? 40 THR A CB  1 
ATOM   210  O  OG1 . THR A 1 40 ? -10.388 19.486  -16.859 1.00 39.75  ? 40 THR A OG1 1 
ATOM   211  C  CG2 . THR A 1 40 ? -8.957  20.860  -18.244 1.00 40.77  ? 40 THR A CG2 1 
ATOM   212  N  N   . GLN A 1 41 ? -11.628 21.931  -14.821 1.00 42.14  ? 41 GLN A N   1 
ATOM   213  C  CA  . GLN A 1 41 ? -12.659 21.775  -13.805 1.00 42.64  ? 41 GLN A CA  1 
ATOM   214  C  C   . GLN A 1 41 ? -13.103 20.317  -13.892 1.00 42.28  ? 41 GLN A C   1 
ATOM   215  O  O   . GLN A 1 41 ? -13.616 19.741  -12.934 1.00 42.40  ? 41 GLN A O   1 
ATOM   216  C  CB  . GLN A 1 41 ? -13.840 22.707  -14.083 1.00 62.79  ? 41 GLN A CB  1 
ATOM   217  C  CG  . GLN A 1 41 ? -13.694 24.108  -13.510 1.00 64.96  ? 41 GLN A CG  1 
ATOM   218  C  CD  . GLN A 1 41 ? -13.500 24.110  -11.999 1.00 68.49  ? 41 GLN A CD  1 
ATOM   219  O  OE1 . GLN A 1 41 ? -14.235 23.444  -11.259 1.00 69.05  ? 41 GLN A OE1 1 
ATOM   220  N  NE2 . GLN A 1 41 ? -12.514 24.868  -11.532 1.00 69.00  ? 41 GLN A NE2 1 
ATOM   221  N  N   . GLN A 1 42 ? -12.887 19.730  -15.064 1.00 47.76  ? 42 GLN A N   1 
ATOM   222  C  CA  . GLN A 1 42 ? -13.220 18.337  -15.320 1.00 48.75  ? 42 GLN A CA  1 
ATOM   223  C  C   . GLN A 1 42 ? -12.385 17.463  -14.386 1.00 48.71  ? 42 GLN A C   1 
ATOM   224  O  O   . GLN A 1 42 ? -12.921 16.706  -13.568 1.00 49.56  ? 42 GLN A O   1 
ATOM   225  C  CB  . GLN A 1 42 ? -12.897 18.000  -16.779 1.00 93.62  ? 42 GLN A CB  1 
ATOM   226  C  CG  . GLN A 1 42 ? -12.998 16.531  -17.156 1.00 96.97  ? 42 GLN A CG  1 
ATOM   227  C  CD  . GLN A 1 42 ? -14.420 16.017  -17.134 1.00 100.24 ? 42 GLN A CD  1 
ATOM   228  O  OE1 . GLN A 1 42 ? -15.033 15.894  -16.074 1.00 101.51 ? 42 GLN A OE1 1 
ATOM   229  N  NE2 . GLN A 1 42 ? -14.958 15.718  -18.312 1.00 101.36 ? 42 GLN A NE2 1 
ATOM   230  N  N   . GLN A 1 43 ? -11.067 17.595  -14.497 1.00 42.91  ? 43 GLN A N   1 
ATOM   231  C  CA  . GLN A 1 43 ? -10.150 16.809  -13.685 1.00 41.14  ? 43 GLN A CA  1 
ATOM   232  C  C   . GLN A 1 43 ? -10.358 17.011  -12.190 1.00 40.81  ? 43 GLN A C   1 
ATOM   233  O  O   . GLN A 1 43 ? -10.297 16.056  -11.418 1.00 40.03  ? 43 GLN A O   1 
ATOM   234  C  CB  . GLN A 1 43 ? -8.704  17.133  -14.068 1.00 42.27  ? 43 GLN A CB  1 
ATOM   235  C  CG  . GLN A 1 43 ? -8.505  17.246  -15.573 1.00 43.27  ? 43 GLN A CG  1 
ATOM   236  C  CD  . GLN A 1 43 ? -7.073  17.517  -15.963 1.00 44.36  ? 43 GLN A CD  1 
ATOM   237  O  OE1 . GLN A 1 43 ? -6.243  16.607  -15.973 1.00 45.56  ? 43 GLN A OE1 1 
ATOM   238  N  NE2 . GLN A 1 43 ? -6.767  18.777  -16.285 1.00 44.69  ? 43 GLN A NE2 1 
ATOM   239  N  N   . TYR A 1 44 ? -10.610 18.247  -11.775 1.00 50.45  ? 44 TYR A N   1 
ATOM   240  C  CA  . TYR A 1 44 ? -10.813 18.531  -10.364 1.00 49.83  ? 44 TYR A CA  1 
ATOM   241  C  C   . TYR A 1 44 ? -11.993 17.763  -9.798  1.00 49.17  ? 44 TYR A C   1 
ATOM   242  O  O   . TYR A 1 44 ? -11.890 17.133  -8.745  1.00 48.40  ? 44 TYR A O   1 
ATOM   243  C  CB  . TYR A 1 44 ? -11.031 20.017  -10.153 1.00 68.91  ? 44 TYR A CB  1 
ATOM   244  C  CG  . TYR A 1 44 ? -9.758  20.811  -10.131 1.00 72.17  ? 44 TYR A CG  1 
ATOM   245  C  CD1 . TYR A 1 44 ? -8.902  20.758  -9.036  1.00 72.61  ? 44 TYR A CD1 1 
ATOM   246  C  CD2 . TYR A 1 44 ? -9.409  21.633  -11.201 1.00 72.99  ? 44 TYR A CD2 1 
ATOM   247  C  CE1 . TYR A 1 44 ? -7.724  21.516  -9.005  1.00 71.32  ? 44 TYR A CE1 1 
ATOM   248  C  CE2 . TYR A 1 44 ? -8.239  22.388  -11.179 1.00 71.06  ? 44 TYR A CE2 1 
ATOM   249  C  CZ  . TYR A 1 44 ? -7.409  22.325  -10.080 1.00 71.43  ? 44 TYR A CZ  1 
ATOM   250  O  OH  . TYR A 1 44 ? -6.276  23.084  -10.061 1.00 71.36  ? 44 TYR A OH  1 
ATOM   251  N  N   . GLN A 1 45 ? -13.121 17.823  -10.496 1.00 40.68  ? 45 GLN A N   1 
ATOM   252  C  CA  . GLN A 1 45 ? -14.322 17.118  -10.056 1.00 40.90  ? 45 GLN A CA  1 
ATOM   253  C  C   . GLN A 1 45 ? -14.062 15.608  -10.027 1.00 39.17  ? 45 GLN A C   1 
ATOM   254  O  O   . GLN A 1 45 ? -14.423 14.932  -9.067  1.00 37.96  ? 45 GLN A O   1 
ATOM   255  C  CB  . GLN A 1 45 ? -15.482 17.421  -10.991 1.00 53.25  ? 45 GLN A CB  1 
ATOM   256  C  CG  . GLN A 1 45 ? -16.737 16.680  -10.638 1.00 55.44  ? 45 GLN A CG  1 
ATOM   257  C  CD  . GLN A 1 45 ? -17.700 16.590  -11.801 1.00 58.79  ? 45 GLN A CD  1 
ATOM   258  O  OE1 . GLN A 1 45 ? -18.742 15.938  -11.707 1.00 60.34  ? 45 GLN A OE1 1 
ATOM   259  N  NE2 . GLN A 1 45 ? -17.357 17.241  -12.912 1.00 60.20  ? 45 GLN A NE2 1 
ATOM   260  N  N   . GLN A 1 46 ? -13.437 15.078  -11.076 1.00 31.56  ? 46 GLN A N   1 
ATOM   261  C  CA  . GLN A 1 46 ? -13.136 13.653  -11.108 1.00 30.61  ? 46 GLN A CA  1 
ATOM   262  C  C   . GLN A 1 46 ? -12.339 13.240  -9.882  1.00 29.20  ? 46 GLN A C   1 
ATOM   263  O  O   . GLN A 1 46 ? -12.632 12.215  -9.277  1.00 28.36  ? 46 GLN A O   1 
ATOM   264  C  CB  . GLN A 1 46 ? -12.366 13.286  -12.377 1.00 60.33  ? 46 GLN A CB  1 
ATOM   265  C  CG  . GLN A 1 46 ? -13.265 12.938  -13.550 1.00 63.48  ? 46 GLN A CG  1 
ATOM   266  C  CD  . GLN A 1 46 ? -12.499 12.665  -14.831 1.00 66.43  ? 46 GLN A CD  1 
ATOM   267  O  OE1 . GLN A 1 46 ? -13.084 12.272  -15.838 1.00 67.25  ? 46 GLN A OE1 1 
ATOM   268  N  NE2 . GLN A 1 46 ? -11.185 12.882  -14.801 1.00 66.46  ? 46 GLN A NE2 1 
ATOM   269  N  N   . TRP A 1 47 ? -11.342 14.046  -9.510  1.00 30.43  ? 47 TRP A N   1 
ATOM   270  C  CA  . TRP A 1 47 ? -10.508 13.743  -8.344  1.00 27.94  ? 47 TRP A CA  1 
ATOM   271  C  C   . TRP A 1 47 ? -11.217 14.010  -7.055  1.00 27.98  ? 47 TRP A C   1 
ATOM   272  O  O   . TRP A 1 47 ? -10.938 13.381  -6.056  1.00 28.29  ? 47 TRP A O   1 
ATOM   273  C  CB  . TRP A 1 47 ? -9.195  14.516  -8.388  1.00 24.97  ? 47 TRP A CB  1 
ATOM   274  C  CG  . TRP A 1 47 ? -8.298  13.929  -9.397  1.00 25.42  ? 47 TRP A CG  1 
ATOM   275  C  CD1 . TRP A 1 47 ? -8.082  14.375  -10.672 1.00 24.18  ? 47 TRP A CD1 1 
ATOM   276  C  CD2 . TRP A 1 47 ? -7.572  12.713  -9.268  1.00 23.22  ? 47 TRP A CD2 1 
ATOM   277  N  NE1 . TRP A 1 47 ? -7.270  13.508  -11.337 1.00 24.51  ? 47 TRP A NE1 1 
ATOM   278  C  CE2 . TRP A 1 47 ? -6.936  12.475  -10.498 1.00 24.29  ? 47 TRP A CE2 1 
ATOM   279  C  CE3 . TRP A 1 47 ? -7.392  11.804  -8.229  1.00 23.39  ? 47 TRP A CE3 1 
ATOM   280  C  CZ2 . TRP A 1 47 ? -6.130  11.353  -10.721 1.00 24.58  ? 47 TRP A CZ2 1 
ATOM   281  C  CZ3 . TRP A 1 47 ? -6.591  10.690  -8.449  1.00 25.03  ? 47 TRP A CZ3 1 
ATOM   282  C  CH2 . TRP A 1 47 ? -5.968  10.477  -9.684  1.00 25.00  ? 47 TRP A CH2 1 
ATOM   283  N  N   . GLN A 1 48 ? -12.139 14.952  -7.066  1.00 32.46  ? 48 GLN A N   1 
ATOM   284  C  CA  . GLN A 1 48 ? -12.885 15.216  -5.863  1.00 35.33  ? 48 GLN A CA  1 
ATOM   285  C  C   . GLN A 1 48 ? -13.838 14.028  -5.684  1.00 36.20  ? 48 GLN A C   1 
ATOM   286  O  O   . GLN A 1 48 ? -14.163 13.640  -4.569  1.00 35.87  ? 48 GLN A O   1 
ATOM   287  C  CB  . GLN A 1 48 ? -13.639 16.537  -6.003  1.00 33.40  ? 48 GLN A CB  1 
ATOM   288  C  CG  . GLN A 1 48 ? -12.983 17.666  -5.235  1.00 37.37  ? 48 GLN A CG  1 
ATOM   289  C  CD  . GLN A 1 48 ? -12.896 18.962  -6.030  1.00 39.63  ? 48 GLN A CD  1 
ATOM   290  O  OE1 . GLN A 1 48 ? -13.888 19.439  -6.589  1.00 40.94  ? 48 GLN A OE1 1 
ATOM   291  N  NE2 . GLN A 1 48 ? -11.705 19.546  -6.070  1.00 37.88  ? 48 GLN A NE2 1 
ATOM   292  N  N   . GLN A 1 49 ? -14.261 13.430  -6.792  1.00 37.27  ? 49 GLN A N   1 
ATOM   293  C  CA  . GLN A 1 49 ? -15.155 12.282  -6.743  1.00 37.89  ? 49 GLN A CA  1 
ATOM   294  C  C   . GLN A 1 49 ? -14.391 11.094  -6.152  1.00 36.19  ? 49 GLN A C   1 
ATOM   295  O  O   . GLN A 1 49 ? -14.943 10.298  -5.396  1.00 35.24  ? 49 GLN A O   1 
ATOM   296  C  CB  . GLN A 1 49 ? -15.645 11.957  -8.153  1.00 88.90  ? 49 GLN A CB  1 
ATOM   297  C  CG  . GLN A 1 49 ? -17.012 11.301  -8.218  1.00 93.88  ? 49 GLN A CG  1 
ATOM   298  C  CD  . GLN A 1 49 ? -17.507 11.147  -9.651  1.00 98.91  ? 49 GLN A CD  1 
ATOM   299  O  OE1 . GLN A 1 49 ? -17.638 12.129  -10.386 1.00 100.66 ? 49 GLN A OE1 1 
ATOM   300  N  NE2 . GLN A 1 49 ? -17.780 9.912   -10.054 1.00 99.29  ? 49 GLN A NE2 1 
ATOM   301  N  N   . GLU A 1 50 ? -13.108 10.985  -6.487  1.00 29.71  ? 50 GLU A N   1 
ATOM   302  C  CA  . GLU A 1 50 ? -12.289 9.897   -5.963  1.00 28.16  ? 50 GLU A CA  1 
ATOM   303  C  C   . GLU A 1 50 ? -12.143 10.118  -4.471  1.00 27.09  ? 50 GLU A C   1 
ATOM   304  O  O   . GLU A 1 50 ? -12.243 9.180   -3.671  1.00 26.16  ? 50 GLU A O   1 
ATOM   305  C  CB  . GLU A 1 50 ? -10.909 9.889   -6.616  1.00 50.80  ? 50 GLU A CB  1 
ATOM   306  C  CG  . GLU A 1 50 ? -10.511 8.554   -7.238  1.00 52.93  ? 50 GLU A CG  1 
ATOM   307  C  CD  . GLU A 1 50 ? -10.335 7.455   -6.212  1.00 53.30  ? 50 GLU A CD  1 
ATOM   308  O  OE1 . GLU A 1 50 ? -11.330 7.053   -5.584  1.00 53.48  ? 50 GLU A OE1 1 
ATOM   309  O  OE2 . GLU A 1 50 ? -9.195  6.989   -6.030  1.00 54.67  ? 50 GLU A OE2 1 
ATOM   310  N  N   . ALA A 1 51 ? -11.926 11.376  -4.101  1.00 22.04  ? 51 ALA A N   1 
ATOM   311  C  CA  . ALA A 1 51 ? -11.758 11.731  -2.709  1.00 19.20  ? 51 ALA A CA  1 
ATOM   312  C  C   . ALA A 1 51 ? -13.011 11.409  -1.919  1.00 19.08  ? 51 ALA A C   1 
ATOM   313  O  O   . ALA A 1 51 ? -12.931 10.955  -0.781  1.00 17.58  ? 51 ALA A O   1 
ATOM   314  C  CB  . ALA A 1 51 ? -11.406 13.203  -2.583  1.00 99.03  ? 51 ALA A CB  1 
ATOM   315  N  N   . ASP A 1 52 ? -14.172 11.612  -2.523  1.00 19.96  ? 52 ASP A N   1 
ATOM   316  C  CA  . ASP A 1 52 ? -15.417 11.324  -1.825  1.00 21.07  ? 52 ASP A CA  1 
ATOM   317  C  C   . ASP A 1 52 ? -15.526 9.833   -1.533  1.00 20.19  ? 52 ASP A C   1 
ATOM   318  O  O   . ASP A 1 52 ? -15.881 9.418   -0.420  1.00 19.89  ? 52 ASP A O   1 
ATOM   319  C  CB  . ASP A 1 52 ? -16.617 11.784  -2.649  1.00 58.17  ? 52 ASP A CB  1 
ATOM   320  C  CG  . ASP A 1 52 ? -16.736 13.294  -2.703  1.00 62.06  ? 52 ASP A CG  1 
ATOM   321  O  OD1 . ASP A 1 52 ? -16.498 13.952  -1.672  1.00 63.10  ? 52 ASP A OD1 1 
ATOM   322  O  OD2 . ASP A 1 52 ? -17.081 13.832  -3.771  1.00 64.37  ? 52 ASP A OD2 1 
ATOM   323  N  N   . ALA A 1 53 ? -15.226 9.023   -2.539  1.00 14.46  ? 53 ALA A N   1 
ATOM   324  C  CA  . ALA A 1 53 ? -15.259 7.581   -2.385  1.00 14.26  ? 53 ALA A CA  1 
ATOM   325  C  C   . ALA A 1 53 ? -14.369 7.176   -1.219  1.00 16.08  ? 53 ALA A C   1 
ATOM   326  O  O   . ALA A 1 53 ? -14.792 6.410   -0.362  1.00 17.93  ? 53 ALA A O   1 
ATOM   327  C  CB  . ALA A 1 53 ? -14.781 6.893   -3.677  1.00 30.74  ? 53 ALA A CB  1 
ATOM   328  N  N   . ILE A 1 54 ? -13.141 7.688   -1.173  1.00 25.86  ? 54 ILE A N   1 
ATOM   329  C  CA  . ILE A 1 54 ? -12.235 7.327   -0.078  1.00 25.17  ? 54 ILE A CA  1 
ATOM   330  C  C   . ILE A 1 54 ? -12.768 7.791   1.265   1.00 26.92  ? 54 ILE A C   1 
ATOM   331  O  O   . ILE A 1 54 ? -12.697 7.069   2.250   1.00 27.32  ? 54 ILE A O   1 
ATOM   332  C  CB  . ILE A 1 54 ? -10.791 7.903   -0.279  1.00 10.13  ? 54 ILE A CB  1 
ATOM   333  C  CG1 . ILE A 1 54 ? -10.121 7.260   -1.486  1.00 7.20   ? 54 ILE A CG1 1 
ATOM   334  C  CG2 . ILE A 1 54 ? -9.898  7.519   0.885   1.00 5.48   ? 54 ILE A CG2 1 
ATOM   335  C  CD1 . ILE A 1 54 ? -8.903  7.962   -1.901  1.00 7.48   ? 54 ILE A CD1 1 
ATOM   336  N  N   . GLU A 1 55 ? -13.310 9.000   1.295   1.00 30.23  ? 55 GLU A N   1 
ATOM   337  C  CA  . GLU A 1 55 ? -13.864 9.550   2.528   1.00 31.42  ? 55 GLU A CA  1 
ATOM   338  C  C   . GLU A 1 55 ? -15.053 8.721   2.966   1.00 29.24  ? 55 GLU A C   1 
ATOM   339  O  O   . GLU A 1 55 ? -15.254 8.510   4.149   1.00 29.40  ? 55 GLU A O   1 
ATOM   340  C  CB  . GLU A 1 55 ? -14.252 11.015  2.321   1.00 45.00  ? 55 GLU A CB  1 
ATOM   341  C  CG  . GLU A 1 55 ? -13.051 11.861  1.926   1.00 51.89  ? 55 GLU A CG  1 
ATOM   342  C  CD  . GLU A 1 55 ? -13.387 13.295  1.613   1.00 57.68  ? 55 GLU A CD  1 
ATOM   343  O  OE1 . GLU A 1 55 ? -14.272 13.533  0.766   1.00 60.19  ? 55 GLU A OE1 1 
ATOM   344  O  OE2 . GLU A 1 55 ? -12.750 14.190  2.203   1.00 61.78  ? 55 GLU A OE2 1 
ATOM   345  N  N   . ALA A 1 56 ? -15.838 8.239   2.010   1.00 25.73  ? 56 ALA A N   1 
ATOM   346  C  CA  . ALA A 1 56 ? -16.979 7.388   2.320   1.00 26.04  ? 56 ALA A CA  1 
ATOM   347  C  C   . ALA A 1 56 ? -16.427 6.117   2.998   1.00 26.43  ? 56 ALA A C   1 
ATOM   348  O  O   . ALA A 1 56 ? -16.982 5.606   3.966   1.00 25.56  ? 56 ALA A O   1 
ATOM   349  C  CB  . ALA A 1 56 ? -17.683 7.042   1.052   1.00 17.20  ? 56 ALA A CB  1 
ATOM   350  N  N   . GLY A 1 57 ? -15.315 5.617   2.473   1.00 27.98  ? 57 GLY A N   1 
ATOM   351  C  CA  . GLY A 1 57 ? -14.690 4.452   3.062   1.00 29.08  ? 57 GLY A CA  1 
ATOM   352  C  C   . GLY A 1 57 ? -14.299 4.749   4.500   1.00 30.10  ? 57 GLY A C   1 
ATOM   353  O  O   . GLY A 1 57 ? -14.546 3.947   5.386   1.00 28.71  ? 57 GLY A O   1 
HETATM 354  N  N   . MSE A 1 58 ? -13.692 5.908   4.740   1.00 31.78  ? 58 MSE A N   1 
HETATM 355  C  CA  . MSE A 1 58 ? -13.289 6.279   6.090   1.00 31.78  ? 58 MSE A CA  1 
HETATM 356  C  C   . MSE A 1 58 ? -14.519 6.358   7.001   1.00 31.78  ? 58 MSE A C   1 
HETATM 357  O  O   . MSE A 1 58 ? -14.477 5.917   8.146   1.00 42.06  ? 58 MSE A O   1 
HETATM 358  C  CB  . MSE A 1 58 ? -12.531 7.603   6.057   1.00 70.23  ? 58 MSE A CB  1 
HETATM 359  C  CG  . MSE A 1 58 ? -11.142 7.466   5.461   1.00 70.23  ? 58 MSE A CG  1 
HETATM 360  SE SE  . MSE A 1 58 ? -10.245 9.145   5.213   1.00 70.23  ? 58 MSE A SE  1 
HETATM 361  C  CE  . MSE A 1 58 ? -9.020  8.670   3.818   1.00 70.23  ? 58 MSE A CE  1 
ATOM   362  N  N   . ASN A 1 59 ? -15.626 6.890   6.485   1.00 51.63  ? 59 ASN A N   1 
ATOM   363  C  CA  . ASN A 1 59 ? -16.837 6.995   7.288   1.00 53.38  ? 59 ASN A CA  1 
ATOM   364  C  C   . ASN A 1 59 ? -17.358 5.642   7.725   1.00 54.88  ? 59 ASN A C   1 
ATOM   365  O  O   . ASN A 1 59 ? -17.608 5.419   8.906   1.00 54.81  ? 59 ASN A O   1 
ATOM   366  C  CB  . ASN A 1 59 ? -17.925 7.748   6.532   1.00 47.59  ? 59 ASN A CB  1 
ATOM   367  C  CG  . ASN A 1 59 ? -17.677 9.240   6.518   1.00 48.25  ? 59 ASN A CG  1 
ATOM   368  O  OD1 . ASN A 1 59 ? -17.423 9.842   7.558   1.00 47.89  ? 59 ASN A OD1 1 
ATOM   369  N  ND2 . ASN A 1 59 ? -17.751 9.844   5.345   1.00 50.04  ? 59 ASN A ND2 1 
ATOM   370  N  N   . ILE A 1 60 ? -17.523 4.730   6.776   1.00 25.13  ? 60 ILE A N   1 
ATOM   371  C  CA  . ILE A 1 60 ? -18.006 3.402   7.107   1.00 25.13  ? 60 ILE A CA  1 
ATOM   372  C  C   . ILE A 1 60 ? -17.107 2.745   8.146   1.00 25.13  ? 60 ILE A C   1 
ATOM   373  O  O   . ILE A 1 60 ? -17.572 2.230   9.154   1.00 44.13  ? 60 ILE A O   1 
ATOM   374  C  CB  . ILE A 1 60 ? -18.019 2.509   5.886   1.00 42.86  ? 60 ILE A CB  1 
ATOM   375  C  CG1 . ILE A 1 60 ? -18.998 3.057   4.854   1.00 42.86  ? 60 ILE A CG1 1 
ATOM   376  C  CG2 . ILE A 1 60 ? -18.391 1.098   6.295   1.00 42.86  ? 60 ILE A CG2 1 
ATOM   377  C  CD1 . ILE A 1 60 ? -19.041 2.252   3.599   1.00 42.86  ? 60 ILE A CD1 1 
ATOM   378  N  N   . ILE A 1 61 ? -15.806 2.770   7.893   1.00 35.13  ? 61 ILE A N   1 
ATOM   379  C  CA  . ILE A 1 61 ? -14.845 2.159   8.798   1.00 35.13  ? 61 ILE A CA  1 
ATOM   380  C  C   . ILE A 1 61 ? -14.856 2.785   10.187  1.00 35.13  ? 61 ILE A C   1 
ATOM   381  O  O   . ILE A 1 61 ? -14.539 2.121   11.172  1.00 63.13  ? 61 ILE A O   1 
ATOM   382  C  CB  . ILE A 1 61 ? -13.412 2.250   8.231   1.00 68.66  ? 61 ILE A CB  1 
ATOM   383  C  CG1 . ILE A 1 61 ? -12.478 1.335   9.012   1.00 68.66  ? 61 ILE A CG1 1 
ATOM   384  C  CG2 . ILE A 1 61 ? -12.880 3.661   8.367   1.00 68.66  ? 61 ILE A CG2 1 
ATOM   385  C  CD1 . ILE A 1 61 ? -11.055 1.399   8.529   1.00 68.66  ? 61 ILE A CD1 1 
ATOM   386  N  N   . GLU A 1 62 ? -15.211 4.061   10.272  1.00 63.70  ? 62 GLU A N   1 
ATOM   387  C  CA  . GLU A 1 62 ? -15.234 4.740   11.559  1.00 63.70  ? 62 GLU A CA  1 
ATOM   388  C  C   . GLU A 1 62 ? -16.538 4.414   12.271  1.00 63.70  ? 62 GLU A C   1 
ATOM   389  O  O   . GLU A 1 62 ? -16.584 4.357   13.499  1.00 96.20  ? 62 GLU A O   1 
ATOM   390  C  CB  . GLU A 1 62 ? -15.101 6.247   11.357  1.00 62.36  ? 62 GLU A CB  1 
ATOM   391  C  CG  . GLU A 1 62 ? -14.574 7.014   12.561  1.00 62.36  ? 62 GLU A CG  1 
ATOM   392  C  CD  . GLU A 1 62 ? -13.168 6.597   12.969  1.00 62.36  ? 62 GLU A CD  1 
ATOM   393  O  OE1 . GLU A 1 62 ? -12.361 6.246   12.082  1.00 62.36  ? 62 GLU A OE1 1 
ATOM   394  O  OE2 . GLU A 1 62 ? -12.862 6.638   14.182  1.00 62.36  ? 62 GLU A OE2 1 
ATOM   395  N  N   . LYS A 1 63 ? -17.597 4.189   11.495  1.00 81.80  ? 63 LYS A N   1 
ATOM   396  C  CA  . LYS A 1 63 ? -18.900 3.855   12.063  1.00 81.80  ? 63 LYS A CA  1 
ATOM   397  C  C   . LYS A 1 63 ? -19.079 2.366   12.341  1.00 81.80  ? 63 LYS A C   1 
ATOM   398  O  O   . LYS A 1 63 ? -20.122 1.938   12.822  1.00 122.57 ? 63 LYS A O   1 
ATOM   399  C  CB  . LYS A 1 63 ? -20.025 4.378   11.165  1.00 100.53 ? 63 LYS A CB  1 
ATOM   400  C  CG  . LYS A 1 63 ? -20.253 5.874   11.352  1.00 100.53 ? 63 LYS A CG  1 
ATOM   401  C  CD  . LYS A 1 63 ? -21.450 6.395   10.574  1.00 100.53 ? 63 LYS A CD  1 
ATOM   402  C  CE  . LYS A 1 63 ? -22.000 7.672   11.210  1.00 100.53 ? 63 LYS A CE  1 
ATOM   403  N  NZ  . LYS A 1 63 ? -20.939 8.681   11.479  1.00 100.53 ? 63 LYS A NZ  1 
ATOM   404  N  N   . ILE A 1 64 ? -18.053 1.580   12.028  1.00 83.37  ? 64 ILE A N   1 
ATOM   405  C  CA  . ILE A 1 64 ? -18.077 0.147   12.294  1.00 84.49  ? 64 ILE A CA  1 
ATOM   406  C  C   . ILE A 1 64 ? -17.424 0.007   13.663  1.00 85.75  ? 64 ILE A C   1 
ATOM   407  O  O   . ILE A 1 64 ? -17.926 -0.679  14.550  1.00 85.95  ? 64 ILE A O   1 
ATOM   408  C  CB  . ILE A 1 64 ? -17.235 -0.651  11.264  1.00 77.47  ? 64 ILE A CB  1 
ATOM   409  C  CG1 . ILE A 1 64 ? -17.926 -0.662  9.905   1.00 75.82  ? 64 ILE A CG1 1 
ATOM   410  C  CG2 . ILE A 1 64 ? -17.032 -2.077  11.741  1.00 78.15  ? 64 ILE A CG2 1 
ATOM   411  C  CD1 . ILE A 1 64 ? -17.244 -1.553  8.896   1.00 74.69  ? 64 ILE A CD1 1 
ATOM   412  N  N   . LYS A 1 65 ? -16.292 0.687   13.810  1.00 50.50  ? 65 LYS A N   1 
ATOM   413  C  CA  . LYS A 1 65 ? -15.521 0.702   15.043  1.00 52.40  ? 65 LYS A CA  1 
ATOM   414  C  C   . LYS A 1 65 ? -16.375 1.229   16.200  1.00 53.10  ? 65 LYS A C   1 
ATOM   415  O  O   . LYS A 1 65 ? -17.516 1.680   15.948  1.00 54.00  ? 65 LYS A O   1 
ATOM   416  C  CB  . LYS A 1 65 ? -14.300 1.605   14.843  1.00 74.66  ? 65 LYS A CB  1 
ATOM   417  C  CG  . LYS A 1 65 ? -13.348 1.739   16.021  1.00 75.32  ? 65 LYS A CG  1 
ATOM   418  C  CD  . LYS A 1 65 ? -12.361 2.874   15.757  1.00 76.24  ? 65 LYS A CD  1 
ATOM   419  C  CE  . LYS A 1 65 ? -11.723 2.741   14.368  1.00 77.77  ? 65 LYS A CE  1 
ATOM   420  N  NZ  . LYS A 1 65 ? -10.824 3.874   13.977  1.00 79.08  ? 65 LYS A NZ  1 
ATOM   421  N  N   . PRO B 1 14 ? -1.421  8.958   -16.091 1.00 87.06  ? 14 PRO B N   1 
ATOM   422  C  CA  . PRO B 1 14 ? -0.063  9.125   -15.532 1.00 86.36  ? 14 PRO B CA  1 
ATOM   423  C  C   . PRO B 1 14 ? 0.375   7.915   -14.716 1.00 85.63  ? 14 PRO B C   1 
ATOM   424  O  O   . PRO B 1 14 ? -0.193  6.828   -14.834 1.00 85.55  ? 14 PRO B O   1 
ATOM   425  C  CB  . PRO B 1 14 ? -0.091  10.369  -14.659 1.00 97.99  ? 14 PRO B CB  1 
ATOM   426  C  CG  . PRO B 1 14 ? -1.215  11.155  -15.297 1.00 98.98  ? 14 PRO B CG  1 
ATOM   427  C  CD  . PRO B 1 14 ? -2.261  10.099  -15.688 1.00 98.39  ? 14 PRO B CD  1 
ATOM   428  N  N   . VAL B 1 15 ? 1.400   8.120   -13.895 1.00 131.19 ? 15 VAL B N   1 
ATOM   429  C  CA  . VAL B 1 15 ? 1.942   7.077   -13.031 1.00 131.19 ? 15 VAL B CA  1 
ATOM   430  C  C   . VAL B 1 15 ? 1.337   7.311   -11.647 1.00 131.19 ? 15 VAL B C   1 
ATOM   431  O  O   . VAL B 1 15 ? 1.611   6.594   -10.683 1.00 165.99 ? 15 VAL B O   1 
ATOM   432  C  CB  . VAL B 1 15 ? 3.495   7.168   -12.988 1.00 173.97 ? 15 VAL B CB  1 
ATOM   433  C  CG1 . VAL B 1 15 ? 4.063   6.274   -11.897 1.00 173.97 ? 15 VAL B CG1 1 
ATOM   434  C  CG2 . VAL B 1 15 ? 4.068   6.756   -14.343 1.00 173.97 ? 15 VAL B CG2 1 
ATOM   435  N  N   . PHE B 1 16 ? 0.480   8.321   -11.586 1.00 68.31  ? 16 PHE B N   1 
ATOM   436  C  CA  . PHE B 1 16 ? -0.213  8.724   -10.366 1.00 68.31  ? 16 PHE B CA  1 
ATOM   437  C  C   . PHE B 1 16 ? -1.384  7.795   -10.051 1.00 68.31  ? 16 PHE B C   1 
ATOM   438  O  O   . PHE B 1 16 ? -1.428  7.166   -8.997  1.00 97.35  ? 16 PHE B O   1 
ATOM   439  C  CB  . PHE B 1 16 ? -0.747  10.132  -10.551 1.00 63.73  ? 16 PHE B CB  1 
ATOM   440  C  CG  . PHE B 1 16 ? -0.921  10.873  -9.286  1.00 63.73  ? 16 PHE B CG  1 
ATOM   441  C  CD1 . PHE B 1 16 ? 0.126   11.611  -8.757  1.00 63.73  ? 16 PHE B CD1 1 
ATOM   442  C  CD2 . PHE B 1 16 ? -2.119  10.823  -8.613  1.00 63.73  ? 16 PHE B CD2 1 
ATOM   443  C  CE1 . PHE B 1 16 ? -0.016  12.292  -7.574  1.00 63.73  ? 16 PHE B CE1 1 
ATOM   444  C  CE2 . PHE B 1 16 ? -2.277  11.500  -7.427  1.00 63.73  ? 16 PHE B CE2 1 
ATOM   445  C  CZ  . PHE B 1 16 ? -1.222  12.237  -6.904  1.00 63.73  ? 16 PHE B CZ  1 
ATOM   446  N  N   . ALA B 1 17 ? -2.346  7.751   -10.970 1.00 43.32  ? 17 ALA B N   1 
ATOM   447  C  CA  . ALA B 1 17 ? -3.517  6.893   -10.841 1.00 39.80  ? 17 ALA B CA  1 
ATOM   448  C  C   . ALA B 1 17 ? -3.022  5.464   -10.622 1.00 38.32  ? 17 ALA B C   1 
ATOM   449  O  O   . ALA B 1 17 ? -3.616  4.698   -9.859  1.00 37.61  ? 17 ALA B O   1 
ATOM   450  C  CB  . ALA B 1 17 ? -4.367  6.962   -12.112 1.00 38.06  ? 17 ALA B CB  1 
ATOM   451  N  N   . ARG B 1 18 ? -1.926  5.115   -11.296 1.00 30.76  ? 18 ARG B N   1 
ATOM   452  C  CA  . ARG B 1 18 ? -1.358  3.783   -11.153 1.00 30.76  ? 18 ARG B CA  1 
ATOM   453  C  C   . ARG B 1 18 ? -0.925  3.588   -9.688  1.00 30.76  ? 18 ARG B C   1 
ATOM   454  O  O   . ARG B 1 18 ? -1.038  2.499   -9.127  1.00 43.08  ? 18 ARG B O   1 
ATOM   455  C  CB  . ARG B 1 18 ? -0.168  3.617   -12.104 1.00 77.61  ? 18 ARG B CB  1 
ATOM   456  C  CG  . ARG B 1 18 ? 0.421   2.227   -12.104 1.00 77.61  ? 18 ARG B CG  1 
ATOM   457  C  CD  . ARG B 1 18 ? 1.350   1.989   -13.286 1.00 77.61  ? 18 ARG B CD  1 
ATOM   458  N  NE  . ARG B 1 18 ? 1.861   0.621   -13.276 1.00 77.61  ? 18 ARG B NE  1 
ATOM   459  C  CZ  . ARG B 1 18 ? 2.581   0.076   -14.253 1.00 77.61  ? 18 ARG B CZ  1 
ATOM   460  N  NH1 . ARG B 1 18 ? 2.882   0.785   -15.339 1.00 77.61  ? 18 ARG B NH1 1 
ATOM   461  N  NH2 . ARG B 1 18 ? 3.002   -1.181  -14.142 1.00 77.61  ? 18 ARG B NH2 1 
ATOM   462  N  N   . GLU B 1 19 ? -0.457  4.665   -9.066  1.00 49.47  ? 19 GLU B N   1 
ATOM   463  C  CA  . GLU B 1 19 ? 0.001   4.613   -7.677  1.00 49.47  ? 19 GLU B CA  1 
ATOM   464  C  C   . GLU B 1 19 ? -1.135  4.649   -6.658  1.00 49.47  ? 19 GLU B C   1 
ATOM   465  O  O   . GLU B 1 19 ? -1.052  4.031   -5.593  1.00 59.30  ? 19 GLU B O   1 
ATOM   466  C  CB  . GLU B 1 19 ? 0.990   5.743   -7.408  1.00 74.96  ? 19 GLU B CB  1 
ATOM   467  C  CG  . GLU B 1 19 ? 1.983   5.390   -6.333  1.00 74.96  ? 19 GLU B CG  1 
ATOM   468  C  CD  . GLU B 1 19 ? 2.354   3.903   -6.348  1.00 74.96  ? 19 GLU B CD  1 
ATOM   469  O  OE1 . GLU B 1 19 ? 2.668   3.355   -7.435  1.00 74.96  ? 19 GLU B OE1 1 
ATOM   470  O  OE2 . GLU B 1 19 ? 2.330   3.282   -5.263  1.00 74.96  ? 19 GLU B OE2 1 
ATOM   471  N  N   . LEU B 1 20 ? -2.196  5.378   -6.986  1.00 33.78  ? 20 LEU B N   1 
ATOM   472  C  CA  . LEU B 1 20 ? -3.359  5.448   -6.118  1.00 32.41  ? 20 LEU B CA  1 
ATOM   473  C  C   . LEU B 1 20 ? -4.120  4.132   -6.229  1.00 32.21  ? 20 LEU B C   1 
ATOM   474  O  O   . LEU B 1 20 ? -4.698  3.632   -5.260  1.00 31.78  ? 20 LEU B O   1 
ATOM   475  C  CB  . LEU B 1 20 ? -4.276  6.582   -6.552  1.00 25.58  ? 20 LEU B CB  1 
ATOM   476  C  CG  . LEU B 1 20 ? -5.636  6.570   -5.864  1.00 26.14  ? 20 LEU B CG  1 
ATOM   477  C  CD1 . LEU B 1 20 ? -5.479  6.843   -4.372  1.00 24.53  ? 20 LEU B CD1 1 
ATOM   478  C  CD2 . LEU B 1 20 ? -6.511  7.604   -6.511  1.00 27.20  ? 20 LEU B CD2 1 
ATOM   479  N  N   . HIS B 1 21 ? -4.126  3.570   -7.431  1.00 37.97  ? 21 HIS B N   1 
ATOM   480  C  CA  . HIS B 1 21 ? -4.809  2.302   -7.670  1.00 37.56  ? 21 HIS B CA  1 
ATOM   481  C  C   . HIS B 1 21 ? -4.205  1.215   -6.790  1.00 35.23  ? 21 HIS B C   1 
ATOM   482  O  O   . HIS B 1 21 ? -4.930  0.435   -6.148  1.00 33.74  ? 21 HIS B O   1 
ATOM   483  C  CB  . HIS B 1 21 ? -4.682  1.906   -9.147  1.00 34.87  ? 21 HIS B CB  1 
ATOM   484  C  CG  . HIS B 1 21 ? -5.522  0.730   -9.532  1.00 35.18  ? 21 HIS B CG  1 
ATOM   485  N  ND1 . HIS B 1 21 ? -5.050  -0.566  -9.510  1.00 36.08  ? 21 HIS B ND1 1 
ATOM   486  C  CD2 . HIS B 1 21 ? -6.831  0.648   -9.876  1.00 36.56  ? 21 HIS B CD2 1 
ATOM   487  C  CE1 . HIS B 1 21 ? -6.030  -1.394  -9.818  1.00 37.19  ? 21 HIS B CE1 1 
ATOM   488  N  NE2 . HIS B 1 21 ? -7.125  -0.684  -10.042 1.00 38.35  ? 21 HIS B NE2 1 
ATOM   489  N  N   . ALA B 1 22 ? -2.874  1.182   -6.759  1.00 31.51  ? 22 ALA B N   1 
ATOM   490  C  CA  . ALA B 1 22 ? -2.140  0.202   -5.982  1.00 30.77  ? 22 ALA B CA  1 
ATOM   491  C  C   . ALA B 1 22 ? -2.453  0.366   -4.511  1.00 31.52  ? 22 ALA B C   1 
ATOM   492  O  O   . ALA B 1 22 ? -2.475  -0.604  -3.760  1.00 31.78  ? 22 ALA B O   1 
ATOM   493  C  CB  . ALA B 1 22 ? -0.666  0.360   -6.229  1.00 3.68   ? 22 ALA B CB  1 
ATOM   494  N  N   . GLN B 1 23 ? -2.690  1.604   -4.100  1.00 29.55  ? 23 GLN B N   1 
ATOM   495  C  CA  . GLN B 1 23 ? -3.037  1.896   -2.717  1.00 30.45  ? 23 GLN B CA  1 
ATOM   496  C  C   . GLN B 1 23 ? -4.373  1.251   -2.377  1.00 28.99  ? 23 GLN B C   1 
ATOM   497  O  O   . GLN B 1 23 ? -4.493  0.543   -1.376  1.00 28.41  ? 23 GLN B O   1 
ATOM   498  C  CB  . GLN B 1 23 ? -3.157  3.405   -2.509  1.00 64.34  ? 23 GLN B CB  1 
ATOM   499  C  CG  . GLN B 1 23 ? -1.876  4.105   -2.138  1.00 70.64  ? 23 GLN B CG  1 
ATOM   500  C  CD  . GLN B 1 23 ? -1.361  3.644   -0.800  1.00 75.68  ? 23 GLN B CD  1 
ATOM   501  O  OE1 . GLN B 1 23 ? -2.127  3.499   0.158   1.00 77.53  ? 23 GLN B OE1 1 
ATOM   502  N  NE2 . GLN B 1 23 ? -0.055  3.411   -0.719  1.00 78.95  ? 23 GLN B NE2 1 
ATOM   503  N  N   . LEU B 1 24 ? -5.378  1.506   -3.213  1.00 23.61  ? 24 LEU B N   1 
ATOM   504  C  CA  . LEU B 1 24 ? -6.710  0.966   -2.976  1.00 22.49  ? 24 LEU B CA  1 
ATOM   505  C  C   . LEU B 1 24 ? -6.695  -0.553  -3.011  1.00 23.24  ? 24 LEU B C   1 
ATOM   506  O  O   . LEU B 1 24 ? -7.352  -1.201  -2.189  1.00 22.53  ? 24 LEU B O   1 
ATOM   507  C  CB  . LEU B 1 24 ? -7.704  1.504   -4.011  1.00 22.20  ? 24 LEU B CB  1 
ATOM   508  C  CG  . LEU B 1 24 ? -7.801  3.024   -4.140  1.00 18.35  ? 24 LEU B CG  1 
ATOM   509  C  CD1 . LEU B 1 24 ? -8.646  3.364   -5.343  1.00 14.44  ? 24 LEU B CD1 1 
ATOM   510  C  CD2 . LEU B 1 24 ? -8.380  3.604   -2.884  1.00 16.16  ? 24 LEU B CD2 1 
ATOM   511  N  N   . VAL B 1 25 ? -5.956  -1.122  -3.966  1.00 28.10  ? 25 VAL B N   1 
ATOM   512  C  CA  . VAL B 1 25 ? -5.840  -2.572  -4.067  1.00 27.74  ? 25 VAL B CA  1 
ATOM   513  C  C   . VAL B 1 25 ? -5.329  -3.169  -2.748  1.00 28.85  ? 25 VAL B C   1 
ATOM   514  O  O   . VAL B 1 25 ? -5.746  -4.254  -2.354  1.00 29.87  ? 25 VAL B O   1 
ATOM   515  C  CB  . VAL B 1 25 ? -4.921  -2.974  -5.220  1.00 33.76  ? 25 VAL B CB  1 
ATOM   516  C  CG1 . VAL B 1 25 ? -4.509  -4.406  -5.074  1.00 33.98  ? 25 VAL B CG1 1 
ATOM   517  C  CG2 . VAL B 1 25 ? -5.663  -2.808  -6.524  1.00 34.69  ? 25 VAL B CG2 1 
ATOM   518  N  N   . GLN B 1 26 ? -4.423  -2.476  -2.064  1.00 23.53  ? 26 GLN B N   1 
ATOM   519  C  CA  . GLN B 1 26 ? -3.947  -2.944  -0.765  1.00 24.96  ? 26 GLN B CA  1 
ATOM   520  C  C   . GLN B 1 26 ? -5.082  -2.816  0.248   1.00 26.27  ? 26 GLN B C   1 
ATOM   521  O  O   . GLN B 1 26 ? -5.222  -3.654  1.143   1.00 27.50  ? 26 GLN B O   1 
ATOM   522  C  CB  . GLN B 1 26 ? -2.775  -2.117  -0.247  1.00 37.37  ? 26 GLN B CB  1 
ATOM   523  C  CG  . GLN B 1 26 ? -1.469  -2.368  -0.952  1.00 40.51  ? 26 GLN B CG  1 
ATOM   524  C  CD  . GLN B 1 26 ? -1.166  -3.842  -1.085  1.00 41.79  ? 26 GLN B CD  1 
ATOM   525  O  OE1 . GLN B 1 26 ? -1.619  -4.507  -2.024  1.00 40.37  ? 26 GLN B OE1 1 
ATOM   526  N  NE2 . GLN B 1 26 ? -0.413  -4.370  -0.133  1.00 46.14  ? 26 GLN B NE2 1 
ATOM   527  N  N   . ALA B 1 27 ? -5.888  -1.760  0.127   1.00 24.71  ? 27 ALA B N   1 
ATOM   528  C  CA  . ALA B 1 27 ? -7.005  -1.586  1.043   1.00 25.11  ? 27 ALA B CA  1 
ATOM   529  C  C   . ALA B 1 27 ? -7.991  -2.761  0.893   1.00 25.09  ? 27 ALA B C   1 
ATOM   530  O  O   . ALA B 1 27 ? -8.532  -3.244  1.872   1.00 25.30  ? 27 ALA B O   1 
ATOM   531  C  CB  . ALA B 1 27 ? -7.695  -0.271  0.764   1.00 38.61  ? 27 ALA B CB  1 
ATOM   532  N  N   . LEU B 1 28 ? -8.218  -3.216  -0.333  1.00 28.34  ? 28 LEU B N   1 
ATOM   533  C  CA  . LEU B 1 28 ? -9.121  -4.341  -0.561  1.00 28.90  ? 28 LEU B CA  1 
ATOM   534  C  C   . LEU B 1 28 ? -8.546  -5.592  0.092   1.00 29.45  ? 28 LEU B C   1 
ATOM   535  O  O   . LEU B 1 28 ? -9.279  -6.419  0.637   1.00 29.14  ? 28 LEU B O   1 
ATOM   536  C  CB  . LEU B 1 28 ? -9.317  -4.599  -2.069  1.00 27.12  ? 28 LEU B CB  1 
ATOM   537  C  CG  . LEU B 1 28 ? -10.717 -4.325  -2.643  1.00 27.06  ? 28 LEU B CG  1 
ATOM   538  C  CD1 . LEU B 1 28 ? -10.742 -4.643  -4.116  1.00 24.32  ? 28 LEU B CD1 1 
ATOM   539  C  CD2 . LEU B 1 28 ? -11.750 -5.158  -1.901  1.00 26.50  ? 28 LEU B CD2 1 
ATOM   540  N  N   . GLY B 1 29 ? -7.226  -5.728  0.027   1.00 18.87  ? 29 GLY B N   1 
ATOM   541  C  CA  . GLY B 1 29 ? -6.592  -6.873  0.638   1.00 19.28  ? 29 GLY B CA  1 
ATOM   542  C  C   . GLY B 1 29 ? -6.880  -6.884  2.126   1.00 21.16  ? 29 GLY B C   1 
ATOM   543  O  O   . GLY B 1 29 ? -7.086  -7.937  2.705   1.00 23.70  ? 29 GLY B O   1 
ATOM   544  N  N   . ASP B 1 30 ? -6.895  -5.729  2.773   1.00 30.34  ? 30 ASP B N   1 
ATOM   545  C  CA  . ASP B 1 30 ? -7.193  -5.735  4.194   1.00 31.10  ? 30 ASP B CA  1 
ATOM   546  C  C   . ASP B 1 30 ? -8.632  -6.205  4.401   1.00 30.25  ? 30 ASP B C   1 
ATOM   547  O  O   . ASP B 1 30 ? -8.915  -6.994  5.304   1.00 30.29  ? 30 ASP B O   1 
ATOM   548  C  CB  . ASP B 1 30 ? -7.007  -4.343  4.800   1.00 56.09  ? 30 ASP B CB  1 
ATOM   549  C  CG  . ASP B 1 30 ? -5.636  -3.782  4.535   1.00 58.72  ? 30 ASP B CG  1 
ATOM   550  O  OD1 . ASP B 1 30 ? -4.673  -4.578  4.493   1.00 60.59  ? 30 ASP B OD1 1 
ATOM   551  O  OD2 . ASP B 1 30 ? -5.515  -2.551  4.376   1.00 63.08  ? 30 ASP B OD2 1 
ATOM   552  N  N   . VAL B 1 31 ? -9.543  -5.726  3.562   1.00 40.60  ? 31 VAL B N   1 
ATOM   553  C  CA  . VAL B 1 31 ? -10.934 -6.123  3.695   1.00 40.13  ? 31 VAL B CA  1 
ATOM   554  C  C   . VAL B 1 31 ? -11.036 -7.601  3.433   1.00 41.06  ? 31 VAL B C   1 
ATOM   555  O  O   . VAL B 1 31 ? -11.525 -8.345  4.271   1.00 41.28  ? 31 VAL B O   1 
ATOM   556  C  CB  . VAL B 1 31 ? -11.846 -5.383  2.713   1.00 25.27  ? 31 VAL B CB  1 
ATOM   557  C  CG1 . VAL B 1 31 ? -13.234 -5.956  2.765   1.00 22.17  ? 31 VAL B CG1 1 
ATOM   558  C  CG2 . VAL B 1 31 ? -11.878 -3.895  3.073   1.00 24.98  ? 31 VAL B CG2 1 
ATOM   559  N  N   . LYS B 1 32 ? -10.559 -8.028  2.270   1.00 32.17  ? 32 LYS B N   1 
ATOM   560  C  CA  . LYS B 1 32 ? -10.603 -9.433  1.918   1.00 31.60  ? 32 LYS B CA  1 
ATOM   561  C  C   . LYS B 1 32 ? -10.077 -10.315 3.039   1.00 31.44  ? 32 LYS B C   1 
ATOM   562  O  O   . LYS B 1 32 ? -10.663 -11.365 3.322   1.00 32.50  ? 32 LYS B O   1 
ATOM   563  C  CB  . LYS B 1 32 ? -9.826  -9.693  0.623   1.00 24.38  ? 32 LYS B CB  1 
ATOM   564  C  CG  . LYS B 1 32 ? -10.676 -9.453  -0.613  1.00 22.96  ? 32 LYS B CG  1 
ATOM   565  C  CD  . LYS B 1 32 ? -9.971  -9.799  -1.899  1.00 22.51  ? 32 LYS B CD  1 
ATOM   566  C  CE  . LYS B 1 32 ? -9.083  -8.705  -2.365  1.00 21.27  ? 32 LYS B CE  1 
ATOM   567  N  NZ  . LYS B 1 32 ? -8.885  -8.839  -3.812  1.00 20.29  ? 32 LYS B NZ  1 
ATOM   568  N  N   . ARG B 1 33 ? -8.986  -9.910  3.680   1.00 24.58  ? 33 ARG B N   1 
ATOM   569  C  CA  . ARG B 1 33 ? -8.471  -10.712 4.771   1.00 24.34  ? 33 ARG B CA  1 
ATOM   570  C  C   . ARG B 1 33 ? -9.519  -10.736 5.894   1.00 24.85  ? 33 ARG B C   1 
ATOM   571  O  O   . ARG B 1 33 ? -9.887  -11.794 6.412   1.00 25.65  ? 33 ARG B O   1 
ATOM   572  C  CB  . ARG B 1 33 ? -7.139  -10.146 5.249   1.00 32.84  ? 33 ARG B CB  1 
ATOM   573  C  CG  . ARG B 1 33 ? -5.949  -10.693 4.456   1.00 33.31  ? 33 ARG B CG  1 
ATOM   574  C  CD  . ARG B 1 33 ? -4.635  -9.967  4.772   1.00 34.78  ? 33 ARG B CD  1 
ATOM   575  N  NE  . ARG B 1 33 ? -4.231  -9.079  3.686   1.00 37.80  ? 33 ARG B NE  1 
ATOM   576  C  CZ  . ARG B 1 33 ? -3.980  -7.781  3.822   1.00 38.40  ? 33 ARG B CZ  1 
ATOM   577  N  NH1 . ARG B 1 33 ? -4.086  -7.205  5.016   1.00 39.10  ? 33 ARG B NH1 1 
ATOM   578  N  NH2 . ARG B 1 33 ? -3.641  -7.055  2.760   1.00 39.10  ? 33 ARG B NH2 1 
ATOM   579  N  N   . ARG B 1 34 ? -10.038 -9.567  6.239   1.00 36.14  ? 34 ARG B N   1 
ATOM   580  C  CA  . ARG B 1 34 ? -11.036 -9.493  7.286   1.00 37.27  ? 34 ARG B CA  1 
ATOM   581  C  C   . ARG B 1 34 ? -12.182 -10.455 7.069   1.00 38.83  ? 34 ARG B C   1 
ATOM   582  O  O   . ARG B 1 34 ? -12.705 -11.023 8.013   1.00 39.89  ? 34 ARG B O   1 
ATOM   583  C  CB  . ARG B 1 34 ? -11.607 -8.088  7.386   1.00 28.70  ? 34 ARG B CB  1 
ATOM   584  C  CG  . ARG B 1 34 ? -12.755 -8.000  8.363   1.00 28.26  ? 34 ARG B CG  1 
ATOM   585  C  CD  . ARG B 1 34 ? -12.309 -8.485  9.731   1.00 30.79  ? 34 ARG B CD  1 
ATOM   586  N  NE  . ARG B 1 34 ? -13.427 -8.528  10.666  1.00 30.84  ? 34 ARG B NE  1 
ATOM   587  C  CZ  . ARG B 1 34 ? -14.461 -9.358  10.570  1.00 33.06  ? 34 ARG B CZ  1 
ATOM   588  N  NH1 . ARG B 1 34 ? -14.527 -10.239 9.577   1.00 31.34  ? 34 ARG B NH1 1 
ATOM   589  N  NH2 . ARG B 1 34 ? -15.447 -9.289  11.457  1.00 34.36  ? 34 ARG B NH2 1 
ATOM   590  N  N   . LEU B 1 35 ? -12.588 -10.625 5.822   1.00 38.87  ? 35 LEU B N   1 
ATOM   591  C  CA  . LEU B 1 35 ? -13.702 -11.500 5.510   1.00 38.77  ? 35 LEU B CA  1 
ATOM   592  C  C   . LEU B 1 35 ? -13.446 -12.976 5.700   1.00 40.37  ? 35 LEU B C   1 
ATOM   593  O  O   . LEU B 1 35 ? -14.382 -13.766 5.632   1.00 40.67  ? 35 LEU B O   1 
ATOM   594  C  CB  . LEU B 1 35 ? -14.181 -11.266 4.087   1.00 17.44  ? 35 LEU B CB  1 
ATOM   595  C  CG  . LEU B 1 35 ? -14.894 -9.944  3.826   1.00 15.26  ? 35 LEU B CG  1 
ATOM   596  C  CD1 . LEU B 1 35 ? -15.381 -9.997  2.403   1.00 14.16  ? 35 LEU B CD1 1 
ATOM   597  C  CD2 . LEU B 1 35 ? -16.076 -9.729  4.781   1.00 14.05  ? 35 LEU B CD2 1 
ATOM   598  N  N   . LEU B 1 36 ? -12.194 -13.352 5.933   1.00 54.25  ? 36 LEU B N   1 
ATOM   599  C  CA  . LEU B 1 36 ? -11.860 -14.756 6.138   1.00 54.88  ? 36 LEU B CA  1 
ATOM   600  C  C   . LEU B 1 36 ? -12.041 -15.166 7.590   1.00 56.98  ? 36 LEU B C   1 
ATOM   601  O  O   . LEU B 1 36 ? -12.096 -16.352 7.892   1.00 56.81  ? 36 LEU B O   1 
ATOM   602  C  CB  . LEU B 1 36 ? -10.412 -15.042 5.748   1.00 27.51  ? 36 LEU B CB  1 
ATOM   603  C  CG  . LEU B 1 36 ? -9.942  -15.162 4.301   1.00 24.63  ? 36 LEU B CG  1 
ATOM   604  C  CD1 . LEU B 1 36 ? -8.431  -15.425 4.322   1.00 24.36  ? 36 LEU B CD1 1 
ATOM   605  C  CD2 . LEU B 1 36 ? -10.668 -16.274 3.582   1.00 23.28  ? 36 LEU B CD2 1 
ATOM   606  N  N   . ARG B 1 37 ? -12.112 -14.186 8.485   1.00 55.49  ? 37 ARG B N   1 
ATOM   607  C  CA  . ARG B 1 37 ? -12.272 -14.445 9.909   1.00 55.49  ? 37 ARG B CA  1 
ATOM   608  C  C   . ARG B 1 37 ? -13.739 -14.554 10.294  1.00 55.49  ? 37 ARG B C   1 
ATOM   609  O  O   . ARG B 1 37 ? -14.075 -14.849 11.437  1.00 78.65  ? 37 ARG B O   1 
ATOM   610  C  CB  . ARG B 1 37 ? -11.592 -13.340 10.709  1.00 90.31  ? 37 ARG B CB  1 
ATOM   611  C  CG  . ARG B 1 37 ? -10.081 -13.400 10.642  1.00 90.31  ? 37 ARG B CG  1 
ATOM   612  C  CD  . ARG B 1 37 ? -9.477  -12.055 10.944  1.00 90.31  ? 37 ARG B CD  1 
ATOM   613  N  NE  . ARG B 1 37 ? -8.020  -12.095 10.981  1.00 90.31  ? 37 ARG B NE  1 
ATOM   614  C  CZ  . ARG B 1 37 ? -7.250  -11.011 10.940  1.00 90.31  ? 37 ARG B CZ  1 
ATOM   615  N  NH1 . ARG B 1 37 ? -7.808  -9.807  10.856  1.00 90.31  ? 37 ARG B NH1 1 
ATOM   616  N  NH2 . ARG B 1 37 ? -5.925  -11.124 10.994  1.00 90.31  ? 37 ARG B NH2 1 
ATOM   617  N  N   . GLY B 1 38 ? -14.613 -14.305 9.330   1.00 51.02  ? 38 GLY B N   1 
ATOM   618  C  CA  . GLY B 1 38 ? -16.037 -14.407 9.585   1.00 52.28  ? 38 GLY B CA  1 
ATOM   619  C  C   . GLY B 1 38 ? -16.639 -13.480 10.617  1.00 53.03  ? 38 GLY B C   1 
ATOM   620  O  O   . GLY B 1 38 ? -15.943 -12.698 11.263  1.00 53.32  ? 38 GLY B O   1 
ATOM   621  N  N   . GLY B 1 39 ? -17.958 -13.588 10.760  1.00 37.88  ? 39 GLY B N   1 
ATOM   622  C  CA  . GLY B 1 39 ? -18.706 -12.765 11.697  1.00 38.39  ? 39 GLY B CA  1 
ATOM   623  C  C   . GLY B 1 39 ? -20.192 -12.910 11.425  1.00 39.75  ? 39 GLY B C   1 
ATOM   624  O  O   . GLY B 1 39 ? -20.618 -13.833 10.728  1.00 39.59  ? 39 GLY B O   1 
ATOM   625  N  N   . THR B 1 40 ? -20.991 -12.000 11.966  1.00 46.66  ? 40 THR B N   1 
ATOM   626  C  CA  . THR B 1 40 ? -22.432 -12.065 11.766  1.00 47.64  ? 40 THR B CA  1 
ATOM   627  C  C   . THR B 1 40 ? -22.736 -11.569 10.367  1.00 49.40  ? 40 THR B C   1 
ATOM   628  O  O   . THR B 1 40 ? -21.843 -11.074 9.684   1.00 49.95  ? 40 THR B O   1 
ATOM   629  C  CB  . THR B 1 40 ? -23.179 -11.176 12.784  1.00 51.10  ? 40 THR B CB  1 
ATOM   630  O  OG1 . THR B 1 40 ? -22.855 -9.796  12.550  1.00 51.35  ? 40 THR B OG1 1 
ATOM   631  C  CG2 . THR B 1 40 ? -22.791 -11.557 14.213  1.00 49.67  ? 40 THR B CG2 1 
ATOM   632  N  N   . GLN B 1 41 ? -23.986 -11.710 9.931   1.00 57.49  ? 41 GLN B N   1 
ATOM   633  C  CA  . GLN B 1 41 ? -24.381 -11.225 8.613   1.00 59.39  ? 41 GLN B CA  1 
ATOM   634  C  C   . GLN B 1 41 ? -24.244 -9.710  8.653   1.00 61.37  ? 41 GLN B C   1 
ATOM   635  O  O   . GLN B 1 41 ? -24.089 -9.049  7.627   1.00 62.12  ? 41 GLN B O   1 
ATOM   636  C  CB  . GLN B 1 41 ? -25.830 -11.620 8.292   1.00 72.65  ? 41 GLN B CB  1 
ATOM   637  C  CG  . GLN B 1 41 ? -25.978 -13.017 7.676   1.00 73.23  ? 41 GLN B CG  1 
ATOM   638  C  CD  . GLN B 1 41 ? -25.184 -13.188 6.366   1.00 73.63  ? 41 GLN B CD  1 
ATOM   639  O  OE1 . GLN B 1 41 ? -25.241 -12.338 5.475   1.00 72.91  ? 41 GLN B OE1 1 
ATOM   640  N  NE2 . GLN B 1 41 ? -24.454 -14.294 6.250   1.00 72.59  ? 41 GLN B NE2 1 
ATOM   641  N  N   . GLN B 1 42 ? -24.302 -9.179  9.869   1.00 86.65  ? 42 GLN B N   1 
ATOM   642  C  CA  . GLN B 1 42 ? -24.169 -7.752  10.121  1.00 87.50  ? 42 GLN B CA  1 
ATOM   643  C  C   . GLN B 1 42 ? -22.771 -7.304  9.704   1.00 86.98  ? 42 GLN B C   1 
ATOM   644  O  O   . GLN B 1 42 ? -22.612 -6.434  8.843   1.00 87.09  ? 42 GLN B O   1 
ATOM   645  C  CB  . GLN B 1 42 ? -24.382 -7.481  11.614  1.00 91.81  ? 42 GLN B CB  1 
ATOM   646  C  CG  . GLN B 1 42 ? -24.061 -6.066  12.080  1.00 96.21  ? 42 GLN B CG  1 
ATOM   647  C  CD  . GLN B 1 42 ? -25.024 -5.026  11.551  1.00 98.90  ? 42 GLN B CD  1 
ATOM   648  O  OE1 . GLN B 1 42 ? -25.042 -4.726  10.355  1.00 102.01 ? 42 GLN B OE1 1 
ATOM   649  N  NE2 . GLN B 1 42 ? -25.836 -4.469  12.443  1.00 99.93  ? 42 GLN B NE2 1 
ATOM   650  N  N   . GLN B 1 43 ? -21.761 -7.919  10.313  1.00 77.06  ? 43 GLN B N   1 
ATOM   651  C  CA  . GLN B 1 43 ? -20.370 -7.591  10.034  1.00 75.03  ? 43 GLN B CA  1 
ATOM   652  C  C   . GLN B 1 43 ? -20.009 -7.809  8.570   1.00 73.06  ? 43 GLN B C   1 
ATOM   653  O  O   . GLN B 1 43 ? -19.292 -7.006  7.981   1.00 74.02  ? 43 GLN B O   1 
ATOM   654  C  CB  . GLN B 1 43 ? -19.452 -8.422  10.929  1.00 55.13  ? 43 GLN B CB  1 
ATOM   655  C  CG  . GLN B 1 43 ? -19.954 -8.546  12.359  1.00 57.15  ? 43 GLN B CG  1 
ATOM   656  C  CD  . GLN B 1 43 ? -19.013 -9.327  13.259  1.00 58.73  ? 43 GLN B CD  1 
ATOM   657  O  OE1 . GLN B 1 43 ? -17.993 -8.804  13.708  1.00 60.66  ? 43 GLN B OE1 1 
ATOM   658  N  NE2 . GLN B 1 43 ? -19.348 -10.588 13.525  1.00 59.04  ? 43 GLN B NE2 1 
ATOM   659  N  N   . TYR B 1 44 ? -20.500 -8.890  7.976   1.00 38.65  ? 44 TYR B N   1 
ATOM   660  C  CA  . TYR B 1 44 ? -20.199 -9.154  6.579   1.00 36.73  ? 44 TYR B CA  1 
ATOM   661  C  C   . TYR B 1 44 ? -20.661 -8.015  5.684   1.00 36.07  ? 44 TYR B C   1 
ATOM   662  O  O   . TYR B 1 44 ? -19.888 -7.506  4.865   1.00 35.40  ? 44 TYR B O   1 
ATOM   663  C  CB  . TYR B 1 44 ? -20.847 -10.455 6.136   1.00 65.17  ? 44 TYR B CB  1 
ATOM   664  C  CG  . TYR B 1 44 ? -20.073 -11.674 6.542   1.00 65.68  ? 44 TYR B CG  1 
ATOM   665  C  CD1 . TYR B 1 44 ? -18.877 -11.997 5.913   1.00 66.69  ? 44 TYR B CD1 1 
ATOM   666  C  CD2 . TYR B 1 44 ? -20.536 -12.510 7.548   1.00 65.72  ? 44 TYR B CD2 1 
ATOM   667  C  CE1 . TYR B 1 44 ? -18.158 -13.135 6.273   1.00 67.85  ? 44 TYR B CE1 1 
ATOM   668  C  CE2 . TYR B 1 44 ? -19.831 -13.644 7.919   1.00 67.42  ? 44 TYR B CE2 1 
ATOM   669  C  CZ  . TYR B 1 44 ? -18.642 -13.955 7.276   1.00 67.78  ? 44 TYR B CZ  1 
ATOM   670  O  OH  . TYR B 1 44 ? -17.947 -15.092 7.617   1.00 69.49  ? 44 TYR B OH  1 
ATOM   671  N  N   . GLN B 1 45 ? -21.922 -7.621  5.834   1.00 65.59  ? 45 GLN B N   1 
ATOM   672  C  CA  . GLN B 1 45 ? -22.479 -6.538  5.037   1.00 64.39  ? 45 GLN B CA  1 
ATOM   673  C  C   . GLN B 1 45 ? -21.694 -5.249  5.264   1.00 64.21  ? 45 GLN B C   1 
ATOM   674  O  O   . GLN B 1 45 ? -21.366 -4.538  4.316   1.00 64.85  ? 45 GLN B O   1 
ATOM   675  C  CB  . GLN B 1 45 ? -23.938 -6.311  5.393   1.00 81.20  ? 45 GLN B CB  1 
ATOM   676  C  CG  . GLN B 1 45 ? -24.569 -5.178  4.629   1.00 82.71  ? 45 GLN B CG  1 
ATOM   677  C  CD  . GLN B 1 45 ? -25.798 -4.622  5.324   1.00 84.09  ? 45 GLN B CD  1 
ATOM   678  O  OE1 . GLN B 1 45 ? -26.401 -3.659  4.860   1.00 85.19  ? 45 GLN B OE1 1 
ATOM   679  N  NE2 . GLN B 1 45 ? -26.170 -5.225  6.446   1.00 84.23  ? 45 GLN B NE2 1 
ATOM   680  N  N   . GLN B 1 46 ? -21.392 -4.933  6.516   1.00 54.34  ? 46 GLN B N   1 
ATOM   681  C  CA  . GLN B 1 46 ? -20.628 -3.724  6.786   1.00 54.53  ? 46 GLN B CA  1 
ATOM   682  C  C   . GLN B 1 46 ? -19.296 -3.749  6.027   1.00 53.51  ? 46 GLN B C   1 
ATOM   683  O  O   . GLN B 1 46 ? -18.889 -2.757  5.415   1.00 53.42  ? 46 GLN B O   1 
ATOM   684  C  CB  . GLN B 1 46 ? -20.379 -3.573  8.289   1.00 72.72  ? 46 GLN B CB  1 
ATOM   685  C  CG  . GLN B 1 46 ? -21.500 -2.865  9.026   1.00 73.24  ? 46 GLN B CG  1 
ATOM   686  C  CD  . GLN B 1 46 ? -21.294 -2.831  10.531  1.00 74.14  ? 46 GLN B CD  1 
ATOM   687  O  OE1 . GLN B 1 46 ? -22.046 -2.183  11.250  1.00 75.06  ? 46 GLN B OE1 1 
ATOM   688  N  NE2 . GLN B 1 46 ? -20.279 -3.539  11.013  1.00 74.76  ? 46 GLN B NE2 1 
ATOM   689  N  N   . TRP B 1 47 ? -18.621 -4.890  6.047   1.00 51.46  ? 47 TRP B N   1 
ATOM   690  C  CA  . TRP B 1 47 ? -17.351 -4.993  5.354   1.00 49.30  ? 47 TRP B CA  1 
ATOM   691  C  C   . TRP B 1 47 ? -17.515 -5.040  3.854   1.00 48.77  ? 47 TRP B C   1 
ATOM   692  O  O   . TRP B 1 47 ? -16.625 -4.629  3.114   1.00 49.80  ? 47 TRP B O   1 
ATOM   693  C  CB  . TRP B 1 47 ? -16.571 -6.204  5.850   1.00 35.97  ? 47 TRP B CB  1 
ATOM   694  C  CG  . TRP B 1 47 ? -16.006 -5.937  7.195   1.00 33.46  ? 47 TRP B CG  1 
ATOM   695  C  CD1 . TRP B 1 47 ? -16.479 -6.389  8.399   1.00 34.33  ? 47 TRP B CD1 1 
ATOM   696  C  CD2 . TRP B 1 47 ? -14.921 -5.064  7.494   1.00 31.68  ? 47 TRP B CD2 1 
ATOM   697  N  NE1 . TRP B 1 47 ? -15.754 -5.842  9.431   1.00 32.69  ? 47 TRP B NE1 1 
ATOM   698  C  CE2 . TRP B 1 47 ? -14.792 -5.019  8.903   1.00 31.91  ? 47 TRP B CE2 1 
ATOM   699  C  CE3 . TRP B 1 47 ? -14.048 -4.305  6.710   1.00 30.60  ? 47 TRP B CE3 1 
ATOM   700  C  CZ2 . TRP B 1 47 ? -13.821 -4.254  9.541   1.00 30.35  ? 47 TRP B CZ2 1 
ATOM   701  C  CZ3 . TRP B 1 47 ? -13.078 -3.547  7.342   1.00 31.47  ? 47 TRP B CZ3 1 
ATOM   702  C  CH2 . TRP B 1 47 ? -12.978 -3.523  8.750   1.00 30.57  ? 47 TRP B CH2 1 
ATOM   703  N  N   . GLN B 1 48 ? -18.644 -5.552  3.391   1.00 42.77  ? 48 GLN B N   1 
ATOM   704  C  CA  . GLN B 1 48 ? -18.868 -5.588  1.964   1.00 42.13  ? 48 GLN B CA  1 
ATOM   705  C  C   . GLN B 1 48 ? -19.127 -4.141  1.545   1.00 40.37  ? 48 GLN B C   1 
ATOM   706  O  O   . GLN B 1 48 ? -18.766 -3.719  0.452   1.00 38.52  ? 48 GLN B O   1 
ATOM   707  C  CB  . GLN B 1 48 ? -20.048 -6.501  1.645   1.00 56.25  ? 48 GLN B CB  1 
ATOM   708  C  CG  . GLN B 1 48 ? -19.617 -7.833  1.067   1.00 59.85  ? 48 GLN B CG  1 
ATOM   709  C  CD  . GLN B 1 48 ? -20.300 -9.013  1.727   1.00 63.36  ? 48 GLN B CD  1 
ATOM   710  O  OE1 . GLN B 1 48 ? -21.533 -9.088  1.795   1.00 63.29  ? 48 GLN B OE1 1 
ATOM   711  N  NE2 . GLN B 1 48 ? -19.496 -9.952  2.215   1.00 64.76  ? 48 GLN B NE2 1 
ATOM   712  N  N   . GLN B 1 49 ? -19.723 -3.365  2.439   1.00 45.99  ? 49 GLN B N   1 
ATOM   713  C  CA  . GLN B 1 49 ? -20.008 -1.971  2.150   1.00 46.96  ? 49 GLN B CA  1 
ATOM   714  C  C   . GLN B 1 49 ? -18.669 -1.213  2.031   1.00 46.04  ? 49 GLN B C   1 
ATOM   715  O  O   . GLN B 1 49 ? -18.502 -0.344  1.163   1.00 44.32  ? 49 GLN B O   1 
ATOM   716  C  CB  . GLN B 1 49 ? -20.871 -1.390  3.270   1.00 71.13  ? 49 GLN B CB  1 
ATOM   717  C  CG  . GLN B 1 49 ? -21.782 -0.259  2.846   1.00 77.11  ? 49 GLN B CG  1 
ATOM   718  C  CD  . GLN B 1 49 ? -22.730 0.155   3.954   1.00 80.53  ? 49 GLN B CD  1 
ATOM   719  O  OE1 . GLN B 1 49 ? -23.510 -0.661  4.452   1.00 82.91  ? 49 GLN B OE1 1 
ATOM   720  N  NE2 . GLN B 1 49 ? -22.669 1.428   4.346   1.00 81.21  ? 49 GLN B NE2 1 
ATOM   721  N  N   . GLU B 1 50 ? -17.714 -1.545  2.902   1.00 30.48  ? 50 GLU B N   1 
ATOM   722  C  CA  . GLU B 1 50 ? -16.403 -0.908  2.864   1.00 28.89  ? 50 GLU B CA  1 
ATOM   723  C  C   . GLU B 1 50 ? -15.751 -1.270  1.556   1.00 27.93  ? 50 GLU B C   1 
ATOM   724  O  O   . GLU B 1 50 ? -15.183 -0.421  0.877   1.00 28.69  ? 50 GLU B O   1 
ATOM   725  C  CB  . GLU B 1 50 ? -15.527 -1.394  4.014   1.00 47.11  ? 50 GLU B CB  1 
ATOM   726  C  CG  . GLU B 1 50 ? -14.952 -0.273  4.881   1.00 50.81  ? 50 GLU B CG  1 
ATOM   727  C  CD  . GLU B 1 50 ? -14.002 0.637   4.130   1.00 51.33  ? 50 GLU B CD  1 
ATOM   728  O  OE1 . GLU B 1 50 ? -14.428 1.332   3.189   1.00 53.38  ? 50 GLU B OE1 1 
ATOM   729  O  OE2 . GLU B 1 50 ? -12.813 0.662   4.476   1.00 54.29  ? 50 GLU B OE2 1 
ATOM   730  N  N   . ALA B 1 51 ? -15.843 -2.543  1.195   1.00 35.08  ? 51 ALA B N   1 
ATOM   731  C  CA  . ALA B 1 51 ? -15.275 -3.022  -0.049  1.00 33.36  ? 51 ALA B CA  1 
ATOM   732  C  C   . ALA B 1 51 ? -15.889 -2.296  -1.262  1.00 32.87  ? 51 ALA B C   1 
ATOM   733  O  O   . ALA B 1 51 ? -15.177 -1.994  -2.228  1.00 31.14  ? 51 ALA B O   1 
ATOM   734  C  CB  . ALA B 1 51 ? -15.481 -4.512  -0.160  1.00 17.63  ? 51 ALA B CB  1 
ATOM   735  N  N   . ASP B 1 52 ? -17.194 -2.006  -1.211  1.00 34.67  ? 52 ASP B N   1 
ATOM   736  C  CA  . ASP B 1 52 ? -17.862 -1.309  -2.307  1.00 35.81  ? 52 ASP B CA  1 
ATOM   737  C  C   . ASP B 1 52 ? -17.292 0.089   -2.447  1.00 35.12  ? 52 ASP B C   1 
ATOM   738  O  O   . ASP B 1 52 ? -17.018 0.559   -3.568  1.00 34.34  ? 52 ASP B O   1 
ATOM   739  C  CB  . ASP B 1 52 ? -19.368 -1.215  -2.069  1.00 73.09  ? 52 ASP B CB  1 
ATOM   740  C  CG  . ASP B 1 52 ? -20.068 -2.546  -2.238  1.00 78.57  ? 52 ASP B CG  1 
ATOM   741  O  OD1 . ASP B 1 52 ? -19.692 -3.302  -3.160  1.00 81.62  ? 52 ASP B OD1 1 
ATOM   742  O  OD2 . ASP B 1 52 ? -21.001 -2.834  -1.459  1.00 81.78  ? 52 ASP B OD2 1 
ATOM   743  N  N   . ALA B 1 53 ? -17.111 0.753   -1.305  1.00 37.54  ? 53 ALA B N   1 
ATOM   744  C  CA  . ALA B 1 53 ? -16.559 2.101   -1.306  1.00 35.44  ? 53 ALA B CA  1 
ATOM   745  C  C   . ALA B 1 53 ? -15.195 2.106   -2.001  1.00 35.64  ? 53 ALA B C   1 
ATOM   746  O  O   . ALA B 1 53 ? -14.960 2.912   -2.897  1.00 37.80  ? 53 ALA B O   1 
ATOM   747  C  CB  . ALA B 1 53 ? -16.432 2.613   0.105   1.00 26.14  ? 53 ALA B CB  1 
ATOM   748  N  N   . ILE B 1 54 ? -14.308 1.197   -1.602  1.00 17.71  ? 54 ILE B N   1 
ATOM   749  C  CA  . ILE B 1 54 ? -12.988 1.109   -2.207  1.00 15.58  ? 54 ILE B CA  1 
ATOM   750  C  C   . ILE B 1 54 ? -13.090 0.772   -3.693  1.00 17.45  ? 54 ILE B C   1 
ATOM   751  O  O   . ILE B 1 54 ? -12.356 1.328   -4.510  1.00 15.08  ? 54 ILE B O   1 
ATOM   752  C  CB  . ILE B 1 54 ? -12.132 0.046   -1.507  1.00 13.80  ? 54 ILE B CB  1 
ATOM   753  C  CG1 . ILE B 1 54 ? -11.915 0.447   -0.047  1.00 14.12  ? 54 ILE B CG1 1 
ATOM   754  C  CG2 . ILE B 1 54 ? -10.780 -0.106  -2.199  1.00 11.74  ? 54 ILE B CG2 1 
ATOM   755  C  CD1 . ILE B 1 54 ? -11.324 -0.656  0.816   1.00 14.56  ? 54 ILE B CD1 1 
ATOM   756  N  N   . GLU B 1 55 ? -13.997 -0.132  -4.058  1.00 37.22  ? 55 GLU B N   1 
ATOM   757  C  CA  . GLU B 1 55 ? -14.145 -0.510  -5.462  1.00 39.56  ? 55 GLU B CA  1 
ATOM   758  C  C   . GLU B 1 55 ? -14.634 0.686   -6.256  1.00 39.20  ? 55 GLU B C   1 
ATOM   759  O  O   . GLU B 1 55 ? -14.226 0.884   -7.395  1.00 39.34  ? 55 GLU B O   1 
ATOM   760  C  CB  . GLU B 1 55 ? -15.093 -1.706  -5.595  1.00 49.78  ? 55 GLU B CB  1 
ATOM   761  C  CG  . GLU B 1 55 ? -14.562 -2.924  -4.847  1.00 54.91  ? 55 GLU B CG  1 
ATOM   762  C  CD  . GLU B 1 55 ? -15.507 -4.114  -4.834  1.00 57.09  ? 55 GLU B CD  1 
ATOM   763  O  OE1 . GLU B 1 55 ? -16.678 -3.963  -4.420  1.00 60.67  ? 55 GLU B OE1 1 
ATOM   764  O  OE2 . GLU B 1 55 ? -15.056 -5.210  -5.227  1.00 60.01  ? 55 GLU B OE2 1 
ATOM   765  N  N   . ALA B 1 56 ? -15.501 1.490   -5.652  1.00 30.46  ? 56 ALA B N   1 
ATOM   766  C  CA  . ALA B 1 56 ? -15.992 2.690   -6.312  1.00 29.68  ? 56 ALA B CA  1 
ATOM   767  C  C   . ALA B 1 56 ? -14.782 3.576   -6.581  1.00 30.71  ? 56 ALA B C   1 
ATOM   768  O  O   . ALA B 1 56 ? -14.674 4.225   -7.632  1.00 31.58  ? 56 ALA B O   1 
ATOM   769  C  CB  . ALA B 1 56 ? -16.929 3.409   -5.419  1.00 11.46  ? 56 ALA B CB  1 
ATOM   770  N  N   . GLY B 1 57 ? -13.876 3.599   -5.608  1.00 22.23  ? 57 GLY B N   1 
ATOM   771  C  CA  . GLY B 1 57 ? -12.668 4.378   -5.731  1.00 22.28  ? 57 GLY B CA  1 
ATOM   772  C  C   . GLY B 1 57 ? -11.869 3.888   -6.907  1.00 23.74  ? 57 GLY B C   1 
ATOM   773  O  O   . GLY B 1 57 ? -11.375 4.678   -7.699  1.00 23.28  ? 57 GLY B O   1 
HETATM 774  N  N   . MSE B 1 58 ? -11.738 2.577   -7.030  1.00 38.07  ? 58 MSE B N   1 
HETATM 775  C  CA  . MSE B 1 58 ? -10.999 2.007   -8.144  1.00 38.07  ? 58 MSE B CA  1 
HETATM 776  C  C   . MSE B 1 58 ? -11.664 2.337   -9.485  1.00 38.07  ? 58 MSE B C   1 
HETATM 777  O  O   . MSE B 1 58 ? -10.983 2.619   -10.472 1.00 52.10  ? 58 MSE B O   1 
HETATM 778  C  CB  . MSE B 1 58 ? -10.866 0.499   -7.961  1.00 63.89  ? 58 MSE B CB  1 
HETATM 779  C  CG  . MSE B 1 58 ? -9.888  0.107   -6.865  1.00 63.89  ? 58 MSE B CG  1 
HETATM 780  SE SE  . MSE B 1 58 ? -9.907  -1.795  -6.441  1.00 63.89  ? 58 MSE B SE  1 
HETATM 781  C  CE  . MSE B 1 58 ? -9.268  -1.686  -4.618  1.00 63.89  ? 58 MSE B CE  1 
ATOM   782  N  N   . ASN B 1 59 ? -12.990 2.318   -9.520  1.00 25.23  ? 59 ASN B N   1 
ATOM   783  C  CA  . ASN B 1 59 ? -13.699 2.633   -10.747 1.00 25.73  ? 59 ASN B CA  1 
ATOM   784  C  C   . ASN B 1 59 ? -13.455 4.055   -11.205 1.00 24.33  ? 59 ASN B C   1 
ATOM   785  O  O   . ASN B 1 59 ? -13.098 4.288   -12.359 1.00 24.51  ? 59 ASN B O   1 
ATOM   786  C  CB  . ASN B 1 59 ? -15.194 2.404   -10.574 1.00 48.15  ? 59 ASN B CB  1 
ATOM   787  C  CG  . ASN B 1 59 ? -15.560 0.940   -10.624 1.00 51.93  ? 59 ASN B CG  1 
ATOM   788  O  OD1 . ASN B 1 59 ? -15.149 0.217   -11.535 1.00 56.21  ? 59 ASN B OD1 1 
ATOM   789  N  ND2 . ASN B 1 59 ? -16.336 0.493   -9.651  1.00 52.51  ? 59 ASN B ND2 1 
ATOM   790  N  N   . ILE B 1 60 ? -13.651 5.013   -10.310 1.00 25.85  ? 60 ILE B N   1 
ATOM   791  C  CA  . ILE B 1 60 ? -13.428 6.396   -10.682 1.00 25.85  ? 60 ILE B CA  1 
ATOM   792  C  C   . ILE B 1 60 ? -12.010 6.561   -11.195 1.00 25.85  ? 60 ILE B C   1 
ATOM   793  O  O   . ILE B 1 60 ? -11.792 7.091   -12.286 1.00 36.62  ? 60 ILE B O   1 
ATOM   794  C  CB  . ILE B 1 60 ? -13.604 7.324   -9.499  1.00 21.74  ? 60 ILE B CB  1 
ATOM   795  C  CG1 . ILE B 1 60 ? -15.044 7.278   -9.008  1.00 21.74  ? 60 ILE B CG1 1 
ATOM   796  C  CG2 . ILE B 1 60 ? -13.164 8.715   -9.876  1.00 21.74  ? 60 ILE B CG2 1 
ATOM   797  C  CD1 . ILE B 1 60 ? -15.256 8.117   -7.768  1.00 21.74  ? 60 ILE B CD1 1 
ATOM   798  N  N   . ILE B 1 61 ? -11.043 6.090   -10.418 1.00 36.45  ? 61 ILE B N   1 
ATOM   799  C  CA  . ILE B 1 61 ? -9.642  6.227   -10.795 1.00 36.45  ? 61 ILE B CA  1 
ATOM   800  C  C   . ILE B 1 61 ? -9.304  5.564   -12.125 1.00 36.45  ? 61 ILE B C   1 
ATOM   801  O  O   . ILE B 1 61 ? -8.384  5.983   -12.818 1.00 52.42  ? 61 ILE B O   1 
ATOM   802  C  CB  . ILE B 1 61 ? -8.712  5.656   -9.720  1.00 57.60  ? 61 ILE B CB  1 
ATOM   803  C  CG1 . ILE B 1 61 ? -7.284  6.100   -9.986  1.00 57.60  ? 61 ILE B CG1 1 
ATOM   804  C  CG2 . ILE B 1 61 ? -8.726  4.154   -9.764  1.00 57.60  ? 61 ILE B CG2 1 
ATOM   805  C  CD1 . ILE B 1 61 ? -6.305  5.513   -9.013  1.00 57.60  ? 61 ILE B CD1 1 
ATOM   806  N  N   . GLU B 1 62 ? -10.044 4.527   -12.480 1.00 42.47  ? 62 GLU B N   1 
ATOM   807  C  CA  . GLU B 1 62 ? -9.796  3.833   -13.738 1.00 42.47  ? 62 GLU B CA  1 
ATOM   808  C  C   . GLU B 1 62 ? -10.464 4.595   -14.889 1.00 42.47  ? 62 GLU B C   1 
ATOM   809  O  O   . GLU B 1 62 ? -9.971  4.591   -16.019 1.00 65.59  ? 62 GLU B O   1 
ATOM   810  C  CB  . GLU B 1 62 ? -10.342 2.406   -13.661 1.00 71.20  ? 62 GLU B CB  1 
ATOM   811  C  CG  . GLU B 1 62 ? -9.696  1.423   -14.624 1.00 71.20  ? 62 GLU B CG  1 
ATOM   812  C  CD  . GLU B 1 62 ? -8.204  1.251   -14.383 1.00 71.20  ? 62 GLU B CD  1 
ATOM   813  O  OE1 . GLU B 1 62 ? -7.768  1.304   -13.210 1.00 71.20  ? 62 GLU B OE1 1 
ATOM   814  O  OE2 . GLU B 1 62 ? -7.468  1.044   -15.376 1.00 71.20  ? 62 GLU B OE2 1 
ATOM   815  N  N   . LYS B 1 63 ? -11.576 5.262   -14.585 1.00 51.29  ? 63 LYS B N   1 
ATOM   816  C  CA  . LYS B 1 63 ? -12.293 6.032   -15.589 1.00 51.29  ? 63 LYS B CA  1 
ATOM   817  C  C   . LYS B 1 63 ? -11.757 7.447   -15.759 1.00 51.29  ? 63 LYS B C   1 
ATOM   818  O  O   . LYS B 1 63 ? -12.248 8.201   -16.588 1.00 79.81  ? 63 LYS B O   1 
ATOM   819  C  CB  . LYS B 1 63 ? -13.790 6.048   -15.274 1.00 67.38  ? 63 LYS B CB  1 
ATOM   820  C  CG  . LYS B 1 63 ? -14.473 4.741   -15.680 1.00 67.38  ? 63 LYS B CG  1 
ATOM   821  C  CD  . LYS B 1 63 ? -15.981 4.772   -15.501 1.00 67.38  ? 63 LYS B CD  1 
ATOM   822  C  CE  . LYS B 1 63 ? -16.644 3.770   -16.439 1.00 67.38  ? 63 LYS B CE  1 
ATOM   823  N  NZ  . LYS B 1 63 ? -16.015 2.424   -16.374 1.00 67.38  ? 63 LYS B NZ  1 
ATOM   824  N  N   . ILE B 1 64 ? -10.755 7.803   -14.966 1.00 70.74  ? 64 ILE B N   1 
ATOM   825  C  CA  . ILE B 1 64 ? -10.133 9.114   -15.070 1.00 73.29  ? 64 ILE B CA  1 
ATOM   826  C  C   . ILE B 1 64 ? -8.988  8.918   -16.048 1.00 75.34  ? 64 ILE B C   1 
ATOM   827  O  O   . ILE B 1 64 ? -8.785  9.707   -16.974 1.00 76.98  ? 64 ILE B O   1 
ATOM   828  C  CB  . ILE B 1 64 ? -9.552  9.585   -13.716 1.00 58.77  ? 64 ILE B CB  1 
ATOM   829  C  CG1 . ILE B 1 64 ? -10.679 9.967   -12.763 1.00 58.19  ? 64 ILE B CG1 1 
ATOM   830  C  CG2 . ILE B 1 64 ? -8.653  10.788  -13.921 1.00 58.34  ? 64 ILE B CG2 1 
ATOM   831  C  CD1 . ILE B 1 64 ? -10.198 10.623  -11.491 1.00 58.27  ? 64 ILE B CD1 1 
ATOM   832  N  N   . LYS B 1 65 ? -8.252  7.836   -15.819 1.00 89.48  ? 65 LYS B N   1 
ATOM   833  C  CA  . LYS B 1 65 ? -7.106  7.446   -16.628 1.00 91.95  ? 65 LYS B CA  1 
ATOM   834  C  C   . LYS B 1 65 ? -7.526  7.195   -18.072 1.00 92.35  ? 65 LYS B C   1 
ATOM   835  O  O   . LYS B 1 65 ? -8.745  7.226   -18.343 1.00 93.27  ? 65 LYS B O   1 
ATOM   836  C  CB  . LYS B 1 65 ? -6.509  6.176   -16.038 1.00 74.70  ? 65 LYS B CB  1 
ATOM   837  C  CG  . LYS B 1 65 ? -5.281  5.634   -16.732 1.00 76.77  ? 65 LYS B CG  1 
ATOM   838  C  CD  . LYS B 1 65 ? -4.989  4.220   -16.218 1.00 78.46  ? 65 LYS B CD  1 
ATOM   839  C  CE  . LYS B 1 65 ? -4.948  4.191   -14.688 1.00 79.24  ? 65 LYS B CE  1 
ATOM   840  N  NZ  . LYS B 1 65 ? -4.795  2.827   -14.109 1.00 79.05  ? 65 LYS B NZ  1 
ATOM   841  N  N   . PRO C 1 14 ? 12.744  4.412   -14.140 1.00 83.97  ? 14 PRO C N   1 
ATOM   842  C  CA  . PRO C 1 14 ? 12.055  5.704   -14.397 1.00 84.12  ? 14 PRO C CA  1 
ATOM   843  C  C   . PRO C 1 14 ? 10.584  5.619   -14.004 1.00 83.23  ? 14 PRO C C   1 
ATOM   844  O  O   . PRO C 1 14 ? 10.133  6.280   -13.068 1.00 83.54  ? 14 PRO C O   1 
ATOM   845  C  CB  . PRO C 1 14 ? 12.189  6.004   -15.885 1.00 51.87  ? 14 PRO C CB  1 
ATOM   846  C  CG  . PRO C 1 14 ? 13.440  5.191   -16.243 1.00 52.61  ? 14 PRO C CG  1 
ATOM   847  C  CD  . PRO C 1 14 ? 13.349  3.909   -15.388 1.00 51.71  ? 14 PRO C CD  1 
ATOM   848  N  N   . VAL C 1 15 ? 9.844   4.791   -14.728 1.00 60.13  ? 15 VAL C N   1 
ATOM   849  C  CA  . VAL C 1 15 ? 8.422   4.603   -14.477 1.00 60.13  ? 15 VAL C CA  1 
ATOM   850  C  C   . VAL C 1 15 ? 8.151   3.612   -13.342 1.00 60.13  ? 15 VAL C C   1 
ATOM   851  O  O   . VAL C 1 15 ? 7.337   3.895   -12.464 1.00 86.98  ? 15 VAL C O   1 
ATOM   852  C  CB  . VAL C 1 15 ? 7.715   4.135   -15.758 1.00 62.18  ? 15 VAL C CB  1 
ATOM   853  C  CG1 . VAL C 1 15 ? 6.242   3.918   -15.488 1.00 62.18  ? 15 VAL C CG1 1 
ATOM   854  C  CG2 . VAL C 1 15 ? 7.920   5.172   -16.860 1.00 62.18  ? 15 VAL C CG2 1 
ATOM   855  N  N   . PHE C 1 16 ? 8.821   2.455   -13.374 1.00 41.14  ? 16 PHE C N   1 
ATOM   856  C  CA  . PHE C 1 16 ? 8.681   1.429   -12.337 1.00 41.14  ? 16 PHE C CA  1 
ATOM   857  C  C   . PHE C 1 16 ? 9.379   1.822   -11.025 1.00 41.14  ? 16 PHE C C   1 
ATOM   858  O  O   . PHE C 1 16 ? 9.151   1.195   -9.985  1.00 62.24  ? 16 PHE C O   1 
ATOM   859  C  CB  . PHE C 1 16 ? 9.241   0.097   -12.831 1.00 47.21  ? 16 PHE C CB  1 
ATOM   860  C  CG  . PHE C 1 16 ? 8.299   -0.660  -13.735 1.00 47.21  ? 16 PHE C CG  1 
ATOM   861  C  CD1 . PHE C 1 16 ? 7.231   -1.373  -13.209 1.00 47.21  ? 16 PHE C CD1 1 
ATOM   862  C  CD2 . PHE C 1 16 ? 8.468   -0.636  -15.121 1.00 47.21  ? 16 PHE C CD2 1 
ATOM   863  C  CE1 . PHE C 1 16 ? 6.340   -2.051  -14.050 1.00 47.21  ? 16 PHE C CE1 1 
ATOM   864  C  CE2 . PHE C 1 16 ? 7.584   -1.307  -15.962 1.00 47.21  ? 16 PHE C CE2 1 
ATOM   865  C  CZ  . PHE C 1 16 ? 6.521   -2.018  -15.426 1.00 47.21  ? 16 PHE C CZ  1 
ATOM   866  N  N   . ALA C 1 17 ? 10.208  2.872   -11.076 1.00 46.39  ? 17 ALA C N   1 
ATOM   867  C  CA  . ALA C 1 17 ? 10.938  3.379   -9.912  1.00 44.13  ? 17 ALA C CA  1 
ATOM   868  C  C   . ALA C 1 17 ? 10.089  4.298   -9.040  1.00 43.40  ? 17 ALA C C   1 
ATOM   869  O  O   . ALA C 1 17 ? 10.135  4.214   -7.821  1.00 43.82  ? 17 ALA C O   1 
ATOM   870  C  CB  . ALA C 1 17 ? 12.190  4.109   -10.359 1.00 76.60  ? 17 ALA C CB  1 
ATOM   871  N  N   . ARG C 1 18 ? 9.329   5.196   -9.650  1.00 34.75  ? 18 ARG C N   1 
ATOM   872  C  CA  . ARG C 1 18 ? 8.467   6.070   -8.856  1.00 34.75  ? 18 ARG C CA  1 
ATOM   873  C  C   . ARG C 1 18 ? 7.343   5.193   -8.278  1.00 34.75  ? 18 ARG C C   1 
ATOM   874  O  O   . ARG C 1 18 ? 6.709   5.532   -7.275  1.00 50.86  ? 18 ARG C O   1 
ATOM   875  C  CB  . ARG C 1 18 ? 7.875   7.200   -9.713  1.00 74.01  ? 18 ARG C CB  1 
ATOM   876  C  CG  . ARG C 1 18 ? 8.102   8.588   -9.104  1.00 74.01  ? 18 ARG C CG  1 
ATOM   877  C  CD  . ARG C 1 18 ? 6.944   9.562   -9.353  1.00 74.01  ? 18 ARG C CD  1 
ATOM   878  N  NE  . ARG C 1 18 ? 6.658   10.340  -8.144  1.00 74.01  ? 18 ARG C NE  1 
ATOM   879  C  CZ  . ARG C 1 18 ? 5.651   11.200  -8.006  1.00 74.01  ? 18 ARG C CZ  1 
ATOM   880  N  NH1 . ARG C 1 18 ? 4.806   11.419  -9.007  1.00 74.01  ? 18 ARG C NH1 1 
ATOM   881  N  NH2 . ARG C 1 18 ? 5.477   11.830  -6.852  1.00 74.01  ? 18 ARG C NH2 1 
ATOM   882  N  N   . GLU C 1 19 ? 7.117   4.052   -8.923  1.00 35.01  ? 19 GLU C N   1 
ATOM   883  C  CA  . GLU C 1 19 ? 6.099   3.105   -8.487  1.00 35.01  ? 19 GLU C CA  1 
ATOM   884  C  C   . GLU C 1 19 ? 6.596   2.335   -7.264  1.00 35.01  ? 19 GLU C C   1 
ATOM   885  O  O   . GLU C 1 19 ? 6.016   2.394   -6.182  1.00 47.24  ? 19 GLU C O   1 
ATOM   886  C  CB  . GLU C 1 19 ? 5.765   2.128   -9.618  1.00 145.47 ? 19 GLU C CB  1 
ATOM   887  C  CG  . GLU C 1 19 ? 4.281   2.043   -9.938  1.00 145.47 ? 19 GLU C CG  1 
ATOM   888  C  CD  . GLU C 1 19 ? 3.705   3.378   -10.376 1.00 145.47 ? 19 GLU C CD  1 
ATOM   889  O  OE1 . GLU C 1 19 ? 3.765   4.345   -9.585  1.00 145.47 ? 19 GLU C OE1 1 
ATOM   890  O  OE2 . GLU C 1 19 ? 3.190   3.459   -11.512 1.00 145.47 ? 19 GLU C OE2 1 
ATOM   891  N  N   . LEU C 1 20 ? 7.686   1.613   -7.442  1.00 36.72  ? 20 LEU C N   1 
ATOM   892  C  CA  . LEU C 1 20 ? 8.241   0.852   -6.353  1.00 35.49  ? 20 LEU C CA  1 
ATOM   893  C  C   . LEU C 1 20 ? 8.436   1.743   -5.121  1.00 36.50  ? 20 LEU C C   1 
ATOM   894  O  O   . LEU C 1 20 ? 7.916   1.450   -4.051  1.00 37.29  ? 20 LEU C O   1 
ATOM   895  C  CB  . LEU C 1 20 ? 9.558   0.232   -6.796  1.00 25.45  ? 20 LEU C CB  1 
ATOM   896  C  CG  . LEU C 1 20 ? 10.143  -0.863  -5.904  1.00 21.95  ? 20 LEU C CG  1 
ATOM   897  C  CD1 . LEU C 1 20 ? 9.120   -1.973  -5.640  1.00 23.17  ? 20 LEU C CD1 1 
ATOM   898  C  CD2 . LEU C 1 20 ? 11.387  -1.413  -6.611  1.00 21.37  ? 20 LEU C CD2 1 
ATOM   899  N  N   . HIS C 1 21 ? 9.160   2.842   -5.278  1.00 31.86  ? 21 HIS C N   1 
ATOM   900  C  CA  . HIS C 1 21 ? 9.424   3.755   -4.167  1.00 33.27  ? 21 HIS C CA  1 
ATOM   901  C  C   . HIS C 1 21 ? 8.221   4.063   -3.266  1.00 32.62  ? 21 HIS C C   1 
ATOM   902  O  O   . HIS C 1 21 ? 8.305   3.925   -2.037  1.00 32.59  ? 21 HIS C O   1 
ATOM   903  C  CB  . HIS C 1 21 ? 10.004  5.066   -4.700  1.00 42.70  ? 21 HIS C CB  1 
ATOM   904  C  CG  . HIS C 1 21 ? 10.738  5.868   -3.669  1.00 45.40  ? 21 HIS C CG  1 
ATOM   905  N  ND1 . HIS C 1 21 ? 10.099  6.523   -2.640  1.00 46.96  ? 21 HIS C ND1 1 
ATOM   906  C  CD2 . HIS C 1 21 ? 12.061  6.101   -3.503  1.00 45.86  ? 21 HIS C CD2 1 
ATOM   907  C  CE1 . HIS C 1 21 ? 10.999  7.128   -1.882  1.00 48.14  ? 21 HIS C CE1 1 
ATOM   908  N  NE2 . HIS C 1 21 ? 12.195  6.886   -2.385  1.00 48.64  ? 21 HIS C NE2 1 
ATOM   909  N  N   . ALA C 1 22 ? 7.110   4.477   -3.877  1.00 33.03  ? 22 ALA C N   1 
ATOM   910  C  CA  . ALA C 1 22 ? 5.890   4.805   -3.139  1.00 31.90  ? 22 ALA C CA  1 
ATOM   911  C  C   . ALA C 1 22 ? 5.326   3.598   -2.379  1.00 32.41  ? 22 ALA C C   1 
ATOM   912  O  O   . ALA C 1 22 ? 4.716   3.735   -1.313  1.00 32.68  ? 22 ALA C O   1 
ATOM   913  C  CB  . ALA C 1 22 ? 4.854   5.345   -4.094  1.00 5.76   ? 22 ALA C CB  1 
ATOM   914  N  N   . GLN C 1 23 ? 5.524   2.419   -2.953  1.00 29.95  ? 23 GLN C N   1 
ATOM   915  C  CA  . GLN C 1 23 ? 5.069   1.181   -2.355  1.00 29.87  ? 23 GLN C CA  1 
ATOM   916  C  C   . GLN C 1 23 ? 5.880   0.951   -1.078  1.00 27.85  ? 23 GLN C C   1 
ATOM   917  O  O   . GLN C 1 23 ? 5.310   0.619   -0.034  1.00 26.34  ? 23 GLN C O   1 
ATOM   918  C  CB  . GLN C 1 23 ? 5.311   0.012   -3.318  1.00 62.12  ? 23 GLN C CB  1 
ATOM   919  C  CG  . GLN C 1 23 ? 4.729   0.162   -4.731  1.00 66.98  ? 23 GLN C CG  1 
ATOM   920  C  CD  . GLN C 1 23 ? 3.248   -0.171  -4.814  1.00 71.13  ? 23 GLN C CD  1 
ATOM   921  O  OE1 . GLN C 1 23 ? 2.779   -1.128  -4.191  1.00 73.36  ? 23 GLN C OE1 1 
ATOM   922  N  NE2 . GLN C 1 23 ? 2.509   0.604   -5.607  1.00 72.00  ? 23 GLN C NE2 1 
ATOM   923  N  N   . LEU C 1 24 ? 7.205   1.127   -1.177  1.00 23.26  ? 24 LEU C N   1 
ATOM   924  C  CA  . LEU C 1 24 ? 8.118   0.934   -0.046  1.00 23.74  ? 24 LEU C CA  1 
ATOM   925  C  C   . LEU C 1 24 ? 7.951   1.992   1.035   1.00 23.50  ? 24 LEU C C   1 
ATOM   926  O  O   . LEU C 1 24 ? 8.024   1.683   2.238   1.00 23.99  ? 24 LEU C O   1 
ATOM   927  C  CB  . LEU C 1 24 ? 9.579   0.905   -0.508  1.00 30.03  ? 24 LEU C CB  1 
ATOM   928  C  CG  . LEU C 1 24 ? 10.070  -0.347  -1.247  1.00 30.65  ? 24 LEU C CG  1 
ATOM   929  C  CD1 . LEU C 1 24 ? 11.555  -0.203  -1.445  1.00 29.62  ? 24 LEU C CD1 1 
ATOM   930  C  CD2 . LEU C 1 24 ? 9.770   -1.626  -0.465  1.00 29.67  ? 24 LEU C CD2 1 
ATOM   931  N  N   . VAL C 1 25 ? 7.746   3.239   0.617   1.00 35.52  ? 25 VAL C N   1 
ATOM   932  C  CA  . VAL C 1 25 ? 7.510   4.293   1.585   1.00 34.01  ? 25 VAL C CA  1 
ATOM   933  C  C   . VAL C 1 25 ? 6.314   3.812   2.431   1.00 34.27  ? 25 VAL C C   1 
ATOM   934  O  O   . VAL C 1 25 ? 6.300   3.971   3.642   1.00 36.02  ? 25 VAL C O   1 
ATOM   935  C  CB  . VAL C 1 25 ? 7.161   5.619   0.887   1.00 27.26  ? 25 VAL C CB  1 
ATOM   936  C  CG1 . VAL C 1 25 ? 6.537   6.572   1.871   1.00 24.15  ? 25 VAL C CG1 1 
ATOM   937  C  CG2 . VAL C 1 25 ? 8.396   6.241   0.306   1.00 25.16  ? 25 VAL C CG2 1 
ATOM   938  N  N   . GLN C 1 26 ? 5.316   3.212   1.786   1.00 23.72  ? 26 GLN C N   1 
ATOM   939  C  CA  . GLN C 1 26 ? 4.157   2.684   2.494   1.00 24.12  ? 26 GLN C CA  1 
ATOM   940  C  C   . GLN C 1 26 ? 4.498   1.492   3.408   1.00 24.44  ? 26 GLN C C   1 
ATOM   941  O  O   . GLN C 1 26 ? 3.888   1.318   4.473   1.00 24.52  ? 26 GLN C O   1 
ATOM   942  C  CB  . GLN C 1 26 ? 3.076   2.286   1.502   1.00 31.58  ? 26 GLN C CB  1 
ATOM   943  C  CG  . GLN C 1 26 ? 2.405   3.483   0.885   1.00 35.22  ? 26 GLN C CG  1 
ATOM   944  C  CD  . GLN C 1 26 ? 1.853   4.436   1.939   1.00 38.45  ? 26 GLN C CD  1 
ATOM   945  O  OE1 . GLN C 1 26 ? 1.679   5.632   1.684   1.00 39.38  ? 26 GLN C OE1 1 
ATOM   946  N  NE2 . GLN C 1 26 ? 1.575   3.907   3.129   1.00 40.17  ? 26 GLN C NE2 1 
ATOM   947  N  N   . ALA C 1 27 ? 5.455   0.661   2.989   1.00 19.63  ? 27 ALA C N   1 
ATOM   948  C  CA  . ALA C 1 27 ? 5.890   -0.452  3.817   1.00 18.45  ? 27 ALA C CA  1 
ATOM   949  C  C   . ALA C 1 27 ? 6.491   0.127   5.151   1.00 18.84  ? 27 ALA C C   1 
ATOM   950  O  O   . ALA C 1 27 ? 6.105   -0.298  6.253   1.00 18.58  ? 27 ALA C O   1 
ATOM   951  C  CB  . ALA C 1 27 ? 6.922   -1.270  3.058   1.00 15.16  ? 27 ALA C CB  1 
ATOM   952  N  N   . LEU C 1 28 ? 7.425   1.083   5.047   1.00 20.36  ? 28 LEU C N   1 
ATOM   953  C  CA  . LEU C 1 28 ? 8.005   1.733   6.229   1.00 18.62  ? 28 LEU C CA  1 
ATOM   954  C  C   . LEU C 1 28 ? 6.901   2.195   7.204   1.00 19.93  ? 28 LEU C C   1 
ATOM   955  O  O   . LEU C 1 28 ? 7.030   2.055   8.420   1.00 18.73  ? 28 LEU C O   1 
ATOM   956  C  CB  . LEU C 1 28 ? 8.797   2.969   5.827   1.00 19.97  ? 28 LEU C CB  1 
ATOM   957  C  CG  . LEU C 1 28 ? 10.316  2.992   5.960   1.00 19.33  ? 28 LEU C CG  1 
ATOM   958  C  CD1 . LEU C 1 28 ? 10.793  4.442   5.785   1.00 16.63  ? 28 LEU C CD1 1 
ATOM   959  C  CD2 . LEU C 1 28 ? 10.737  2.455   7.330   1.00 19.64  ? 28 LEU C CD2 1 
ATOM   960  N  N   . GLY C 1 29 ? 5.830   2.761   6.647   1.00 18.74  ? 29 GLY C N   1 
ATOM   961  C  CA  . GLY C 1 29 ? 4.719   3.229   7.444   1.00 19.55  ? 29 GLY C CA  1 
ATOM   962  C  C   . GLY C 1 29 ? 4.047   2.099   8.188   1.00 22.30  ? 29 GLY C C   1 
ATOM   963  O  O   . GLY C 1 29 ? 3.495   2.301   9.275   1.00 22.26  ? 29 GLY C O   1 
ATOM   964  N  N   . ASP C 1 30 ? 4.074   0.900   7.608   1.00 17.88  ? 30 ASP C N   1 
ATOM   965  C  CA  . ASP C 1 30 ? 3.484   -0.230  8.282   1.00 19.26  ? 30 ASP C CA  1 
ATOM   966  C  C   . ASP C 1 30 ? 4.379   -0.490  9.462   1.00 19.71  ? 30 ASP C C   1 
ATOM   967  O  O   . ASP C 1 30 ? 3.907   -0.609  10.582  1.00 18.83  ? 30 ASP C O   1 
ATOM   968  C  CB  . ASP C 1 30 ? 3.408   -1.446  7.363   1.00 48.58  ? 30 ASP C CB  1 
ATOM   969  C  CG  . ASP C 1 30 ? 2.255   -1.347  6.366   1.00 53.32  ? 30 ASP C CG  1 
ATOM   970  O  OD1 . ASP C 1 30 ? 1.153   -0.925  6.782   1.00 53.86  ? 30 ASP C OD1 1 
ATOM   971  O  OD2 . ASP C 1 30 ? 2.439   -1.694  5.178   1.00 53.94  ? 30 ASP C OD2 1 
ATOM   972  N  N   . VAL C 1 31 ? 5.685   -0.524  9.213   1.00 25.86  ? 31 VAL C N   1 
ATOM   973  C  CA  . VAL C 1 31 ? 6.661   -0.769  10.266  1.00 27.01  ? 31 VAL C CA  1 
ATOM   974  C  C   . VAL C 1 31 ? 6.626   0.332   11.321  1.00 29.72  ? 31 VAL C C   1 
ATOM   975  O  O   . VAL C 1 31 ? 6.684   0.056   12.530  1.00 30.50  ? 31 VAL C O   1 
ATOM   976  C  CB  . VAL C 1 31 ? 8.120   -0.890  9.692   1.00 31.82  ? 31 VAL C CB  1 
ATOM   977  C  CG1 . VAL C 1 31 ? 9.133   -0.943  10.825  1.00 30.13  ? 31 VAL C CG1 1 
ATOM   978  C  CG2 . VAL C 1 31 ? 8.255   -2.158  8.843   1.00 29.98  ? 31 VAL C CG2 1 
ATOM   979  N  N   . LYS C 1 32 ? 6.535   1.581   10.880  1.00 29.52  ? 32 LYS C N   1 
ATOM   980  C  CA  . LYS C 1 32 ? 6.502   2.677   11.834  1.00 31.15  ? 32 LYS C CA  1 
ATOM   981  C  C   . LYS C 1 32 ? 5.308   2.512   12.779  1.00 31.42  ? 32 LYS C C   1 
ATOM   982  O  O   . LYS C 1 32 ? 5.474   2.551   13.993  1.00 33.98  ? 32 LYS C O   1 
ATOM   983  C  CB  . LYS C 1 32 ? 6.456   4.039   11.110  1.00 23.72  ? 32 LYS C CB  1 
ATOM   984  C  CG  . LYS C 1 32 ? 7.627   4.279   10.147  1.00 24.36  ? 32 LYS C CG  1 
ATOM   985  C  CD  . LYS C 1 32 ? 8.358   5.567   10.406  1.00 24.66  ? 32 LYS C CD  1 
ATOM   986  C  CE  . LYS C 1 32 ? 8.267   6.507   9.212   1.00 26.67  ? 32 LYS C CE  1 
ATOM   987  N  NZ  . LYS C 1 32 ? 9.636   6.859   8.669   1.00 28.57  ? 32 LYS C NZ  1 
ATOM   988  N  N   . ARG C 1 33 ? 4.116   2.293   12.229  1.00 31.15  ? 33 ARG C N   1 
ATOM   989  C  CA  . ARG C 1 33 ? 2.919   2.127   13.045  1.00 30.03  ? 33 ARG C CA  1 
ATOM   990  C  C   . ARG C 1 33 ? 2.982   0.920   13.969  1.00 30.05  ? 33 ARG C C   1 
ATOM   991  O  O   . ARG C 1 33 ? 2.476   0.953   15.088  1.00 29.88  ? 33 ARG C O   1 
ATOM   992  C  CB  . ARG C 1 33 ? 1.682   2.031   12.153  1.00 33.73  ? 33 ARG C CB  1 
ATOM   993  C  CG  . ARG C 1 33 ? 1.060   3.366   11.783  1.00 34.25  ? 33 ARG C CG  1 
ATOM   994  C  CD  . ARG C 1 33 ? -0.024  3.181   10.758  1.00 35.78  ? 33 ARG C CD  1 
ATOM   995  N  NE  . ARG C 1 33 ? 0.393   3.725   9.475   1.00 42.55  ? 33 ARG C NE  1 
ATOM   996  C  CZ  . ARG C 1 33 ? 0.467   3.028   8.345   1.00 46.68  ? 33 ARG C CZ  1 
ATOM   997  N  NH1 . ARG C 1 33 ? 0.143   1.741   8.333   1.00 49.03  ? 33 ARG C NH1 1 
ATOM   998  N  NH2 . ARG C 1 33 ? 0.885   3.619   7.231   1.00 47.98  ? 33 ARG C NH2 1 
ATOM   999  N  N   . ARG C 1 34 ? 3.597   -0.156  13.511  1.00 28.21  ? 34 ARG C N   1 
ATOM   1000 C  CA  . ARG C 1 34 ? 3.708   -1.325  14.352  1.00 27.86  ? 34 ARG C CA  1 
ATOM   1001 C  C   . ARG C 1 34 ? 4.512   -0.993  15.609  1.00 30.49  ? 34 ARG C C   1 
ATOM   1002 O  O   . ARG C 1 34 ? 4.188   -1.469  16.701  1.00 29.71  ? 34 ARG C O   1 
ATOM   1003 C  CB  . ARG C 1 34 ? 4.400   -2.456  13.600  1.00 23.54  ? 34 ARG C CB  1 
ATOM   1004 C  CG  . ARG C 1 34 ? 4.997   -3.513  14.526  1.00 21.11  ? 34 ARG C CG  1 
ATOM   1005 C  CD  . ARG C 1 34 ? 3.914   -4.228  15.280  1.00 20.32  ? 34 ARG C CD  1 
ATOM   1006 N  NE  . ARG C 1 34 ? 4.460   -5.100  16.318  1.00 22.40  ? 34 ARG C NE  1 
ATOM   1007 C  CZ  . ARG C 1 34 ? 5.042   -4.666  17.426  1.00 19.92  ? 34 ARG C CZ  1 
ATOM   1008 N  NH1 . ARG C 1 34 ? 5.154   -3.362  17.640  1.00 17.97  ? 34 ARG C NH1 1 
ATOM   1009 N  NH2 . ARG C 1 34 ? 5.486   -5.530  18.320  1.00 20.00  ? 34 ARG C NH2 1 
ATOM   1010 N  N   . LEU C 1 35 ? 5.561   -0.183  15.438  1.00 29.05  ? 35 LEU C N   1 
ATOM   1011 C  CA  . LEU C 1 35 ? 6.452   0.222   16.524  1.00 29.88  ? 35 LEU C CA  1 
ATOM   1012 C  C   . LEU C 1 35 ? 5.814   1.038   17.655  1.00 29.33  ? 35 LEU C C   1 
ATOM   1013 O  O   . LEU C 1 35 ? 6.386   1.109   18.744  1.00 28.25  ? 35 LEU C O   1 
ATOM   1014 C  CB  . LEU C 1 35 ? 7.636   1.018   15.957  1.00 29.39  ? 35 LEU C CB  1 
ATOM   1015 C  CG  . LEU C 1 35 ? 8.742   0.319   15.175  1.00 28.84  ? 35 LEU C CG  1 
ATOM   1016 C  CD1 . LEU C 1 35 ? 9.622   1.358   14.525  1.00 30.79  ? 35 LEU C CD1 1 
ATOM   1017 C  CD2 . LEU C 1 35 ? 9.555   -0.546  16.108  1.00 28.63  ? 35 LEU C CD2 1 
ATOM   1018 N  N   . LEU C 1 36 ? 4.663   1.671   17.394  1.00 46.22  ? 36 LEU C N   1 
ATOM   1019 C  CA  . LEU C 1 36 ? 3.969   2.470   18.413  1.00 46.62  ? 36 LEU C CA  1 
ATOM   1020 C  C   . LEU C 1 36 ? 3.313   1.579   19.438  1.00 47.98  ? 36 LEU C C   1 
ATOM   1021 O  O   . LEU C 1 36 ? 2.918   2.037   20.503  1.00 50.45  ? 36 LEU C O   1 
ATOM   1022 C  CB  . LEU C 1 36 ? 2.857   3.325   17.811  1.00 15.62  ? 36 LEU C CB  1 
ATOM   1023 C  CG  . LEU C 1 36 ? 3.149   4.601   17.027  1.00 13.28  ? 36 LEU C CG  1 
ATOM   1024 C  CD1 . LEU C 1 36 ? 1.812   5.165   16.542  1.00 11.15  ? 36 LEU C CD1 1 
ATOM   1025 C  CD2 . LEU C 1 36 ? 3.894   5.625   17.908  1.00 12.72  ? 36 LEU C CD2 1 
ATOM   1026 N  N   . ARG C 1 37 ? 3.177   0.307   19.098  1.00 29.41  ? 37 ARG C N   1 
ATOM   1027 C  CA  . ARG C 1 37 ? 2.545   -0.673  19.964  1.00 29.41  ? 37 ARG C CA  1 
ATOM   1028 C  C   . ARG C 1 37 ? 3.558   -1.324  20.909  1.00 29.41  ? 37 ARG C C   1 
ATOM   1029 O  O   . ARG C 1 37 ? 3.228   -2.242  21.651  1.00 42.57  ? 37 ARG C O   1 
ATOM   1030 C  CB  . ARG C 1 37 ? 1.850   -1.727  19.093  1.00 48.03  ? 37 ARG C CB  1 
ATOM   1031 C  CG  . ARG C 1 37 ? 0.833   -1.134  18.111  1.00 48.03  ? 37 ARG C CG  1 
ATOM   1032 C  CD  . ARG C 1 37 ? -0.572  -1.193  18.670  1.00 48.03  ? 37 ARG C CD  1 
ATOM   1033 N  NE  . ARG C 1 37 ? -1.040  -2.578  18.705  1.00 48.03  ? 37 ARG C NE  1 
ATOM   1034 C  CZ  . ARG C 1 37 ? -2.031  -3.041  19.471  1.00 48.03  ? 37 ARG C CZ  1 
ATOM   1035 N  NH1 . ARG C 1 37 ? -2.693  -2.227  20.305  1.00 48.03  ? 37 ARG C NH1 1 
ATOM   1036 N  NH2 . ARG C 1 37 ? -2.356  -4.335  19.403  1.00 48.03  ? 37 ARG C NH2 1 
ATOM   1037 N  N   . GLY C 1 38 ? 4.797   -0.852  20.876  1.00 42.05  ? 38 GLY C N   1 
ATOM   1038 C  CA  . GLY C 1 38 ? 5.815   -1.401  21.754  1.00 44.14  ? 38 GLY C CA  1 
ATOM   1039 C  C   . GLY C 1 38 ? 6.088   -2.894  21.658  1.00 45.42  ? 38 GLY C C   1 
ATOM   1040 O  O   . GLY C 1 38 ? 5.571   -3.597  20.785  1.00 45.03  ? 38 GLY C O   1 
ATOM   1041 N  N   . GLY C 1 39 ? 6.917   -3.369  22.583  1.00 43.08  ? 39 GLY C N   1 
ATOM   1042 C  CA  . GLY C 1 39 ? 7.302   -4.762  22.633  1.00 44.02  ? 39 GLY C CA  1 
ATOM   1043 C  C   . GLY C 1 39 ? 8.634   -4.862  23.356  1.00 45.42  ? 39 GLY C C   1 
ATOM   1044 O  O   . GLY C 1 39 ? 9.097   -3.895  23.967  1.00 46.58  ? 39 GLY C O   1 
ATOM   1045 N  N   . THR C 1 40 ? 9.264   -6.026  23.289  1.00 30.44  ? 40 THR C N   1 
ATOM   1046 C  CA  . THR C 1 40 ? 10.541  -6.227  23.949  1.00 31.70  ? 40 THR C CA  1 
ATOM   1047 C  C   . THR C 1 40 ? 11.686  -5.764  23.047  1.00 32.52  ? 40 THR C C   1 
ATOM   1048 O  O   . THR C 1 40 ? 11.500  -5.605  21.839  1.00 32.24  ? 40 THR C O   1 
ATOM   1049 C  CB  . THR C 1 40 ? 10.740  -7.692  24.251  1.00 39.46  ? 40 THR C CB  1 
ATOM   1050 O  OG1 . THR C 1 40 ? 11.126  -8.364  23.051  1.00 40.95  ? 40 THR C OG1 1 
ATOM   1051 C  CG2 . THR C 1 40 ? 9.445   -8.301  24.739  1.00 38.63  ? 40 THR C CG2 1 
ATOM   1052 N  N   . GLN C 1 41 ? 12.871  -5.556  23.619  1.00 30.80  ? 41 GLN C N   1 
ATOM   1053 C  CA  . GLN C 1 41 ? 14.009  -5.129  22.814  1.00 32.72  ? 41 GLN C CA  1 
ATOM   1054 C  C   . GLN C 1 41 ? 14.075  -6.067  21.612  1.00 33.11  ? 41 GLN C C   1 
ATOM   1055 O  O   . GLN C 1 41 ? 14.354  -5.660  20.484  1.00 32.87  ? 41 GLN C O   1 
ATOM   1056 C  CB  . GLN C 1 41 ? 15.297  -5.221  23.631  1.00 71.35  ? 41 GLN C CB  1 
ATOM   1057 C  CG  . GLN C 1 41 ? 15.423  -4.155  24.708  1.00 75.17  ? 41 GLN C CG  1 
ATOM   1058 C  CD  . GLN C 1 41 ? 15.470  -2.752  24.135  1.00 77.74  ? 41 GLN C CD  1 
ATOM   1059 O  OE1 . GLN C 1 41 ? 16.332  -2.437  23.320  1.00 80.23  ? 41 GLN C OE1 1 
ATOM   1060 N  NE2 . GLN C 1 41 ? 14.545  -1.905  24.558  1.00 78.68  ? 41 GLN C NE2 1 
ATOM   1061 N  N   . GLN C 1 42 ? 13.792  -7.333  21.889  1.00 37.68  ? 42 GLN C N   1 
ATOM   1062 C  CA  . GLN C 1 42 ? 13.773  -8.391  20.893  1.00 37.51  ? 42 GLN C CA  1 
ATOM   1063 C  C   . GLN C 1 42 ? 13.035  -7.894  19.663  1.00 37.05  ? 42 GLN C C   1 
ATOM   1064 O  O   . GLN C 1 42 ? 13.601  -7.825  18.570  1.00 37.34  ? 42 GLN C O   1 
ATOM   1065 C  CB  . GLN C 1 42 ? 13.035  -9.604  21.476  1.00 73.55  ? 42 GLN C CB  1 
ATOM   1066 C  CG  . GLN C 1 42 ? 12.931  -10.815 20.571  1.00 75.50  ? 42 GLN C CG  1 
ATOM   1067 C  CD  . GLN C 1 42 ? 14.228  -11.579 20.496  1.00 76.12  ? 42 GLN C CD  1 
ATOM   1068 O  OE1 . GLN C 1 42 ? 15.248  -11.047 20.048  1.00 77.43  ? 42 GLN C OE1 1 
ATOM   1069 N  NE2 . GLN C 1 42 ? 14.204  -12.833 20.948  1.00 75.03  ? 42 GLN C NE2 1 
ATOM   1070 N  N   . GLN C 1 43 ? 11.771  -7.524  19.875  1.00 34.83  ? 43 GLN C N   1 
ATOM   1071 C  CA  . GLN C 1 43 ? 10.879  -7.059  18.820  1.00 33.29  ? 43 GLN C CA  1 
ATOM   1072 C  C   . GLN C 1 43 ? 11.285  -5.755  18.155  1.00 31.56  ? 43 GLN C C   1 
ATOM   1073 O  O   . GLN C 1 43 ? 11.199  -5.637  16.937  1.00 30.48  ? 43 GLN C O   1 
ATOM   1074 C  CB  . GLN C 1 43 ? 9.460   -6.990  19.368  1.00 55.17  ? 43 GLN C CB  1 
ATOM   1075 C  CG  . GLN C 1 43 ? 8.980   -8.362  19.802  1.00 57.42  ? 43 GLN C CG  1 
ATOM   1076 C  CD  . GLN C 1 43 ? 7.793   -8.339  20.739  1.00 57.72  ? 43 GLN C CD  1 
ATOM   1077 O  OE1 . GLN C 1 43 ? 7.364   -9.380  21.215  1.00 58.03  ? 43 GLN C OE1 1 
ATOM   1078 N  NE2 . GLN C 1 43 ? 7.258   -7.159  21.010  1.00 61.02  ? 43 GLN C NE2 1 
ATOM   1079 N  N   . TYR C 1 44 ? 11.735  -4.780  18.934  1.00 33.50  ? 44 TYR C N   1 
ATOM   1080 C  CA  . TYR C 1 44 ? 12.170  -3.524  18.347  1.00 33.41  ? 44 TYR C CA  1 
ATOM   1081 C  C   . TYR C 1 44 ? 13.243  -3.841  17.310  1.00 33.56  ? 44 TYR C C   1 
ATOM   1082 O  O   . TYR C 1 44 ? 13.175  -3.402  16.152  1.00 33.15  ? 44 TYR C O   1 
ATOM   1083 C  CB  . TYR C 1 44 ? 12.752  -2.610  19.417  1.00 53.20  ? 44 TYR C CB  1 
ATOM   1084 C  CG  . TYR C 1 44 ? 11.723  -1.750  20.102  1.00 54.70  ? 44 TYR C CG  1 
ATOM   1085 C  CD1 . TYR C 1 44 ? 11.267  -0.573  19.507  1.00 56.06  ? 44 TYR C CD1 1 
ATOM   1086 C  CD2 . TYR C 1 44 ? 11.198  -2.114  21.346  1.00 54.78  ? 44 TYR C CD2 1 
ATOM   1087 C  CE1 . TYR C 1 44 ? 10.316  0.221   20.135  1.00 56.26  ? 44 TYR C CE1 1 
ATOM   1088 C  CE2 . TYR C 1 44 ? 10.249  -1.328  21.982  1.00 54.57  ? 44 TYR C CE2 1 
ATOM   1089 C  CZ  . TYR C 1 44 ? 9.815   -0.162  21.372  1.00 56.43  ? 44 TYR C CZ  1 
ATOM   1090 O  OH  . TYR C 1 44 ? 8.900   0.635   22.011  1.00 58.35  ? 44 TYR C OH  1 
ATOM   1091 N  N   . GLN C 1 45 ? 14.229  -4.625  17.727  1.00 33.48  ? 45 GLN C N   1 
ATOM   1092 C  CA  . GLN C 1 45 ? 15.316  -5.002  16.845  1.00 33.90  ? 45 GLN C CA  1 
ATOM   1093 C  C   . GLN C 1 45 ? 14.807  -5.732  15.595  1.00 31.68  ? 45 GLN C C   1 
ATOM   1094 O  O   . GLN C 1 45 ? 15.209  -5.427  14.477  1.00 30.16  ? 45 GLN C O   1 
ATOM   1095 C  CB  . GLN C 1 45 ? 16.294  -5.892  17.594  1.00 71.71  ? 45 GLN C CB  1 
ATOM   1096 C  CG  . GLN C 1 45 ? 17.604  -6.093  16.889  1.00 75.26  ? 45 GLN C CG  1 
ATOM   1097 C  CD  . GLN C 1 45 ? 18.379  -7.247  17.474  1.00 78.91  ? 45 GLN C CD  1 
ATOM   1098 O  OE1 . GLN C 1 45 ? 19.539  -7.465  17.129  1.00 81.26  ? 45 GLN C OE1 1 
ATOM   1099 N  NE2 . GLN C 1 45 ? 17.737  -8.005  18.362  1.00 79.41  ? 45 GLN C NE2 1 
ATOM   1100 N  N   . GLN C 1 46 ? 13.923  -6.695  15.780  1.00 33.17  ? 46 GLN C N   1 
ATOM   1101 C  CA  . GLN C 1 46 ? 13.413  -7.421  14.640  1.00 32.60  ? 46 GLN C CA  1 
ATOM   1102 C  C   . GLN C 1 46 ? 12.755  -6.465  13.649  1.00 30.93  ? 46 GLN C C   1 
ATOM   1103 O  O   . GLN C 1 46 ? 13.060  -6.483  12.449  1.00 31.57  ? 46 GLN C O   1 
ATOM   1104 C  CB  . GLN C 1 46 ? 12.417  -8.477  15.102  1.00 52.64  ? 46 GLN C CB  1 
ATOM   1105 C  CG  . GLN C 1 46 ? 12.640  -9.828  14.468  1.00 57.63  ? 46 GLN C CG  1 
ATOM   1106 C  CD  . GLN C 1 46 ? 11.996  -10.947 15.247  1.00 60.50  ? 46 GLN C CD  1 
ATOM   1107 O  OE1 . GLN C 1 46 ? 11.982  -12.092 14.800  1.00 62.14  ? 46 GLN C OE1 1 
ATOM   1108 N  NE2 . GLN C 1 46 ? 11.460  -10.628 16.421  1.00 61.27  ? 46 GLN C NE2 1 
ATOM   1109 N  N   . TRP C 1 47 ? 11.857  -5.621  14.145  1.00 34.56  ? 47 TRP C N   1 
ATOM   1110 C  CA  . TRP C 1 47 ? 11.183  -4.678  13.277  1.00 33.21  ? 47 TRP C CA  1 
ATOM   1111 C  C   . TRP C 1 47 ? 12.132  -3.643  12.724  1.00 33.53  ? 47 TRP C C   1 
ATOM   1112 O  O   . TRP C 1 47 ? 11.986  -3.198  11.589  1.00 32.89  ? 47 TRP C O   1 
ATOM   1113 C  CB  . TRP C 1 47 ? 10.025  -4.020  14.005  1.00 33.31  ? 47 TRP C CB  1 
ATOM   1114 C  CG  . TRP C 1 47 ? 8.902   -4.969  14.095  1.00 33.37  ? 47 TRP C CG  1 
ATOM   1115 C  CD1 . TRP C 1 47 ? 8.660   -5.863  15.092  1.00 32.53  ? 47 TRP C CD1 1 
ATOM   1116 C  CD2 . TRP C 1 47 ? 7.939   -5.229  13.076  1.00 34.02  ? 47 TRP C CD2 1 
ATOM   1117 N  NE1 . TRP C 1 47 ? 7.614   -6.672  14.752  1.00 33.20  ? 47 TRP C NE1 1 
ATOM   1118 C  CE2 . TRP C 1 47 ? 7.149   -6.311  13.519  1.00 34.43  ? 47 TRP C CE2 1 
ATOM   1119 C  CE3 . TRP C 1 47 ? 7.671   -4.657  11.821  1.00 34.42  ? 47 TRP C CE3 1 
ATOM   1120 C  CZ2 . TRP C 1 47 ? 6.098   -6.836  12.758  1.00 33.89  ? 47 TRP C CZ2 1 
ATOM   1121 C  CZ3 . TRP C 1 47 ? 6.622   -5.179  11.055  1.00 35.41  ? 47 TRP C CZ3 1 
ATOM   1122 C  CH2 . TRP C 1 47 ? 5.849   -6.264  11.531  1.00 35.53  ? 47 TRP C CH2 1 
ATOM   1123 N  N   . GLN C 1 48 ? 13.114  -3.245  13.512  1.00 36.20  ? 48 GLN C N   1 
ATOM   1124 C  CA  . GLN C 1 48 ? 14.061  -2.295  12.980  1.00 37.56  ? 48 GLN C CA  1 
ATOM   1125 C  C   . GLN C 1 48 ? 14.722  -2.959  11.742  1.00 37.70  ? 48 GLN C C   1 
ATOM   1126 O  O   . GLN C 1 48 ? 14.866  -2.340  10.681  1.00 35.85  ? 48 GLN C O   1 
ATOM   1127 C  CB  . GLN C 1 48 ? 15.071  -1.927  14.061  1.00 41.90  ? 48 GLN C CB  1 
ATOM   1128 C  CG  . GLN C 1 48 ? 14.809  -0.564  14.666  1.00 43.29  ? 48 GLN C CG  1 
ATOM   1129 C  CD  . GLN C 1 48 ? 15.164  -0.480  16.150  1.00 45.41  ? 48 GLN C CD  1 
ATOM   1130 O  OE1 . GLN C 1 48 ? 16.170  -1.039  16.602  1.00 45.77  ? 48 GLN C OE1 1 
ATOM   1131 N  NE2 . GLN C 1 48 ? 14.337  0.236   16.913  1.00 45.52  ? 48 GLN C NE2 1 
ATOM   1132 N  N   . GLN C 1 49 ? 15.082  -4.234  11.852  1.00 38.46  ? 49 GLN C N   1 
ATOM   1133 C  CA  . GLN C 1 49 ? 15.690  -4.907  10.716  1.00 40.23  ? 49 GLN C CA  1 
ATOM   1134 C  C   . GLN C 1 49 ? 14.726  -4.891  9.547   1.00 40.33  ? 49 GLN C C   1 
ATOM   1135 O  O   . GLN C 1 49 ? 15.146  -4.842  8.395   1.00 40.74  ? 49 GLN C O   1 
ATOM   1136 C  CB  . GLN C 1 49 ? 16.059  -6.344  11.051  1.00 59.42  ? 49 GLN C CB  1 
ATOM   1137 C  CG  . GLN C 1 49 ? 17.282  -6.480  11.913  1.00 65.55  ? 49 GLN C CG  1 
ATOM   1138 C  CD  . GLN C 1 49 ? 17.939  -7.835  11.749  1.00 70.66  ? 49 GLN C CD  1 
ATOM   1139 O  OE1 . GLN C 1 49 ? 17.271  -8.881  11.797  1.00 74.01  ? 49 GLN C OE1 1 
ATOM   1140 N  NE2 . GLN C 1 49 ? 19.256  -7.832  11.557  1.00 71.97  ? 49 GLN C NE2 1 
ATOM   1141 N  N   . GLU C 1 50 ? 13.431  -4.936  9.837   1.00 26.96  ? 50 GLU C N   1 
ATOM   1142 C  CA  . GLU C 1 50 ? 12.443  -4.889  8.767   1.00 25.48  ? 50 GLU C CA  1 
ATOM   1143 C  C   . GLU C 1 50 ? 12.635  -3.534  8.059   1.00 24.82  ? 50 GLU C C   1 
ATOM   1144 O  O   . GLU C 1 50 ? 12.747  -3.458  6.824   1.00 24.12  ? 50 GLU C O   1 
ATOM   1145 C  CB  . GLU C 1 50 ? 11.028  -4.970  9.338   1.00 41.30  ? 50 GLU C CB  1 
ATOM   1146 C  CG  . GLU C 1 50 ? 10.114  -6.016  8.715   1.00 45.21  ? 50 GLU C CG  1 
ATOM   1147 C  CD  . GLU C 1 50 ? 10.280  -6.123  7.216   1.00 48.33  ? 50 GLU C CD  1 
ATOM   1148 O  OE1 . GLU C 1 50 ? 11.232  -6.807  6.791   1.00 50.42  ? 50 GLU C OE1 1 
ATOM   1149 O  OE2 . GLU C 1 50 ? 9.475   -5.521  6.463   1.00 48.09  ? 50 GLU C OE2 1 
ATOM   1150 N  N   . ALA C 1 51 ? 12.694  -2.465  8.853   1.00 22.30  ? 51 ALA C N   1 
ATOM   1151 C  CA  . ALA C 1 51 ? 12.857  -1.151  8.288   1.00 20.85  ? 51 ALA C CA  1 
ATOM   1152 C  C   . ALA C 1 51 ? 14.194  -1.020  7.551   1.00 21.62  ? 51 ALA C C   1 
ATOM   1153 O  O   . ALA C 1 51 ? 14.277  -0.328  6.546   1.00 22.32  ? 51 ALA C O   1 
ATOM   1154 C  CB  . ALA C 1 51 ? 12.723  -0.103  9.365   1.00 26.21  ? 51 ALA C CB  1 
ATOM   1155 N  N   . ASP C 1 52 ? 15.245  -1.678  8.027   1.00 25.25  ? 52 ASP C N   1 
ATOM   1156 C  CA  . ASP C 1 52 ? 16.524  -1.595  7.335   1.00 25.07  ? 52 ASP C CA  1 
ATOM   1157 C  C   . ASP C 1 52 ? 16.471  -2.305  5.977   1.00 24.24  ? 52 ASP C C   1 
ATOM   1158 O  O   . ASP C 1 52 ? 17.238  -1.968  5.064   1.00 24.06  ? 52 ASP C O   1 
ATOM   1159 C  CB  . ASP C 1 52 ? 17.624  -2.196  8.191   1.00 39.04  ? 52 ASP C CB  1 
ATOM   1160 C  CG  . ASP C 1 52 ? 17.880  -1.391  9.447   1.00 43.85  ? 52 ASP C CG  1 
ATOM   1161 O  OD1 . ASP C 1 52 ? 18.127  -0.172  9.319   1.00 44.90  ? 52 ASP C OD1 1 
ATOM   1162 O  OD2 . ASP C 1 52 ? 17.835  -1.976  10.562  1.00 47.17  ? 52 ASP C OD2 1 
ATOM   1163 N  N   . ALA C 1 53 ? 15.564  -3.276  5.836   1.00 21.94  ? 53 ALA C N   1 
ATOM   1164 C  CA  . ALA C 1 53 ? 15.406  -4.008  4.578   1.00 21.47  ? 53 ALA C CA  1 
ATOM   1165 C  C   . ALA C 1 53 ? 14.671  -3.132  3.563   1.00 21.84  ? 53 ALA C C   1 
ATOM   1166 O  O   . ALA C 1 53 ? 15.069  -3.026  2.402   1.00 21.14  ? 53 ALA C O   1 
ATOM   1167 C  CB  . ALA C 1 53 ? 14.629  -5.284  4.812   1.00 23.96  ? 53 ALA C CB  1 
ATOM   1168 N  N   . ILE C 1 54 ? 13.588  -2.509  4.012   1.00 24.59  ? 54 ILE C N   1 
ATOM   1169 C  CA  . ILE C 1 54 ? 12.816  -1.629  3.153   1.00 24.35  ? 54 ILE C CA  1 
ATOM   1170 C  C   . ILE C 1 54 ? 13.678  -0.422  2.797   1.00 25.51  ? 54 ILE C C   1 
ATOM   1171 O  O   . ILE C 1 54 ? 13.666  0.025   1.668   1.00 26.85  ? 54 ILE C O   1 
ATOM   1172 C  CB  . ILE C 1 54 ? 11.524  -1.170  3.861   1.00 19.31  ? 54 ILE C CB  1 
ATOM   1173 C  CG1 . ILE C 1 54 ? 10.691  -2.401  4.235   1.00 18.57  ? 54 ILE C CG1 1 
ATOM   1174 C  CG2 . ILE C 1 54 ? 10.722  -0.230  2.957   1.00 18.81  ? 54 ILE C CG2 1 
ATOM   1175 C  CD1 . ILE C 1 54 ? 9.466   -2.105  5.058   1.00 17.86  ? 54 ILE C CD1 1 
ATOM   1176 N  N   . GLU C 1 55 ? 14.421  0.102   3.766   1.00 24.95  ? 55 GLU C N   1 
ATOM   1177 C  CA  . GLU C 1 55 ? 15.311  1.230   3.512   1.00 26.20  ? 55 GLU C CA  1 
ATOM   1178 C  C   . GLU C 1 55 ? 16.405  0.854   2.493   1.00 25.35  ? 55 GLU C C   1 
ATOM   1179 O  O   . GLU C 1 55 ? 16.708  1.619   1.580   1.00 25.76  ? 55 GLU C O   1 
ATOM   1180 C  CB  . GLU C 1 55 ? 15.950  1.720   4.816   1.00 43.94  ? 55 GLU C CB  1 
ATOM   1181 C  CG  . GLU C 1 55 ? 15.031  2.575   5.663   1.00 46.79  ? 55 GLU C CG  1 
ATOM   1182 C  CD  . GLU C 1 55 ? 15.691  3.076   6.934   1.00 50.45  ? 55 GLU C CD  1 
ATOM   1183 O  OE1 . GLU C 1 55 ? 16.059  2.245   7.792   1.00 52.47  ? 55 GLU C OE1 1 
ATOM   1184 O  OE2 . GLU C 1 55 ? 15.842  4.313   7.078   1.00 52.97  ? 55 GLU C OE2 1 
ATOM   1185 N  N   . ALA C 1 56 ? 17.020  -0.310  2.646   1.00 24.47  ? 56 ALA C N   1 
ATOM   1186 C  CA  . ALA C 1 56 ? 18.014  -0.689  1.657   1.00 24.48  ? 56 ALA C CA  1 
ATOM   1187 C  C   . ALA C 1 56 ? 17.302  -0.667  0.287   1.00 25.29  ? 56 ALA C C   1 
ATOM   1188 O  O   . ALA C 1 56 ? 17.790  -0.066  -0.681  1.00 25.97  ? 56 ALA C O   1 
ATOM   1189 C  CB  . ALA C 1 56 ? 18.549  -2.073  1.956   1.00 7.62   ? 56 ALA C CB  1 
ATOM   1190 N  N   . GLY C 1 57 ? 16.131  -1.312  0.234   1.00 25.25  ? 57 GLY C N   1 
ATOM   1191 C  CA  . GLY C 1 57 ? 15.337  -1.356  -0.983  1.00 25.71  ? 57 GLY C CA  1 
ATOM   1192 C  C   . GLY C 1 57 ? 15.127  0.015   -1.603  1.00 26.61  ? 57 GLY C C   1 
ATOM   1193 O  O   . GLY C 1 57 ? 15.082  0.156   -2.815  1.00 26.20  ? 57 GLY C O   1 
HETATM 1194 N  N   . MSE C 1 58 ? 14.983  1.034   -0.769  1.00 34.02  ? 58 MSE C N   1 
HETATM 1195 C  CA  . MSE C 1 58 ? 14.796  2.376   -1.282  1.00 34.02  ? 58 MSE C CA  1 
HETATM 1196 C  C   . MSE C 1 58 ? 16.138  2.890   -1.808  1.00 34.02  ? 58 MSE C C   1 
HETATM 1197 O  O   . MSE C 1 58 ? 16.176  3.641   -2.776  1.00 46.36  ? 58 MSE C O   1 
HETATM 1198 C  CB  . MSE C 1 58 ? 14.241  3.273   -0.187  1.00 76.21  ? 58 MSE C CB  1 
HETATM 1199 C  CG  . MSE C 1 58 ? 12.866  2.842   0.254   1.00 76.21  ? 58 MSE C CG  1 
HETATM 1200 SE SE  . MSE C 1 58 ? 12.243  3.757   1.833   1.00 76.21  ? 58 MSE C SE  1 
HETATM 1201 C  CE  . MSE C 1 58 ? 11.130  5.077   1.000   1.00 76.21  ? 58 MSE C CE  1 
ATOM   1202 N  N   . ASN C 1 59 ? 17.236  2.451   -1.190  1.00 29.25  ? 59 ASN C N   1 
ATOM   1203 C  CA  . ASN C 1 59 ? 18.581  2.852   -1.601  1.00 30.54  ? 59 ASN C CA  1 
ATOM   1204 C  C   . ASN C 1 59 ? 18.865  2.382   -3.010  1.00 30.91  ? 59 ASN C C   1 
ATOM   1205 O  O   . ASN C 1 59 ? 19.471  3.097   -3.793  1.00 30.55  ? 59 ASN C O   1 
ATOM   1206 C  CB  . ASN C 1 59 ? 19.629  2.256   -0.670  1.00 59.85  ? 59 ASN C CB  1 
ATOM   1207 C  CG  . ASN C 1 59 ? 20.156  3.256   0.327   1.00 64.27  ? 59 ASN C CG  1 
ATOM   1208 O  OD1 . ASN C 1 59 ? 19.390  3.919   1.030   1.00 65.78  ? 59 ASN C OD1 1 
ATOM   1209 N  ND2 . ASN C 1 59 ? 21.476  3.375   0.397   1.00 65.40  ? 59 ASN C ND2 1 
ATOM   1210 N  N   . ILE C 1 60 ? 18.424  1.170   -3.338  1.00 15.81  ? 60 ILE C N   1 
ATOM   1211 C  CA  . ILE C 1 60 ? 18.651  0.630   -4.667  1.00 15.81  ? 60 ILE C CA  1 
ATOM   1212 C  C   . ILE C 1 60 ? 17.819  1.375   -5.710  1.00 15.81  ? 60 ILE C C   1 
ATOM   1213 O  O   . ILE C 1 60 ? 18.297  1.659   -6.797  1.00 28.66  ? 60 ILE C O   1 
ATOM   1214 C  CB  . ILE C 1 60 ? 18.349  -0.881  -4.686  1.00 29.19  ? 60 ILE C CB  1 
ATOM   1215 C  CG1 . ILE C 1 60 ? 19.118  -1.554  -3.536  1.00 29.19  ? 60 ILE C CG1 1 
ATOM   1216 C  CG2 . ILE C 1 60 ? 18.724  -1.470  -6.045  1.00 29.19  ? 60 ILE C CG2 1 
ATOM   1217 C  CD1 . ILE C 1 60 ? 19.212  -3.085  -3.575  1.00 29.19  ? 60 ILE C CD1 1 
ATOM   1218 N  N   . ILE C 1 61 ? 16.576  1.701   -5.382  1.00 27.27  ? 61 ILE C N   1 
ATOM   1219 C  CA  . ILE C 1 61 ? 15.740  2.430   -6.330  1.00 27.27  ? 61 ILE C CA  1 
ATOM   1220 C  C   . ILE C 1 61 ? 16.505  3.696   -6.717  1.00 27.27  ? 61 ILE C C   1 
ATOM   1221 O  O   . ILE C 1 61 ? 16.839  3.907   -7.883  1.00 52.57  ? 61 ILE C O   1 
ATOM   1222 C  CB  . ILE C 1 61 ? 14.388  2.841   -5.721  1.00 31.94  ? 61 ILE C CB  1 
ATOM   1223 C  CG1 . ILE C 1 61 ? 13.423  1.678   -5.744  1.00 31.94  ? 61 ILE C CG1 1 
ATOM   1224 C  CG2 . ILE C 1 61 ? 13.765  3.936   -6.554  1.00 31.94  ? 61 ILE C CG2 1 
ATOM   1225 C  CD1 . ILE C 1 61 ? 12.979  1.336   -7.147  1.00 31.94  ? 61 ILE C CD1 1 
ATOM   1226 N  N   . GLU C 1 62 ? 16.762  4.530   -5.716  1.00 58.50  ? 62 GLU C N   1 
ATOM   1227 C  CA  . GLU C 1 62 ? 17.510  5.766   -5.880  1.00 58.50  ? 62 GLU C CA  1 
ATOM   1228 C  C   . GLU C 1 62 ? 18.634  5.532   -6.908  1.00 58.50  ? 62 GLU C C   1 
ATOM   1229 O  O   . GLU C 1 62 ? 18.600  6.061   -8.019  1.00 89.75  ? 62 GLU C O   1 
ATOM   1230 C  CB  . GLU C 1 62 ? 18.075  6.156   -4.512  1.00 104.87 ? 62 GLU C CB  1 
ATOM   1231 C  CG  . GLU C 1 62 ? 19.090  7.273   -4.489  1.00 104.87 ? 62 GLU C CG  1 
ATOM   1232 C  CD  . GLU C 1 62 ? 19.538  7.597   -3.071  1.00 104.87 ? 62 GLU C CD  1 
ATOM   1233 O  OE1 . GLU C 1 62 ? 19.902  6.654   -2.332  1.00 104.87 ? 62 GLU C OE1 1 
ATOM   1234 O  OE2 . GLU C 1 62 ? 19.530  8.790   -2.694  1.00 104.87 ? 62 GLU C OE2 1 
ATOM   1235 N  N   . LYS C 1 63 ? 19.613  4.723   -6.523  1.00 34.80  ? 63 LYS C N   1 
ATOM   1236 C  CA  . LYS C 1 63 ? 20.757  4.363   -7.363  1.00 34.80  ? 63 LYS C CA  1 
ATOM   1237 C  C   . LYS C 1 63 ? 20.347  3.956   -8.790  1.00 34.80  ? 63 LYS C C   1 
ATOM   1238 O  O   . LYS C 1 63 ? 21.076  4.209   -9.745  1.00 67.92  ? 63 LYS C O   1 
ATOM   1239 C  CB  . LYS C 1 63 ? 21.513  3.210   -6.690  1.00 56.04  ? 63 LYS C CB  1 
ATOM   1240 C  CG  . LYS C 1 63 ? 22.711  2.698   -7.450  1.00 56.04  ? 63 LYS C CG  1 
ATOM   1241 C  CD  . LYS C 1 63 ? 23.301  1.454   -6.790  1.00 56.04  ? 63 LYS C CD  1 
ATOM   1242 C  CE  . LYS C 1 63 ? 22.420  0.216   -7.002  1.00 56.04  ? 63 LYS C CE  1 
ATOM   1243 N  NZ  . LYS C 1 63 ? 23.005  -1.032  -6.403  1.00 56.04  ? 63 LYS C NZ  1 
ATOM   1244 N  N   . ILE C 1 64 ? 19.177  3.330   -8.917  1.00 64.09  ? 64 ILE C N   1 
ATOM   1245 C  CA  . ILE C 1 64 ? 18.641  2.878   -10.208 1.00 65.58  ? 64 ILE C CA  1 
ATOM   1246 C  C   . ILE C 1 64 ? 18.125  4.002   -11.107 1.00 66.79  ? 64 ILE C C   1 
ATOM   1247 O  O   . ILE C 1 64 ? 18.523  4.106   -12.265 1.00 68.38  ? 64 ILE C O   1 
ATOM   1248 C  CB  . ILE C 1 64 ? 17.466  1.867   -10.009 1.00 36.22  ? 64 ILE C CB  1 
ATOM   1249 C  CG1 . ILE C 1 64 ? 18.006  0.453   -9.820  1.00 34.62  ? 64 ILE C CG1 1 
ATOM   1250 C  CG2 . ILE C 1 64 ? 16.500  1.925   -11.206 1.00 34.69  ? 64 ILE C CG2 1 
ATOM   1251 C  CD1 . ILE C 1 64 ? 16.937  -0.556  -9.472  1.00 34.72  ? 64 ILE C CD1 1 
ATOM   1252 N  N   . LYS C 1 65 ? 17.222  4.824   -10.574 1.00 47.62  ? 65 LYS C N   1 
ATOM   1253 C  CA  . LYS C 1 65 ? 16.619  5.917   -11.333 1.00 48.90  ? 65 LYS C CA  1 
ATOM   1254 C  C   . LYS C 1 65 ? 17.513  7.150   -11.457 1.00 48.96  ? 65 LYS C C   1 
ATOM   1255 O  O   . LYS C 1 65 ? 18.658  7.139   -10.945 1.00 48.74  ? 65 LYS C O   1 
ATOM   1256 C  CB  . LYS C 1 65 ? 15.292  6.325   -10.693 1.00 59.93  ? 65 LYS C CB  1 
ATOM   1257 C  CG  . LYS C 1 65 ? 15.456  7.225   -9.483  1.00 60.51  ? 65 LYS C CG  1 
ATOM   1258 C  CD  . LYS C 1 65 ? 14.222  7.230   -8.588  1.00 60.09  ? 65 LYS C CD  1 
ATOM   1259 C  CE  . LYS C 1 65 ? 13.017  7.871   -9.246  1.00 60.54  ? 65 LYS C CE  1 
ATOM   1260 N  NZ  . LYS C 1 65 ? 11.848  7.876   -8.313  1.00 60.89  ? 65 LYS C NZ  1 
ATOM   1261 N  N   . PRO D 1 14 ? -1.462  -8.713  14.518  1.00 55.18  ? 14 PRO D N   1 
ATOM   1262 C  CA  . PRO D 1 14 ? -1.327  -9.578  13.320  1.00 53.64  ? 14 PRO D CA  1 
ATOM   1263 C  C   . PRO D 1 14 ? -1.547  -8.783  12.044  1.00 51.48  ? 14 PRO D C   1 
ATOM   1264 O  O   . PRO D 1 14 ? -0.998  -9.126  11.005  1.00 51.17  ? 14 PRO D O   1 
ATOM   1265 C  CB  . PRO D 1 14 ? -2.360  -10.686 13.451  1.00 59.66  ? 14 PRO D CB  1 
ATOM   1266 C  CG  . PRO D 1 14 ? -2.518  -10.769 14.965  1.00 61.54  ? 14 PRO D CG  1 
ATOM   1267 C  CD  . PRO D 1 14 ? -2.436  -9.304  15.451  1.00 61.36  ? 14 PRO D CD  1 
ATOM   1268 N  N   . VAL D 1 15 ? -2.353  -7.724  12.134  1.00 40.24  ? 15 VAL D N   1 
ATOM   1269 C  CA  . VAL D 1 15 ? -2.652  -6.841  10.992  1.00 40.24  ? 15 VAL D CA  1 
ATOM   1270 C  C   . VAL D 1 15 ? -1.365  -6.310  10.352  1.00 40.24  ? 15 VAL D C   1 
ATOM   1271 O  O   . VAL D 1 15 ? -1.179  -6.388  9.139   1.00 73.79  ? 15 VAL D O   1 
ATOM   1272 C  CB  . VAL D 1 15 ? -3.509  -5.599  11.420  1.00 41.81  ? 15 VAL D CB  1 
ATOM   1273 C  CG1 . VAL D 1 15 ? -4.871  -6.031  11.896  1.00 41.81  ? 15 VAL D CG1 1 
ATOM   1274 C  CG2 . VAL D 1 15 ? -2.810  -4.829  12.531  1.00 41.81  ? 15 VAL D CG2 1 
ATOM   1275 N  N   . PHE D 1 16 ? -0.488  -5.774  11.203  1.00 35.82  ? 16 PHE D N   1 
ATOM   1276 C  CA  . PHE D 1 16 ? 0.784   -5.197  10.796  1.00 35.82  ? 16 PHE D CA  1 
ATOM   1277 C  C   . PHE D 1 16 ? 1.655   -6.132  9.944   1.00 35.82  ? 16 PHE D C   1 
ATOM   1278 O  O   . PHE D 1 16 ? 1.972   -5.811  8.798   1.00 64.40  ? 16 PHE D O   1 
ATOM   1279 C  CB  . PHE D 1 16 ? 1.537   -4.731  12.044  1.00 27.65  ? 16 PHE D CB  1 
ATOM   1280 C  CG  . PHE D 1 16 ? 0.796   -3.683  12.845  1.00 27.65  ? 16 PHE D CG  1 
ATOM   1281 C  CD1 . PHE D 1 16 ? 0.506   -2.447  12.294  1.00 27.65  ? 16 PHE D CD1 1 
ATOM   1282 C  CD2 . PHE D 1 16 ? 0.373   -3.950  14.149  1.00 27.65  ? 16 PHE D CD2 1 
ATOM   1283 C  CE1 . PHE D 1 16 ? -0.195  -1.489  13.023  1.00 27.65  ? 16 PHE D CE1 1 
ATOM   1284 C  CE2 . PHE D 1 16 ? -0.323  -3.016  14.890  1.00 27.65  ? 16 PHE D CE2 1 
ATOM   1285 C  CZ  . PHE D 1 16 ? -0.615  -1.782  14.336  1.00 27.65  ? 16 PHE D CZ  1 
ATOM   1286 N  N   . ALA D 1 17 ? 2.039   -7.280  10.492  1.00 34.51  ? 17 ALA D N   1 
ATOM   1287 C  CA  . ALA D 1 17 ? 2.866   -8.232  9.755   1.00 30.66  ? 17 ALA D CA  1 
ATOM   1288 C  C   . ALA D 1 17 ? 2.189   -8.741  8.480   1.00 27.98  ? 17 ALA D C   1 
ATOM   1289 O  O   . ALA D 1 17 ? 2.821   -8.899  7.430   1.00 26.68  ? 17 ALA D O   1 
ATOM   1290 C  CB  . ALA D 1 17 ? 3.219   -9.407  10.648  1.00 62.58  ? 17 ALA D CB  1 
ATOM   1291 N  N   . ARG D 1 18 ? 0.901   -9.005  8.597   1.00 31.36  ? 18 ARG D N   1 
ATOM   1292 C  CA  . ARG D 1 18 ? 0.085   -9.514  7.499   1.00 31.36  ? 18 ARG D CA  1 
ATOM   1293 C  C   . ARG D 1 18 ? -0.097  -8.459  6.414   1.00 31.36  ? 18 ARG D C   1 
ATOM   1294 O  O   . ARG D 1 18 ? -0.251  -8.790  5.237   1.00 47.45  ? 18 ARG D O   1 
ATOM   1295 C  CB  . ARG D 1 18 ? -1.269  -9.913  8.059   1.00 44.49  ? 18 ARG D CB  1 
ATOM   1296 C  CG  . ARG D 1 18 ? -2.223  -10.586 7.117   1.00 44.49  ? 18 ARG D CG  1 
ATOM   1297 C  CD  . ARG D 1 18 ? -3.651  -10.381 7.647   1.00 44.49  ? 18 ARG D CD  1 
ATOM   1298 N  NE  . ARG D 1 18 ? -4.094  -9.005  7.402   1.00 44.49  ? 18 ARG D NE  1 
ATOM   1299 C  CZ  . ARG D 1 18 ? -5.042  -8.380  8.087   1.00 44.49  ? 18 ARG D CZ  1 
ATOM   1300 N  NH1 . ARG D 1 18 ? -5.665  -8.997  9.074   1.00 44.49  ? 18 ARG D NH1 1 
ATOM   1301 N  NH2 . ARG D 1 18 ? -5.350  -7.132  7.787   1.00 44.49  ? 18 ARG D NH2 1 
ATOM   1302 N  N   . GLU D 1 19 ? -0.078  -7.187  6.816   1.00 23.16  ? 19 GLU D N   1 
ATOM   1303 C  CA  . GLU D 1 19 ? -0.262  -6.079  5.877   1.00 23.16  ? 19 GLU D CA  1 
ATOM   1304 C  C   . GLU D 1 19 ? 1.064   -5.713  5.247   1.00 23.16  ? 19 GLU D C   1 
ATOM   1305 O  O   . GLU D 1 19 ? 1.120   -5.281  4.087   1.00 28.82  ? 19 GLU D O   1 
ATOM   1306 C  CB  . GLU D 1 19 ? -0.861  -4.875  6.588   1.00 105.06 ? 19 GLU D CB  1 
ATOM   1307 C  CG  . GLU D 1 19 ? -1.267  -3.766  5.657   1.00 105.06 ? 19 GLU D CG  1 
ATOM   1308 C  CD  . GLU D 1 19 ? -1.900  -2.621  6.406   1.00 105.06 ? 19 GLU D CD  1 
ATOM   1309 O  OE1 . GLU D 1 19 ? -1.300  -2.184  7.410   1.00 105.06 ? 19 GLU D OE1 1 
ATOM   1310 O  OE2 . GLU D 1 19 ? -2.988  -2.161  5.996   1.00 105.06 ? 19 GLU D OE2 1 
ATOM   1311 N  N   . LEU D 1 20 ? 2.137   -5.893  6.015   1.00 32.97  ? 20 LEU D N   1 
ATOM   1312 C  CA  . LEU D 1 20 ? 3.483   -5.626  5.533   1.00 32.42  ? 20 LEU D CA  1 
ATOM   1313 C  C   . LEU D 1 20 ? 3.856   -6.650  4.467   1.00 32.88  ? 20 LEU D C   1 
ATOM   1314 O  O   . LEU D 1 20 ? 4.419   -6.309  3.445   1.00 33.24  ? 20 LEU D O   1 
ATOM   1315 C  CB  . LEU D 1 20 ? 4.479   -5.687  6.685   1.00 26.44  ? 20 LEU D CB  1 
ATOM   1316 C  CG  . LEU D 1 20 ? 5.956   -5.427  6.370   1.00 27.57  ? 20 LEU D CG  1 
ATOM   1317 C  CD1 . LEU D 1 20 ? 6.123   -4.412  5.246   1.00 27.60  ? 20 LEU D CD1 1 
ATOM   1318 C  CD2 . LEU D 1 20 ? 6.616   -4.912  7.642   1.00 29.32  ? 20 LEU D CD2 1 
ATOM   1319 N  N   . HIS D 1 21 ? 3.534   -7.911  4.700   1.00 32.88  ? 21 HIS D N   1 
ATOM   1320 C  CA  . HIS D 1 21 ? 3.837   -8.944  3.726   1.00 33.02  ? 21 HIS D CA  1 
ATOM   1321 C  C   . HIS D 1 21 ? 3.136   -8.616  2.396   1.00 32.68  ? 21 HIS D C   1 
ATOM   1322 O  O   . HIS D 1 21 ? 3.751   -8.667  1.326   1.00 31.96  ? 21 HIS D O   1 
ATOM   1323 C  CB  . HIS D 1 21 ? 3.389   -10.302 4.268   1.00 29.70  ? 21 HIS D CB  1 
ATOM   1324 C  CG  . HIS D 1 21 ? 3.863   -11.465 3.456   1.00 33.44  ? 21 HIS D CG  1 
ATOM   1325 N  ND1 . HIS D 1 21 ? 3.119   -12.015 2.428   1.00 35.80  ? 21 HIS D ND1 1 
ATOM   1326 C  CD2 . HIS D 1 21 ? 5.025   -12.160 3.488   1.00 35.08  ? 21 HIS D CD2 1 
ATOM   1327 C  CE1 . HIS D 1 21 ? 3.805   -12.991 1.867   1.00 36.18  ? 21 HIS D CE1 1 
ATOM   1328 N  NE2 . HIS D 1 21 ? 4.966   -13.102 2.490   1.00 37.37  ? 21 HIS D NE2 1 
ATOM   1329 N  N   . ALA D 1 22 ? 1.860   -8.248  2.469   1.00 32.02  ? 22 ALA D N   1 
ATOM   1330 C  CA  . ALA D 1 22 ? 1.079   -7.906  1.279   1.00 31.32  ? 22 ALA D CA  1 
ATOM   1331 C  C   . ALA D 1 22 ? 1.671   -6.736  0.489   1.00 33.10  ? 22 ALA D C   1 
ATOM   1332 O  O   . ALA D 1 22 ? 1.750   -6.768  -0.747  1.00 34.82  ? 22 ALA D O   1 
ATOM   1333 C  CB  . ALA D 1 22 ? -0.324  -7.580  1.681   1.00 15.74  ? 22 ALA D CB  1 
ATOM   1334 N  N   . GLN D 1 23 ? 2.079   -5.704  1.213   1.00 19.53  ? 23 GLN D N   1 
ATOM   1335 C  CA  . GLN D 1 23 ? 2.673   -4.520  0.611   1.00 19.25  ? 23 GLN D CA  1 
ATOM   1336 C  C   . GLN D 1 23 ? 3.939   -4.955  -0.117  1.00 19.45  ? 23 GLN D C   1 
ATOM   1337 O  O   . GLN D 1 23 ? 4.165   -4.632  -1.299  1.00 19.01  ? 23 GLN D O   1 
ATOM   1338 C  CB  . GLN D 1 23 ? 3.008   -3.518  1.718   1.00 18.51  ? 23 GLN D CB  1 
ATOM   1339 C  CG  . GLN D 1 23 ? 3.455   -2.186  1.216   1.00 24.50  ? 23 GLN D CG  1 
ATOM   1340 C  CD  . GLN D 1 23 ? 2.627   -1.699  0.041   1.00 28.42  ? 23 GLN D CD  1 
ATOM   1341 O  OE1 . GLN D 1 23 ? 2.922   -2.023  -1.110  1.00 28.57  ? 23 GLN D OE1 1 
ATOM   1342 N  NE2 . GLN D 1 23 ? 1.571   -0.924  0.325   1.00 30.63  ? 23 GLN D NE2 1 
ATOM   1343 N  N   . LEU D 1 24 ? 4.770   -5.701  0.608   1.00 30.57  ? 24 LEU D N   1 
ATOM   1344 C  CA  . LEU D 1 24 ? 6.015   -6.187  0.056   1.00 29.49  ? 24 LEU D CA  1 
ATOM   1345 C  C   . LEU D 1 24 ? 5.752   -7.067  -1.162  1.00 30.34  ? 24 LEU D C   1 
ATOM   1346 O  O   . LEU D 1 24 ? 6.496   -7.004  -2.131  1.00 29.72  ? 24 LEU D O   1 
ATOM   1347 C  CB  . LEU D 1 24 ? 6.811   -6.953  1.121   1.00 17.04  ? 24 LEU D CB  1 
ATOM   1348 C  CG  . LEU D 1 24 ? 7.649   -6.134  2.115   1.00 12.18  ? 24 LEU D CG  1 
ATOM   1349 C  CD1 . LEU D 1 24 ? 8.388   -7.072  3.054   1.00 9.37   ? 24 LEU D CD1 1 
ATOM   1350 C  CD2 . LEU D 1 24 ? 8.651   -5.296  1.374   1.00 5.68   ? 24 LEU D CD2 1 
ATOM   1351 N  N   . VAL D 1 25 ? 4.693   -7.877  -1.120  1.00 31.13  ? 25 VAL D N   1 
ATOM   1352 C  CA  . VAL D 1 25 ? 4.375   -8.749  -2.244  1.00 31.04  ? 25 VAL D CA  1 
ATOM   1353 C  C   . VAL D 1 25 ? 3.916   -7.977  -3.507  1.00 32.25  ? 25 VAL D C   1 
ATOM   1354 O  O   . VAL D 1 25 ? 4.149   -8.425  -4.639  1.00 33.18  ? 25 VAL D O   1 
ATOM   1355 C  CB  . VAL D 1 25 ? 3.349   -9.821  -1.815  1.00 28.03  ? 25 VAL D CB  1 
ATOM   1356 C  CG1 . VAL D 1 25 ? 2.496   -10.268 -2.994  1.00 25.88  ? 25 VAL D CG1 1 
ATOM   1357 C  CG2 . VAL D 1 25 ? 4.099   -11.029 -1.250  1.00 27.69  ? 25 VAL D CG2 1 
ATOM   1358 N  N   . GLN D 1 26 ? 3.275   -6.824  -3.326  1.00 28.17  ? 26 GLN D N   1 
ATOM   1359 C  CA  . GLN D 1 26 ? 2.877   -6.021  -4.474  1.00 28.47  ? 26 GLN D CA  1 
ATOM   1360 C  C   . GLN D 1 26 ? 4.165   -5.308  -4.876  1.00 26.43  ? 26 GLN D C   1 
ATOM   1361 O  O   . GLN D 1 26 ? 4.361   -4.949  -6.029  1.00 23.81  ? 26 GLN D O   1 
ATOM   1362 C  CB  . GLN D 1 26 ? 1.790   -5.005  -4.101  1.00 42.32  ? 26 GLN D CB  1 
ATOM   1363 C  CG  . GLN D 1 26 ? 0.710   -5.583  -3.187  1.00 50.96  ? 26 GLN D CG  1 
ATOM   1364 C  CD  . GLN D 1 26 ? -0.009  -6.821  -3.750  1.00 55.58  ? 26 GLN D CD  1 
ATOM   1365 O  OE1 . GLN D 1 26 ? -0.387  -7.738  -2.993  1.00 56.82  ? 26 GLN D OE1 1 
ATOM   1366 N  NE2 . GLN D 1 26 ? -0.217  -6.844  -5.073  1.00 57.63  ? 26 GLN D NE2 1 
ATOM   1367 N  N   . ALA D 1 27 ? 5.055   -5.107  -3.910  1.00 25.58  ? 27 ALA D N   1 
ATOM   1368 C  CA  . ALA D 1 27 ? 6.321   -4.469  -4.222  1.00 25.64  ? 27 ALA D CA  1 
ATOM   1369 C  C   . ALA D 1 27 ? 7.107   -5.382  -5.183  1.00 25.09  ? 27 ALA D C   1 
ATOM   1370 O  O   . ALA D 1 27 ? 7.741   -4.889  -6.099  1.00 25.76  ? 27 ALA D O   1 
ATOM   1371 C  CB  . ALA D 1 27 ? 7.106   -4.200  -2.950  1.00 21.99  ? 27 ALA D CB  1 
ATOM   1372 N  N   . LEU D 1 28 ? 7.049   -6.703  -4.981  1.00 28.67  ? 28 LEU D N   1 
ATOM   1373 C  CA  . LEU D 1 28 ? 7.720   -7.670  -5.864  1.00 29.74  ? 28 LEU D CA  1 
ATOM   1374 C  C   . LEU D 1 28 ? 6.980   -7.713  -7.187  1.00 30.07  ? 28 LEU D C   1 
ATOM   1375 O  O   . LEU D 1 28 ? 7.562   -7.973  -8.246  1.00 28.82  ? 28 LEU D O   1 
ATOM   1376 C  CB  . LEU D 1 28 ? 7.689   -9.092  -5.297  1.00 27.47  ? 28 LEU D CB  1 
ATOM   1377 C  CG  . LEU D 1 28 ? 8.996   -9.758  -4.848  1.00 26.73  ? 28 LEU D CG  1 
ATOM   1378 C  CD1 . LEU D 1 28 ? 8.812   -11.235 -4.945  1.00 27.99  ? 28 LEU D CD1 1 
ATOM   1379 C  CD2 . LEU D 1 28 ? 10.157  -9.364  -5.708  1.00 23.19  ? 28 LEU D CD2 1 
ATOM   1380 N  N   . GLY D 1 29 ? 5.671   -7.491  -7.102  1.00 17.39  ? 29 GLY D N   1 
ATOM   1381 C  CA  . GLY D 1 29 ? 4.855   -7.482  -8.288  1.00 17.82  ? 29 GLY D CA  1 
ATOM   1382 C  C   . GLY D 1 29 ? 5.458   -6.473  -9.224  1.00 20.19  ? 29 GLY D C   1 
ATOM   1383 O  O   . GLY D 1 29 ? 5.775   -6.796  -10.356 1.00 23.45  ? 29 GLY D O   1 
ATOM   1384 N  N   . ASP D 1 30 ? 5.651   -5.247  -8.754  1.00 34.61  ? 30 ASP D N   1 
ATOM   1385 C  CA  . ASP D 1 30 ? 6.213   -4.212  -9.613  1.00 34.73  ? 30 ASP D CA  1 
ATOM   1386 C  C   . ASP D 1 30 ? 7.530   -4.617  -10.231 1.00 33.58  ? 30 ASP D C   1 
ATOM   1387 O  O   . ASP D 1 30 ? 7.717   -4.422  -11.428 1.00 33.02  ? 30 ASP D O   1 
ATOM   1388 C  CB  . ASP D 1 30 ? 6.367   -2.898  -8.855  1.00 50.05  ? 30 ASP D CB  1 
ATOM   1389 C  CG  . ASP D 1 30 ? 5.039   -2.283  -8.519  1.00 51.98  ? 30 ASP D CG  1 
ATOM   1390 O  OD1 . ASP D 1 30 ? 4.149   -2.338  -9.405  1.00 52.12  ? 30 ASP D OD1 1 
ATOM   1391 O  OD2 . ASP D 1 30 ? 4.883   -1.753  -7.389  1.00 52.53  ? 30 ASP D OD2 1 
ATOM   1392 N  N   . VAL D 1 31 ? 8.435   -5.177  -9.424  1.00 21.29  ? 31 VAL D N   1 
ATOM   1393 C  CA  . VAL D 1 31 ? 9.728   -5.626  -9.925  1.00 21.05  ? 31 VAL D CA  1 
ATOM   1394 C  C   . VAL D 1 31 ? 9.503   -6.746  -10.937 1.00 22.77  ? 31 VAL D C   1 
ATOM   1395 O  O   . VAL D 1 31 ? 10.132  -6.759  -11.978 1.00 24.36  ? 31 VAL D O   1 
ATOM   1396 C  CB  . VAL D 1 31 ? 10.630  -6.138  -8.785  1.00 18.61  ? 31 VAL D CB  1 
ATOM   1397 C  CG1 . VAL D 1 31 ? 11.830  -6.891  -9.355  1.00 15.54  ? 31 VAL D CG1 1 
ATOM   1398 C  CG2 . VAL D 1 31 ? 11.108  -4.978  -7.945  1.00 16.58  ? 31 VAL D CG2 1 
ATOM   1399 N  N   . LYS D 1 32 ? 8.603   -7.683  -10.644 1.00 26.79  ? 32 LYS D N   1 
ATOM   1400 C  CA  . LYS D 1 32 ? 8.329   -8.785  -11.570 1.00 27.12  ? 32 LYS D CA  1 
ATOM   1401 C  C   . LYS D 1 32 ? 7.721   -8.301  -12.880 1.00 27.82  ? 32 LYS D C   1 
ATOM   1402 O  O   . LYS D 1 32 ? 7.835   -8.959  -13.911 1.00 28.62  ? 32 LYS D O   1 
ATOM   1403 C  CB  . LYS D 1 32 ? 7.393   -9.810  -10.932 1.00 28.66  ? 32 LYS D CB  1 
ATOM   1404 C  CG  . LYS D 1 32 ? 8.094   -10.738 -9.956  1.00 27.94  ? 32 LYS D CG  1 
ATOM   1405 C  CD  . LYS D 1 32 ? 7.195   -11.868 -9.474  1.00 27.62  ? 32 LYS D CD  1 
ATOM   1406 C  CE  . LYS D 1 32 ? 5.885   -11.357 -8.885  1.00 25.67  ? 32 LYS D CE  1 
ATOM   1407 N  NZ  . LYS D 1 32 ? 5.351   -12.326 -7.886  1.00 21.93  ? 32 LYS D NZ  1 
ATOM   1408 N  N   . ARG D 1 33 ? 7.080   -7.139  -12.836 1.00 20.63  ? 33 ARG D N   1 
ATOM   1409 C  CA  . ARG D 1 33 ? 6.454   -6.556  -14.014 1.00 20.66  ? 33 ARG D CA  1 
ATOM   1410 C  C   . ARG D 1 33 ? 7.542   -5.867  -14.834 1.00 20.94  ? 33 ARG D C   1 
ATOM   1411 O  O   . ARG D 1 33 ? 7.479   -5.809  -16.048 1.00 22.13  ? 33 ARG D O   1 
ATOM   1412 C  CB  . ARG D 1 33 ? 5.412   -5.548  -13.565 1.00 56.35  ? 33 ARG D CB  1 
ATOM   1413 C  CG  . ARG D 1 33 ? 4.336   -5.259  -14.557 1.00 58.07  ? 33 ARG D CG  1 
ATOM   1414 C  CD  . ARG D 1 33 ? 3.272   -4.435  -13.870 1.00 62.18  ? 33 ARG D CD  1 
ATOM   1415 N  NE  . ARG D 1 33 ? 2.863   -5.077  -12.624 1.00 65.54  ? 33 ARG D NE  1 
ATOM   1416 C  CZ  . ARG D 1 33 ? 2.544   -4.421  -11.514 1.00 66.57  ? 33 ARG D CZ  1 
ATOM   1417 N  NH1 . ARG D 1 33 ? 2.585   -3.093  -11.485 1.00 67.06  ? 33 ARG D NH1 1 
ATOM   1418 N  NH2 . ARG D 1 33 ? 2.190   -5.094  -10.430 1.00 66.69  ? 33 ARG D NH2 1 
ATOM   1419 N  N   . ARG D 1 34 ? 8.548   -5.348  -14.147 1.00 24.50  ? 34 ARG D N   1 
ATOM   1420 C  CA  . ARG D 1 34 ? 9.656   -4.664  -14.787 1.00 25.44  ? 34 ARG D CA  1 
ATOM   1421 C  C   . ARG D 1 34 ? 10.521  -5.629  -15.591 1.00 26.43  ? 34 ARG D C   1 
ATOM   1422 O  O   . ARG D 1 34 ? 10.846  -5.361  -16.736 1.00 25.99  ? 34 ARG D O   1 
ATOM   1423 C  CB  . ARG D 1 34 ? 10.517  -3.960  -13.732 1.00 30.72  ? 34 ARG D CB  1 
ATOM   1424 C  CG  . ARG D 1 34 ? 11.862  -3.429  -14.250 1.00 31.16  ? 34 ARG D CG  1 
ATOM   1425 C  CD  . ARG D 1 34 ? 11.669  -2.226  -15.128 1.00 34.38  ? 34 ARG D CD  1 
ATOM   1426 N  NE  . ARG D 1 34 ? 12.868  -1.869  -15.875 1.00 36.48  ? 34 ARG D NE  1 
ATOM   1427 C  CZ  . ARG D 1 34 ? 13.335  -2.541  -16.928 1.00 37.96  ? 34 ARG D CZ  1 
ATOM   1428 N  NH1 . ARG D 1 34 ? 12.708  -3.623  -17.363 1.00 39.68  ? 34 ARG D NH1 1 
ATOM   1429 N  NH2 . ARG D 1 34 ? 14.412  -2.116  -17.581 1.00 39.39  ? 34 ARG D NH2 1 
ATOM   1430 N  N   . LEU D 1 35 ? 10.884  -6.757  -14.999 1.00 26.40  ? 35 LEU D N   1 
ATOM   1431 C  CA  . LEU D 1 35 ? 11.743  -7.711  -15.684 1.00 28.05  ? 35 LEU D CA  1 
ATOM   1432 C  C   . LEU D 1 35 ? 11.194  -8.246  -17.021 1.00 29.91  ? 35 LEU D C   1 
ATOM   1433 O  O   . LEU D 1 35 ? 11.928  -8.879  -17.788 1.00 29.41  ? 35 LEU D O   1 
ATOM   1434 C  CB  . LEU D 1 35 ? 12.053  -8.863  -14.735 1.00 20.65  ? 35 LEU D CB  1 
ATOM   1435 C  CG  . LEU D 1 35 ? 12.637  -8.433  -13.398 1.00 19.23  ? 35 LEU D CG  1 
ATOM   1436 C  CD1 . LEU D 1 35 ? 12.680  -9.611  -12.435 1.00 19.92  ? 35 LEU D CD1 1 
ATOM   1437 C  CD2 . LEU D 1 35 ? 14.012  -7.877  -13.637 1.00 17.25  ? 35 LEU D CD2 1 
ATOM   1438 N  N   . LEU D 1 36 ? 9.913   -7.989  -17.294 1.00 40.78  ? 36 LEU D N   1 
ATOM   1439 C  CA  . LEU D 1 36 ? 9.258   -8.427  -18.528 1.00 41.69  ? 36 LEU D CA  1 
ATOM   1440 C  C   . LEU D 1 36 ? 9.366   -7.408  -19.651 1.00 43.42  ? 36 LEU D C   1 
ATOM   1441 O  O   . LEU D 1 36 ? 8.853   -7.645  -20.747 1.00 44.35  ? 36 LEU D O   1 
ATOM   1442 C  CB  . LEU D 1 36 ? 7.769   -8.669  -18.299 1.00 38.81  ? 36 LEU D CB  1 
ATOM   1443 C  CG  . LEU D 1 36 ? 7.253   -10.005 -17.795 1.00 38.20  ? 36 LEU D CG  1 
ATOM   1444 C  CD1 . LEU D 1 36 ? 5.732   -9.969  -17.687 1.00 38.45  ? 36 LEU D CD1 1 
ATOM   1445 C  CD2 . LEU D 1 36 ? 7.692   -11.086 -18.758 1.00 38.04  ? 36 LEU D CD2 1 
ATOM   1446 N  N   . ARG D 1 37 ? 10.020  -6.281  -19.392 1.00 41.83  ? 37 ARG D N   1 
ATOM   1447 C  CA  . ARG D 1 37 ? 10.123  -5.237  -20.404 1.00 41.83  ? 37 ARG D CA  1 
ATOM   1448 C  C   . ARG D 1 37 ? 11.495  -4.992  -21.004 1.00 41.83  ? 37 ARG D C   1 
ATOM   1449 O  O   . ARG D 1 37 ? 11.711  -3.992  -21.683 1.00 62.86  ? 37 ARG D O   1 
ATOM   1450 C  CB  . ARG D 1 37 ? 9.541   -3.924  -19.860 1.00 48.46  ? 37 ARG D CB  1 
ATOM   1451 C  CG  . ARG D 1 37 ? 8.018   -3.839  -19.959 1.00 48.46  ? 37 ARG D CG  1 
ATOM   1452 C  CD  . ARG D 1 37 ? 7.396   -3.182  -18.717 1.00 48.46  ? 37 ARG D CD  1 
ATOM   1453 N  NE  . ARG D 1 37 ? 6.089   -2.594  -19.010 1.00 48.46  ? 37 ARG D NE  1 
ATOM   1454 C  CZ  . ARG D 1 37 ? 5.904   -1.592  -19.868 1.00 48.46  ? 37 ARG D CZ  1 
ATOM   1455 N  NH1 . ARG D 1 37 ? 6.944   -1.070  -20.507 1.00 48.46  ? 37 ARG D NH1 1 
ATOM   1456 N  NH2 . ARG D 1 37 ? 4.687   -1.121  -20.109 1.00 48.46  ? 37 ARG D NH2 1 
ATOM   1457 N  N   . GLY D 1 38 ? 12.434  -5.890  -20.763 1.00 46.50  ? 38 GLY D N   1 
ATOM   1458 C  CA  . GLY D 1 38 ? 13.737  -5.707  -21.376 1.00 47.30  ? 38 GLY D CA  1 
ATOM   1459 C  C   . GLY D 1 38 ? 14.621  -4.550  -20.935 1.00 47.38  ? 38 GLY D C   1 
ATOM   1460 O  O   . GLY D 1 38 ? 14.155  -3.439  -20.646 1.00 47.10  ? 38 GLY D O   1 
ATOM   1461 N  N   . GLY D 1 39 ? 15.921  -4.855  -20.907 1.00 24.20  ? 39 GLY D N   1 
ATOM   1462 C  CA  . GLY D 1 39 ? 16.956  -3.919  -20.515 1.00 23.02  ? 39 GLY D CA  1 
ATOM   1463 C  C   . GLY D 1 39 ? 18.289  -4.643  -20.580 1.00 23.02  ? 39 GLY D C   1 
ATOM   1464 O  O   . GLY D 1 39 ? 18.333  -5.830  -20.941 1.00 22.57  ? 39 GLY D O   1 
ATOM   1465 N  N   . THR D 1 40 ? 19.364  -3.944  -20.207 1.00 29.73  ? 40 THR D N   1 
ATOM   1466 C  CA  . THR D 1 40 ? 20.722  -4.495  -20.225 1.00 31.39  ? 40 THR D CA  1 
ATOM   1467 C  C   . THR D 1 40 ? 21.014  -5.355  -19.008 1.00 31.63  ? 40 THR D C   1 
ATOM   1468 O  O   . THR D 1 40 ? 20.250  -5.368  -18.059 1.00 31.72  ? 40 THR D O   1 
ATOM   1469 C  CB  . THR D 1 40 ? 21.770  -3.382  -20.210 1.00 47.94  ? 40 THR D CB  1 
ATOM   1470 O  OG1 . THR D 1 40 ? 21.597  -2.595  -19.027 1.00 51.53  ? 40 THR D OG1 1 
ATOM   1471 C  CG2 . THR D 1 40 ? 21.638  -2.490  -21.431 1.00 50.52  ? 40 THR D CG2 1 
ATOM   1472 N  N   . GLN D 1 41 ? 22.139  -6.064  -19.038 1.00 47.88  ? 41 GLN D N   1 
ATOM   1473 C  CA  . GLN D 1 41 ? 22.560  -6.899  -17.919 1.00 48.74  ? 41 GLN D CA  1 
ATOM   1474 C  C   . GLN D 1 41 ? 22.638  -6.023  -16.670 1.00 47.82  ? 41 GLN D C   1 
ATOM   1475 O  O   . GLN D 1 41 ? 22.349  -6.468  -15.561 1.00 46.98  ? 41 GLN D O   1 
ATOM   1476 C  CB  . GLN D 1 41 ? 23.934  -7.517  -18.207 1.00 98.55  ? 41 GLN D CB  1 
ATOM   1477 C  CG  . GLN D 1 41 ? 23.884  -8.800  -19.012 1.00 101.35 ? 41 GLN D CG  1 
ATOM   1478 C  CD  . GLN D 1 41 ? 23.086  -9.883  -18.304 1.00 104.65 ? 41 GLN D CD  1 
ATOM   1479 O  OE1 . GLN D 1 41 ? 23.365  -10.216 -17.154 1.00 107.12 ? 41 GLN D OE1 1 
ATOM   1480 N  NE2 . GLN D 1 41 ? 22.088  -10.435 -18.985 1.00 104.67 ? 41 GLN D NE2 1 
ATOM   1481 N  N   . GLN D 1 42 ? 23.026  -4.770  -16.883 1.00 37.08  ? 42 GLN D N   1 
ATOM   1482 C  CA  . GLN D 1 42 ? 23.161  -3.778  -15.825 1.00 37.57  ? 42 GLN D CA  1 
ATOM   1483 C  C   . GLN D 1 42 ? 21.835  -3.530  -15.140 1.00 37.08  ? 42 GLN D C   1 
ATOM   1484 O  O   . GLN D 1 42 ? 21.732  -3.686  -13.925 1.00 38.07  ? 42 GLN D O   1 
ATOM   1485 C  CB  . GLN D 1 42 ? 23.687  -2.458  -16.402 1.00 72.17  ? 42 GLN D CB  1 
ATOM   1486 C  CG  . GLN D 1 42 ? 23.560  -1.250  -15.475 1.00 76.51  ? 42 GLN D CG  1 
ATOM   1487 C  CD  . GLN D 1 42 ? 24.650  -1.190  -14.420 1.00 79.99  ? 42 GLN D CD  1 
ATOM   1488 O  OE1 . GLN D 1 42 ? 24.905  -2.167  -13.714 1.00 82.54  ? 42 GLN D OE1 1 
ATOM   1489 N  NE2 . GLN D 1 42 ? 25.290  -0.033  -14.298 1.00 80.79  ? 42 GLN D NE2 1 
ATOM   1490 N  N   . GLN D 1 43 ? 20.830  -3.146  -15.927 1.00 47.14  ? 43 GLN D N   1 
ATOM   1491 C  CA  . GLN D 1 43 ? 19.487  -2.856  -15.414 1.00 46.13  ? 43 GLN D CA  1 
ATOM   1492 C  C   . GLN D 1 43 ? 18.864  -4.056  -14.715 1.00 45.59  ? 43 GLN D C   1 
ATOM   1493 O  O   . GLN D 1 43 ? 18.196  -3.902  -13.701 1.00 45.73  ? 43 GLN D O   1 
ATOM   1494 C  CB  . GLN D 1 43 ? 18.570  -2.406  -16.547 1.00 34.53  ? 43 GLN D CB  1 
ATOM   1495 C  CG  . GLN D 1 43 ? 19.163  -1.328  -17.430 1.00 36.47  ? 43 GLN D CG  1 
ATOM   1496 C  CD  . GLN D 1 43 ? 18.213  -0.867  -18.517 1.00 36.98  ? 43 GLN D CD  1 
ATOM   1497 O  OE1 . GLN D 1 43 ? 17.294  -0.090  -18.264 1.00 39.94  ? 43 GLN D OE1 1 
ATOM   1498 N  NE2 . GLN D 1 43 ? 18.424  -1.358  -19.737 1.00 36.82  ? 43 GLN D NE2 1 
ATOM   1499 N  N   . TYR D 1 44 ? 19.083  -5.247  -15.264 1.00 42.80  ? 44 TYR D N   1 
ATOM   1500 C  CA  . TYR D 1 44 ? 18.564  -6.480  -14.680 1.00 42.37  ? 44 TYR D CA  1 
ATOM   1501 C  C   . TYR D 1 44 ? 19.231  -6.858  -13.358 1.00 42.48  ? 44 TYR D C   1 
ATOM   1502 O  O   . TYR D 1 44 ? 18.594  -7.440  -12.478 1.00 42.67  ? 44 TYR D O   1 
ATOM   1503 C  CB  . TYR D 1 44 ? 18.722  -7.632  -15.662 1.00 42.02  ? 44 TYR D CB  1 
ATOM   1504 C  CG  . TYR D 1 44 ? 17.786  -7.557  -16.828 1.00 43.08  ? 44 TYR D CG  1 
ATOM   1505 C  CD1 . TYR D 1 44 ? 16.512  -7.018  -16.684 1.00 43.07  ? 44 TYR D CD1 1 
ATOM   1506 C  CD2 . TYR D 1 44 ? 18.126  -8.127  -18.054 1.00 43.60  ? 44 TYR D CD2 1 
ATOM   1507 C  CE1 . TYR D 1 44 ? 15.600  -7.064  -17.717 1.00 44.40  ? 44 TYR D CE1 1 
ATOM   1508 C  CE2 . TYR D 1 44 ? 17.209  -8.181  -19.105 1.00 43.43  ? 44 TYR D CE2 1 
ATOM   1509 C  CZ  . TYR D 1 44 ? 15.952  -7.653  -18.922 1.00 43.93  ? 44 TYR D CZ  1 
ATOM   1510 O  OH  . TYR D 1 44 ? 15.020  -7.750  -19.921 1.00 45.91  ? 44 TYR D OH  1 
ATOM   1511 N  N   . GLN D 1 45 ? 20.515  -6.552  -13.220 1.00 41.77  ? 45 GLN D N   1 
ATOM   1512 C  CA  . GLN D 1 45 ? 21.201  -6.856  -11.978 1.00 42.15  ? 45 GLN D CA  1 
ATOM   1513 C  C   . GLN D 1 45 ? 20.588  -5.971  -10.893 1.00 41.49  ? 45 GLN D C   1 
ATOM   1514 O  O   . GLN D 1 45 ? 20.192  -6.462  -9.842  1.00 41.08  ? 45 GLN D O   1 
ATOM   1515 C  CB  . GLN D 1 45 ? 22.695  -6.573  -12.101 1.00 63.72  ? 45 GLN D CB  1 
ATOM   1516 C  CG  . GLN D 1 45 ? 23.536  -7.192  -11.003 1.00 64.90  ? 45 GLN D CG  1 
ATOM   1517 C  CD  . GLN D 1 45 ? 25.029  -6.963  -11.206 1.00 67.97  ? 45 GLN D CD  1 
ATOM   1518 O  OE1 . GLN D 1 45 ? 25.860  -7.638  -10.601 1.00 68.81  ? 45 GLN D OE1 1 
ATOM   1519 N  NE2 . GLN D 1 45 ? 25.372  -6.000  -12.055 1.00 68.86  ? 45 GLN D NE2 1 
ATOM   1520 N  N   . GLN D 1 46 ? 20.486  -4.671  -11.158 1.00 37.48  ? 46 GLN D N   1 
ATOM   1521 C  CA  . GLN D 1 46 ? 19.913  -3.750  -10.184 1.00 38.43  ? 46 GLN D CA  1 
ATOM   1522 C  C   . GLN D 1 46 ? 18.516  -4.171  -9.701  1.00 37.36  ? 46 GLN D C   1 
ATOM   1523 O  O   . GLN D 1 46 ? 18.239  -4.143  -8.497  1.00 38.02  ? 46 GLN D O   1 
ATOM   1524 C  CB  . GLN D 1 46 ? 19.852  -2.336  -10.765 1.00 61.57  ? 46 GLN D CB  1 
ATOM   1525 C  CG  . GLN D 1 46 ? 21.208  -1.652  -10.921 1.00 65.14  ? 46 GLN D CG  1 
ATOM   1526 C  CD  . GLN D 1 46 ? 21.123  -0.362  -11.724 1.00 68.46  ? 46 GLN D CD  1 
ATOM   1527 O  OE1 . GLN D 1 46 ? 22.137  0.262   -12.022 1.00 71.71  ? 46 GLN D OE1 1 
ATOM   1528 N  NE2 . GLN D 1 46 ? 19.907  0.043   -12.077 1.00 70.87  ? 46 GLN D NE2 1 
ATOM   1529 N  N   . TRP D 1 47 ? 17.646  -4.558  -10.635 1.00 30.12  ? 47 TRP D N   1 
ATOM   1530 C  CA  . TRP D 1 47 ? 16.298  -4.985  -10.285 1.00 27.71  ? 47 TRP D CA  1 
ATOM   1531 C  C   . TRP D 1 47 ? 16.272  -6.315  -9.528  1.00 28.04  ? 47 TRP D C   1 
ATOM   1532 O  O   . TRP D 1 47 ? 15.350  -6.575  -8.747  1.00 26.56  ? 47 TRP D O   1 
ATOM   1533 C  CB  . TRP D 1 47 ? 15.423  -5.064  -11.530 1.00 23.09  ? 47 TRP D CB  1 
ATOM   1534 C  CG  . TRP D 1 47 ? 15.069  -3.711  -12.038 1.00 22.54  ? 47 TRP D CG  1 
ATOM   1535 C  CD1 . TRP D 1 47 ? 15.666  -3.022  -13.073 1.00 22.89  ? 47 TRP D CD1 1 
ATOM   1536 C  CD2 . TRP D 1 47 ? 14.111  -2.824  -11.474 1.00 22.77  ? 47 TRP D CD2 1 
ATOM   1537 N  NE1 . TRP D 1 47 ? 15.138  -1.760  -13.170 1.00 21.03  ? 47 TRP D NE1 1 
ATOM   1538 C  CE2 . TRP D 1 47 ? 14.180  -1.612  -12.197 1.00 21.92  ? 47 TRP D CE2 1 
ATOM   1539 C  CE3 . TRP D 1 47 ? 13.202  -2.928  -10.422 1.00 21.76  ? 47 TRP D CE3 1 
ATOM   1540 C  CZ2 . TRP D 1 47 ? 13.364  -0.517  -11.896 1.00 22.11  ? 47 TRP D CZ2 1 
ATOM   1541 C  CZ3 . TRP D 1 47 ? 12.396  -1.844  -10.132 1.00 23.64  ? 47 TRP D CZ3 1 
ATOM   1542 C  CH2 . TRP D 1 47 ? 12.483  -0.652  -10.861 1.00 22.29  ? 47 TRP D CH2 1 
ATOM   1543 N  N   . GLN D 1 48 ? 17.273  -7.163  -9.756  1.00 33.51  ? 48 GLN D N   1 
ATOM   1544 C  CA  . GLN D 1 48 ? 17.346  -8.421  -9.026  1.00 35.49  ? 48 GLN D CA  1 
ATOM   1545 C  C   . GLN D 1 48 ? 17.841  -8.074  -7.606  1.00 34.87  ? 48 GLN D C   1 
ATOM   1546 O  O   . GLN D 1 48 ? 17.459  -8.698  -6.611  1.00 34.76  ? 48 GLN D O   1 
ATOM   1547 C  CB  . GLN D 1 48 ? 18.321  -9.376  -9.702  1.00 50.06  ? 48 GLN D CB  1 
ATOM   1548 C  CG  . GLN D 1 48 ? 17.707  -10.698 -10.112 1.00 55.43  ? 48 GLN D CG  1 
ATOM   1549 C  CD  . GLN D 1 48 ? 16.975  -10.612 -11.430 1.00 59.42  ? 48 GLN D CD  1 
ATOM   1550 O  OE1 . GLN D 1 48 ? 17.531  -10.169 -12.433 1.00 60.10  ? 48 GLN D OE1 1 
ATOM   1551 N  NE2 . GLN D 1 48 ? 15.725  -11.044 -11.438 1.00 59.10  ? 48 GLN D NE2 1 
ATOM   1552 N  N   . GLN D 1 49 ? 18.700  -7.068  -7.531  1.00 32.34  ? 49 GLN D N   1 
ATOM   1553 C  CA  . GLN D 1 49 ? 19.228  -6.608  -6.268  1.00 31.89  ? 49 GLN D CA  1 
ATOM   1554 C  C   . GLN D 1 49 ? 18.014  -6.078  -5.486  1.00 29.49  ? 49 GLN D C   1 
ATOM   1555 O  O   . GLN D 1 49 ? 17.850  -6.360  -4.289  1.00 28.06  ? 49 GLN D O   1 
ATOM   1556 C  CB  . GLN D 1 49 ? 20.213  -5.487  -6.538  1.00 45.46  ? 49 GLN D CB  1 
ATOM   1557 C  CG  . GLN D 1 49 ? 21.511  -5.559  -5.764  1.00 50.98  ? 49 GLN D CG  1 
ATOM   1558 C  CD  . GLN D 1 49 ? 22.579  -4.653  -6.374  1.00 55.02  ? 49 GLN D CD  1 
ATOM   1559 O  OE1 . GLN D 1 49 ? 23.160  -4.975  -7.416  1.00 56.44  ? 49 GLN D OE1 1 
ATOM   1560 N  NE2 . GLN D 1 49 ? 22.829  -3.504  -5.734  1.00 57.18  ? 49 GLN D NE2 1 
ATOM   1561 N  N   . GLU D 1 50 ? 17.155  -5.321  -6.179  1.00 25.61  ? 50 GLU D N   1 
ATOM   1562 C  CA  . GLU D 1 50 ? 15.955  -4.758  -5.586  1.00 23.34  ? 50 GLU D CA  1 
ATOM   1563 C  C   . GLU D 1 50 ? 15.069  -5.831  -5.029  1.00 22.45  ? 50 GLU D C   1 
ATOM   1564 O  O   . GLU D 1 50 ? 14.660  -5.767  -3.872  1.00 22.25  ? 50 GLU D O   1 
ATOM   1565 C  CB  . GLU D 1 50 ? 15.152  -3.984  -6.608  1.00 28.15  ? 50 GLU D CB  1 
ATOM   1566 C  CG  . GLU D 1 50 ? 13.825  -3.500  -6.035  1.00 32.42  ? 50 GLU D CG  1 
ATOM   1567 C  CD  . GLU D 1 50 ? 13.987  -2.397  -5.001  1.00 31.74  ? 50 GLU D CD  1 
ATOM   1568 O  OE1 . GLU D 1 50 ? 14.499  -1.338  -5.378  1.00 33.53  ? 50 GLU D OE1 1 
ATOM   1569 O  OE2 . GLU D 1 50 ? 13.608  -2.577  -3.828  1.00 30.29  ? 50 GLU D OE2 1 
ATOM   1570 N  N   . ALA D 1 51 ? 14.753  -6.812  -5.868  1.00 31.28  ? 51 ALA D N   1 
ATOM   1571 C  CA  . ALA D 1 51 ? 13.904  -7.920  -5.457  1.00 29.04  ? 51 ALA D CA  1 
ATOM   1572 C  C   . ALA D 1 51 ? 14.487  -8.606  -4.233  1.00 29.21  ? 51 ALA D C   1 
ATOM   1573 O  O   . ALA D 1 51 ? 13.751  -9.096  -3.377  1.00 27.22  ? 51 ALA D O   1 
ATOM   1574 C  CB  . ALA D 1 51 ? 13.759  -8.926  -6.584  1.00 21.00  ? 51 ALA D CB  1 
ATOM   1575 N  N   . ASP D 1 52 ? 15.808  -8.639  -4.139  1.00 24.77  ? 52 ASP D N   1 
ATOM   1576 C  CA  . ASP D 1 52 ? 16.416  -9.292  -3.013  1.00 26.61  ? 52 ASP D CA  1 
ATOM   1577 C  C   . ASP D 1 52 ? 16.177  -8.576  -1.694  1.00 27.25  ? 52 ASP D C   1 
ATOM   1578 O  O   . ASP D 1 52 ? 15.958  -9.225  -0.656  1.00 26.92  ? 52 ASP D O   1 
ATOM   1579 C  CB  . ASP D 1 52 ? 17.901  -9.502  -3.271  1.00 37.96  ? 52 ASP D CB  1 
ATOM   1580 C  CG  . ASP D 1 52 ? 18.158  -10.747 -4.098  1.00 42.99  ? 52 ASP D CG  1 
ATOM   1581 O  OD1 . ASP D 1 52 ? 17.561  -11.801 -3.767  1.00 45.26  ? 52 ASP D OD1 1 
ATOM   1582 O  OD2 . ASP D 1 52 ? 18.940  -10.681 -5.069  1.00 44.02  ? 52 ASP D OD2 1 
ATOM   1583 N  N   . ALA D 1 53 ? 16.211  -7.247  -1.717  1.00 39.68  ? 53 ALA D N   1 
ATOM   1584 C  CA  . ALA D 1 53 ? 15.960  -6.507  -0.493  1.00 37.04  ? 53 ALA D CA  1 
ATOM   1585 C  C   . ALA D 1 53 ? 14.549  -6.876  -0.091  1.00 37.69  ? 53 ALA D C   1 
ATOM   1586 O  O   . ALA D 1 53 ? 14.311  -7.363  1.011   1.00 40.59  ? 53 ALA D O   1 
ATOM   1587 C  CB  . ALA D 1 53 ? 16.054  -5.030  -0.737  1.00 31.67  ? 53 ALA D CB  1 
ATOM   1588 N  N   . ILE D 1 54 ? 13.613  -6.669  -1.010  1.00 18.89  ? 54 ILE D N   1 
ATOM   1589 C  CA  . ILE D 1 54 ? 12.223  -6.986  -0.736  1.00 19.63  ? 54 ILE D CA  1 
ATOM   1590 C  C   . ILE D 1 54 ? 12.072  -8.406  -0.182  1.00 21.02  ? 54 ILE D C   1 
ATOM   1591 O  O   . ILE D 1 54 ? 11.181  -8.673  0.629   1.00 17.84  ? 54 ILE D O   1 
ATOM   1592 C  CB  . ILE D 1 54 ? 11.375  -6.848  -2.004  1.00 17.77  ? 54 ILE D CB  1 
ATOM   1593 C  CG1 . ILE D 1 54 ? 11.470  -5.419  -2.523  1.00 15.02  ? 54 ILE D CG1 1 
ATOM   1594 C  CG2 . ILE D 1 54 ? 9.937   -7.203  -1.710  1.00 15.90  ? 54 ILE D CG2 1 
ATOM   1595 C  CD1 . ILE D 1 54 ? 10.688  -5.162  -3.786  1.00 14.94  ? 54 ILE D CD1 1 
ATOM   1596 N  N   . GLU D 1 55 ? 12.956  -9.306  -0.620  1.00 33.56  ? 55 GLU D N   1 
ATOM   1597 C  CA  . GLU D 1 55 ? 12.921  -10.697 -0.176  1.00 35.16  ? 55 GLU D CA  1 
ATOM   1598 C  C   . GLU D 1 55 ? 13.524  -10.850 1.203   1.00 34.92  ? 55 GLU D C   1 
ATOM   1599 O  O   . GLU D 1 55 ? 13.128  -11.724 1.971   1.00 33.78  ? 55 GLU D O   1 
ATOM   1600 C  CB  . GLU D 1 55 ? 13.620  -11.598 -1.190  1.00 35.15  ? 55 GLU D CB  1 
ATOM   1601 C  CG  . GLU D 1 55 ? 12.655  -12.130 -2.241  1.00 38.21  ? 55 GLU D CG  1 
ATOM   1602 C  CD  . GLU D 1 55 ? 13.347  -12.779 -3.421  1.00 41.96  ? 55 GLU D CD  1 
ATOM   1603 O  OE1 . GLU D 1 55 ? 14.009  -12.057 -4.189  1.00 43.40  ? 55 GLU D OE1 1 
ATOM   1604 O  OE2 . GLU D 1 55 ? 13.230  -14.014 -3.584  1.00 44.81  ? 55 GLU D OE2 1 
ATOM   1605 N  N   . ALA D 1 56 ? 14.485  -9.994  1.515   1.00 23.71  ? 56 ALA D N   1 
ATOM   1606 C  CA  . ALA D 1 56 ? 15.076  -10.003 2.838   1.00 23.29  ? 56 ALA D CA  1 
ATOM   1607 C  C   . ALA D 1 56 ? 13.935  -9.508  3.727   1.00 24.40  ? 56 ALA D C   1 
ATOM   1608 O  O   . ALA D 1 56 ? 13.744  -9.970  4.862   1.00 23.46  ? 56 ALA D O   1 
ATOM   1609 C  CB  . ALA D 1 56 ? 16.242  -9.028  2.902   1.00 2.14   ? 56 ALA D CB  1 
ATOM   1610 N  N   . GLY D 1 57 ? 13.176  -8.558  3.181   1.00 18.28  ? 57 GLY D N   1 
ATOM   1611 C  CA  . GLY D 1 57 ? 12.055  -8.007  3.904   1.00 20.91  ? 57 GLY D CA  1 
ATOM   1612 C  C   . GLY D 1 57 ? 11.057  -9.087  4.245   1.00 23.70  ? 57 GLY D C   1 
ATOM   1613 O  O   . GLY D 1 57 ? 10.651  -9.219  5.398   1.00 23.46  ? 57 GLY D O   1 
HETATM 1614 N  N   . MSE D 1 58 ? 10.670  -9.866  3.240   1.00 28.13  ? 58 MSE D N   1 
HETATM 1615 C  CA  . MSE D 1 58 ? 9.728   -10.956 3.437   1.00 28.13  ? 58 MSE D CA  1 
HETATM 1616 C  C   . MSE D 1 58 ? 10.278  -12.024 4.384   1.00 28.13  ? 58 MSE D C   1 
HETATM 1617 O  O   . MSE D 1 58 ? 9.527   -12.619 5.144   1.00 42.46  ? 58 MSE D O   1 
HETATM 1618 C  CB  . MSE D 1 58 ? 9.350   -11.573 2.088   1.00 69.94  ? 58 MSE D CB  1 
HETATM 1619 C  CG  . MSE D 1 58 ? 8.336   -10.755 1.310   1.00 69.94  ? 58 MSE D CG  1 
HETATM 1620 SE SE  . MSE D 1 58 ? 8.002   -11.388 -0.494  1.00 69.94  ? 58 MSE D SE  1 
HETATM 1621 C  CE  . MSE D 1 58 ? 7.444   -9.719  -1.296  1.00 69.94  ? 58 MSE D CE  1 
ATOM   1622 N  N   . ASN D 1 59 ? 11.580  -12.266 4.353   1.00 39.72  ? 59 ASN D N   1 
ATOM   1623 C  CA  . ASN D 1 59 ? 12.152  -13.265 5.242   1.00 41.51  ? 59 ASN D CA  1 
ATOM   1624 C  C   . ASN D 1 59 ? 11.973  -12.895 6.700   1.00 40.58  ? 59 ASN D C   1 
ATOM   1625 O  O   . ASN D 1 59 ? 11.520  -13.720 7.498   1.00 39.72  ? 59 ASN D O   1 
ATOM   1626 C  CB  . ASN D 1 59 ? 13.646  -13.463 4.989   1.00 66.30  ? 59 ASN D CB  1 
ATOM   1627 C  CG  . ASN D 1 59 ? 13.925  -14.481 3.911   1.00 70.01  ? 59 ASN D CG  1 
ATOM   1628 O  OD1 . ASN D 1 59 ? 13.782  -14.202 2.721   1.00 74.24  ? 59 ASN D OD1 1 
ATOM   1629 N  ND2 . ASN D 1 59 ? 14.315  -15.683 4.323   1.00 69.62  ? 59 ASN D ND2 1 
ATOM   1630 N  N   . ILE D 1 60 ? 12.316  -11.661 7.060   1.00 35.78  ? 60 ILE D N   1 
ATOM   1631 C  CA  . ILE D 1 60 ? 12.196  -11.254 8.455   1.00 35.78  ? 60 ILE D CA  1 
ATOM   1632 C  C   . ILE D 1 60 ? 10.762  -11.310 8.978   1.00 35.78  ? 60 ILE D C   1 
ATOM   1633 O  O   . ILE D 1 60 ? 10.524  -11.831 10.067  1.00 50.01  ? 60 ILE D O   1 
ATOM   1634 C  CB  . ILE D 1 60 ? 12.781  -9.852  8.678   1.00 25.95  ? 60 ILE D CB  1 
ATOM   1635 C  CG1 . ILE D 1 60 ? 14.155  -9.744  7.996   1.00 25.95  ? 60 ILE D CG1 1 
ATOM   1636 C  CG2 . ILE D 1 60 ? 12.945  -9.596  10.185  1.00 25.95  ? 60 ILE D CG2 1 
ATOM   1637 C  CD1 . ILE D 1 60 ? 14.924  -8.492  8.339   1.00 25.95  ? 60 ILE D CD1 1 
ATOM   1638 N  N   . ILE D 1 61 ? 9.811   -10.796 8.196   1.00 33.11  ? 61 ILE D N   1 
ATOM   1639 C  CA  . ILE D 1 61 ? 8.390   -10.793 8.572   1.00 33.11  ? 61 ILE D CA  1 
ATOM   1640 C  C   . ILE D 1 61 ? 7.859   -12.209 8.857   1.00 33.11  ? 61 ILE D C   1 
ATOM   1641 O  O   . ILE D 1 61 ? 6.776   -12.391 9.413   1.00 48.15  ? 61 ILE D O   1 
ATOM   1642 C  CB  . ILE D 1 61 ? 7.536   -10.111 7.467   1.00 54.73  ? 61 ILE D CB  1 
ATOM   1643 C  CG1 . ILE D 1 61 ? 7.753   -8.605  7.510   1.00 54.73  ? 61 ILE D CG1 1 
ATOM   1644 C  CG2 . ILE D 1 61 ? 6.066   -10.363 7.687   1.00 54.73  ? 61 ILE D CG2 1 
ATOM   1645 C  CD1 . ILE D 1 61 ? 7.280   -7.988  8.802   1.00 54.73  ? 61 ILE D CD1 1 
ATOM   1646 N  N   . GLU D 1 62 ? 8.627   -13.216 8.467   1.00 61.41  ? 62 GLU D N   1 
ATOM   1647 C  CA  . GLU D 1 62 ? 8.250   -14.598 8.729   1.00 61.41  ? 62 GLU D CA  1 
ATOM   1648 C  C   . GLU D 1 62 ? 8.845   -14.926 10.090  1.00 61.41  ? 62 GLU D C   1 
ATOM   1649 O  O   . GLU D 1 62 ? 8.144   -15.347 11.010  1.00 84.86  ? 62 GLU D O   1 
ATOM   1650 C  CB  . GLU D 1 62 ? 8.842   -15.513 7.664   1.00 60.23  ? 62 GLU D CB  1 
ATOM   1651 C  CG  . GLU D 1 62 ? 8.251   -15.299 6.283   1.00 60.23  ? 62 GLU D CG  1 
ATOM   1652 C  CD  . GLU D 1 62 ? 6.758   -15.544 6.265   1.00 60.23  ? 62 GLU D CD  1 
ATOM   1653 O  OE1 . GLU D 1 62 ? 6.338   -16.594 6.796   1.00 60.23  ? 62 GLU D OE1 1 
ATOM   1654 O  OE2 . GLU D 1 62 ? 6.009   -14.702 5.720   1.00 60.23  ? 62 GLU D OE2 1 
ATOM   1655 N  N   . LYS D 1 63 ? 10.154  -14.708 10.196  1.00 42.06  ? 63 LYS D N   1 
ATOM   1656 C  CA  . LYS D 1 63 ? 10.910  -14.928 11.422  1.00 42.06  ? 63 LYS D CA  1 
ATOM   1657 C  C   . LYS D 1 63 ? 10.180  -14.243 12.573  1.00 42.06  ? 63 LYS D C   1 
ATOM   1658 O  O   . LYS D 1 63 ? 10.293  -14.649 13.723  1.00 72.45  ? 63 LYS D O   1 
ATOM   1659 C  CB  . LYS D 1 63 ? 12.327  -14.356 11.258  1.00 73.12  ? 63 LYS D CB  1 
ATOM   1660 C  CG  . LYS D 1 63 ? 13.076  -14.032 12.549  1.00 73.12  ? 63 LYS D CG  1 
ATOM   1661 C  CD  . LYS D 1 63 ? 13.387  -15.270 13.391  1.00 73.12  ? 63 LYS D CD  1 
ATOM   1662 C  CE  . LYS D 1 63 ? 14.158  -14.894 14.655  1.00 73.12  ? 63 LYS D CE  1 
ATOM   1663 N  NZ  . LYS D 1 63 ? 14.468  -16.069 15.511  1.00 73.12  ? 63 LYS D NZ  1 
ATOM   1664 N  N   . ILE D 1 64 ? 9.426   -13.202 12.250  1.00 46.43  ? 64 ILE D N   1 
ATOM   1665 C  CA  . ILE D 1 64 ? 8.678   -12.485 13.262  1.00 47.78  ? 64 ILE D CA  1 
ATOM   1666 C  C   . ILE D 1 64 ? 7.467   -13.320 13.657  1.00 49.12  ? 64 ILE D C   1 
ATOM   1667 O  O   . ILE D 1 64 ? 7.357   -13.774 14.795  1.00 50.40  ? 64 ILE D O   1 
ATOM   1668 C  CB  . ILE D 1 64 ? 8.202   -11.098 12.735  1.00 43.14  ? 64 ILE D CB  1 
ATOM   1669 C  CG1 . ILE D 1 64 ? 9.383   -10.132 12.678  1.00 42.86  ? 64 ILE D CG1 1 
ATOM   1670 C  CG2 . ILE D 1 64 ? 7.099   -10.525 13.623  1.00 42.97  ? 64 ILE D CG2 1 
ATOM   1671 C  CD1 . ILE D 1 64 ? 9.039   -8.818  12.070  1.00 43.23  ? 64 ILE D CD1 1 
ATOM   1672 N  N   . LYS D 1 65 ? 6.579   -13.524 12.690  1.00 45.78  ? 65 LYS D N   1 
ATOM   1673 C  CA  . LYS D 1 65 ? 5.332   -14.277 12.860  1.00 48.08  ? 65 LYS D CA  1 
ATOM   1674 C  C   . LYS D 1 65 ? 5.492   -15.749 13.279  1.00 48.42  ? 65 LYS D C   1 
ATOM   1675 O  O   . LYS D 1 65 ? 6.639   -16.247 13.417  1.00 49.50  ? 65 LYS D O   1 
ATOM   1676 C  CB  . LYS D 1 65 ? 4.536   -14.192 11.554  1.00 73.03  ? 65 LYS D CB  1 
ATOM   1677 C  CG  . LYS D 1 65 ? 3.069   -14.559 11.654  1.00 73.95  ? 65 LYS D CG  1 
ATOM   1678 C  CD  . LYS D 1 65 ? 2.395   -14.521 10.269  1.00 75.85  ? 65 LYS D CD  1 
ATOM   1679 C  CE  . LYS D 1 65 ? 2.444   -13.121 9.629   1.00 76.80  ? 65 LYS D CE  1 
ATOM   1680 N  NZ  . LYS D 1 65 ? 1.917   -13.095 8.226   1.00 76.10  ? 65 LYS D NZ  1 
# 
